data_3WCF
#
_entry.id   3WCF
#
_cell.length_a   85.180
_cell.length_b   153.190
_cell.length_c   90.110
_cell.angle_alpha   90.00
_cell.angle_beta   92.37
_cell.angle_gamma   90.00
#
_symmetry.space_group_name_H-M   'P 1 21 1'
#
loop_
_entity.id
_entity.type
_entity.pdbx_description
1 polymer 'Squalene synthase'
2 non-polymer 'hydrogen [(1S)-2-(3-decyl-1H-imidazol-3-ium-1-yl)-1-phosphonoethyl]phosphonate'
3 water water
#
_entity_poly.entity_id   1
_entity_poly.type   'polypeptide(L)'
_entity_poly.pdbx_seq_one_letter_code
;MGSSHHHHHHSSGLVPRGSHMDQDSLSSSLKTCYKYLNQTSRSFAAVIQALDGEMRNAVCIFYLVLRALDTLEDDMTISV
EKKVPLLHNFHSFLYQPDWRFMESKEKDRQVLEDFPTISLEFRNLAEKYQTVIADICRRMGIGMAEFLDKHVTSEQEWDK
YCHYVAGLVGIGLSRLFSASEFEDPLVGEDTERANSMGLFLQKTNIIRDYLEDQQGGREFWPQEVWSRYVKKLGDFALPE
NIDLAVQCLNELITNALHHIPDVITYLSRLRNQSVFNFCAIPQVMAIATLAACYNNQQVFKGAVLIRLGQAVTLMMDATN
MPAVKAIIYQYMEEIYHRIPDSNPSSSKTRQIISTIRTQN
;
_entity_poly.pdbx_strand_id   A,B,C,D,E,F
#
loop_
_chem_comp.id
_chem_comp.type
_chem_comp.name
_chem_comp.formula
BH8 non-polymer 'hydrogen [(1S)-2-(3-decyl-1H-imidazol-3-ium-1-yl)-1-phosphonoethyl]phosphonate' 'C15 H30 N2 O6 P2'
#
# COMPACT_ATOMS: atom_id res chain seq x y z
N LEU A 26 -24.41 -17.84 16.77
CA LEU A 26 -25.75 -17.34 17.18
C LEU A 26 -26.85 -18.09 16.43
N SER A 27 -27.32 -17.51 15.32
CA SER A 27 -28.37 -18.12 14.52
C SER A 27 -28.17 -19.63 14.35
N SER A 28 -29.20 -20.39 14.66
CA SER A 28 -29.11 -21.83 14.53
C SER A 28 -29.15 -22.23 13.06
N SER A 29 -29.86 -21.46 12.25
CA SER A 29 -29.94 -21.75 10.82
C SER A 29 -28.60 -21.45 10.16
N LEU A 30 -27.93 -20.38 10.58
CA LEU A 30 -26.64 -20.05 10.01
C LEU A 30 -25.64 -21.14 10.38
N LYS A 31 -25.78 -21.68 11.59
CA LYS A 31 -24.91 -22.75 12.05
C LYS A 31 -25.09 -23.94 11.13
N THR A 32 -26.35 -24.30 10.88
CA THR A 32 -26.66 -25.41 10.02
C THR A 32 -26.02 -25.24 8.64
N CYS A 33 -26.07 -24.01 8.11
CA CYS A 33 -25.49 -23.73 6.81
C CYS A 33 -24.00 -24.02 6.76
N TYR A 34 -23.28 -23.59 7.80
CA TYR A 34 -21.85 -23.83 7.85
C TYR A 34 -21.58 -25.33 8.02
N LYS A 35 -22.52 -26.02 8.67
CA LYS A 35 -22.37 -27.46 8.84
C LYS A 35 -22.46 -28.07 7.43
N TYR A 36 -23.48 -27.64 6.67
CA TYR A 36 -23.65 -28.15 5.31
C TYR A 36 -22.44 -27.78 4.46
N LEU A 37 -21.97 -26.55 4.61
CA LEU A 37 -20.81 -26.09 3.83
C LEU A 37 -19.64 -27.05 3.98
N ASN A 38 -19.39 -27.50 5.22
CA ASN A 38 -18.29 -28.43 5.49
C ASN A 38 -18.57 -29.87 5.05
N GLN A 39 -19.85 -30.22 4.99
CA GLN A 39 -20.25 -31.56 4.55
C GLN A 39 -20.10 -31.70 3.05
N THR A 40 -20.38 -30.62 2.32
CA THR A 40 -20.33 -30.63 0.87
C THR A 40 -19.08 -30.05 0.21
N SER A 41 -18.23 -29.40 0.99
CA SER A 41 -17.02 -28.81 0.44
C SER A 41 -15.73 -29.19 1.16
N ARG A 42 -15.03 -30.18 0.61
CA ARG A 42 -13.78 -30.64 1.18
C ARG A 42 -12.71 -29.58 0.96
N SER A 43 -12.67 -29.02 -0.25
CA SER A 43 -11.65 -28.06 -0.64
C SER A 43 -11.94 -26.55 -0.70
N PHE A 44 -13.03 -26.09 -0.09
CA PHE A 44 -13.32 -24.65 -0.12
C PHE A 44 -13.77 -24.10 1.23
N ALA A 45 -14.33 -24.97 2.07
CA ALA A 45 -14.85 -24.56 3.37
C ALA A 45 -13.91 -23.69 4.20
N ALA A 46 -12.70 -24.18 4.43
CA ALA A 46 -11.70 -23.46 5.22
C ALA A 46 -11.40 -22.05 4.69
N VAL A 47 -11.10 -21.92 3.39
CA VAL A 47 -10.81 -20.60 2.84
C VAL A 47 -12.05 -19.71 2.79
N ILE A 48 -13.23 -20.33 2.66
CA ILE A 48 -14.46 -19.56 2.65
C ILE A 48 -14.70 -18.97 4.04
N GLN A 49 -14.52 -19.79 5.06
CA GLN A 49 -14.70 -19.34 6.44
C GLN A 49 -13.65 -18.32 6.89
N ALA A 50 -12.54 -18.27 6.15
CA ALA A 50 -11.46 -17.33 6.46
C ALA A 50 -11.66 -15.98 5.77
N LEU A 51 -12.75 -15.83 5.03
CA LEU A 51 -13.02 -14.57 4.33
C LEU A 51 -13.42 -13.43 5.29
N ASP A 52 -12.96 -12.22 5.00
CA ASP A 52 -13.27 -11.07 5.85
C ASP A 52 -14.73 -10.62 5.86
N GLY A 53 -15.16 -10.14 7.02
CA GLY A 53 -16.51 -9.64 7.21
C GLY A 53 -17.70 -10.27 6.51
N GLU A 54 -18.48 -9.44 5.81
CA GLU A 54 -19.71 -9.88 5.13
C GLU A 54 -19.53 -10.89 4.01
N MET A 55 -18.32 -10.99 3.47
CA MET A 55 -18.08 -11.93 2.39
C MET A 55 -18.24 -13.37 2.86
N ARG A 56 -17.86 -13.62 4.12
CA ARG A 56 -17.94 -14.96 4.71
C ARG A 56 -19.32 -15.59 4.47
N ASN A 57 -20.34 -15.02 5.07
CA ASN A 57 -21.70 -15.54 4.92
C ASN A 57 -22.19 -15.50 3.49
N ALA A 58 -21.90 -14.41 2.77
CA ALA A 58 -22.35 -14.29 1.39
C ALA A 58 -21.82 -15.43 0.51
N VAL A 59 -20.52 -15.70 0.61
CA VAL A 59 -19.93 -16.77 -0.18
C VAL A 59 -20.34 -18.16 0.30
N CYS A 60 -20.57 -18.29 1.60
CA CYS A 60 -21.00 -19.57 2.17
C CYS A 60 -22.37 -19.91 1.58
N ILE A 61 -23.28 -18.94 1.61
CA ILE A 61 -24.63 -19.14 1.07
C ILE A 61 -24.59 -19.39 -0.43
N PHE A 62 -23.71 -18.68 -1.13
CA PHE A 62 -23.59 -18.85 -2.57
C PHE A 62 -23.15 -20.27 -2.88
N TYR A 63 -22.21 -20.77 -2.09
CA TYR A 63 -21.71 -22.12 -2.31
C TYR A 63 -22.83 -23.14 -2.13
N LEU A 64 -23.62 -22.98 -1.08
CA LEU A 64 -24.70 -23.92 -0.80
C LEU A 64 -25.81 -23.97 -1.84
N VAL A 65 -26.26 -22.82 -2.35
CA VAL A 65 -27.33 -22.84 -3.34
C VAL A 65 -26.80 -23.39 -4.65
N LEU A 66 -25.53 -23.09 -4.95
CA LEU A 66 -24.92 -23.60 -6.17
C LEU A 66 -24.79 -25.11 -6.02
N ARG A 67 -24.47 -25.56 -4.82
CA ARG A 67 -24.36 -26.97 -4.52
C ARG A 67 -25.71 -27.64 -4.81
N ALA A 68 -26.80 -26.99 -4.38
CA ALA A 68 -28.13 -27.52 -4.58
C ALA A 68 -28.51 -27.58 -6.06
N LEU A 69 -28.19 -26.52 -6.80
CA LEU A 69 -28.49 -26.47 -8.23
C LEU A 69 -27.70 -27.54 -8.97
N ASP A 70 -26.45 -27.74 -8.57
CA ASP A 70 -25.61 -28.73 -9.21
C ASP A 70 -26.09 -30.16 -8.94
N THR A 71 -26.60 -30.39 -7.74
CA THR A 71 -27.10 -31.71 -7.36
C THR A 71 -28.32 -32.05 -8.22
N LEU A 72 -29.18 -31.06 -8.43
CA LEU A 72 -30.35 -31.26 -9.25
C LEU A 72 -29.91 -31.64 -10.67
N GLU A 73 -28.91 -30.95 -11.18
CA GLU A 73 -28.42 -31.25 -12.52
C GLU A 73 -27.83 -32.65 -12.63
N ASP A 74 -27.14 -33.09 -11.58
CA ASP A 74 -26.53 -34.42 -11.57
C ASP A 74 -27.50 -35.59 -11.44
N ASP A 75 -28.59 -35.39 -10.71
CA ASP A 75 -29.55 -36.45 -10.49
C ASP A 75 -30.23 -36.98 -11.75
N MET A 76 -29.77 -38.13 -12.22
CA MET A 76 -30.32 -38.74 -13.42
C MET A 76 -31.63 -39.48 -13.16
N THR A 77 -32.07 -39.49 -11.91
CA THR A 77 -33.32 -40.16 -11.56
C THR A 77 -34.45 -39.17 -11.79
N ILE A 78 -34.08 -37.94 -12.12
CA ILE A 78 -35.06 -36.89 -12.40
C ILE A 78 -35.10 -36.79 -13.91
N SER A 79 -36.25 -37.07 -14.51
CA SER A 79 -36.38 -37.00 -15.96
C SER A 79 -36.01 -35.60 -16.44
N VAL A 80 -35.62 -35.49 -17.71
CA VAL A 80 -35.25 -34.21 -18.32
C VAL A 80 -36.41 -33.22 -18.28
N GLU A 81 -37.62 -33.70 -18.57
CA GLU A 81 -38.78 -32.80 -18.58
C GLU A 81 -39.14 -32.29 -17.19
N LYS A 82 -38.73 -33.02 -16.17
CA LYS A 82 -38.99 -32.61 -14.79
C LYS A 82 -37.83 -31.74 -14.32
N LYS A 83 -36.64 -31.99 -14.88
CA LYS A 83 -35.45 -31.25 -14.51
C LYS A 83 -35.36 -29.84 -15.12
N VAL A 84 -35.79 -29.66 -16.36
CA VAL A 84 -35.70 -28.35 -16.99
C VAL A 84 -36.35 -27.24 -16.18
N PRO A 85 -37.59 -27.44 -15.73
CA PRO A 85 -38.26 -26.41 -14.95
C PRO A 85 -37.54 -26.16 -13.61
N LEU A 86 -37.06 -27.23 -12.98
CA LEU A 86 -36.35 -27.09 -11.71
C LEU A 86 -35.14 -26.19 -11.90
N LEU A 87 -34.41 -26.41 -12.99
CA LEU A 87 -33.22 -25.63 -13.26
C LEU A 87 -33.57 -24.21 -13.69
N HIS A 88 -34.62 -24.08 -14.49
CA HIS A 88 -35.05 -22.76 -14.96
C HIS A 88 -35.56 -21.90 -13.82
N ASN A 89 -36.35 -22.49 -12.93
CA ASN A 89 -36.95 -21.74 -11.83
C ASN A 89 -36.22 -21.77 -10.48
N PHE A 90 -35.06 -22.42 -10.42
CA PHE A 90 -34.31 -22.49 -9.17
C PHE A 90 -34.08 -21.13 -8.51
N HIS A 91 -33.73 -20.13 -9.32
CA HIS A 91 -33.47 -18.80 -8.76
C HIS A 91 -34.68 -18.26 -8.00
N SER A 92 -35.89 -18.61 -8.45
CA SER A 92 -37.09 -18.13 -7.78
C SER A 92 -37.33 -18.88 -6.48
N PHE A 93 -36.85 -20.12 -6.39
CA PHE A 93 -37.04 -20.89 -5.17
C PHE A 93 -36.36 -20.21 -3.99
N LEU A 94 -35.31 -19.43 -4.29
CA LEU A 94 -34.59 -18.71 -3.25
C LEU A 94 -35.54 -17.81 -2.48
N TYR A 95 -36.65 -17.44 -3.12
CA TYR A 95 -37.64 -16.57 -2.50
C TYR A 95 -38.91 -17.28 -2.06
N GLN A 96 -38.89 -18.61 -2.09
CA GLN A 96 -40.04 -19.41 -1.66
C GLN A 96 -39.60 -20.10 -0.36
N PRO A 97 -39.88 -19.48 0.79
CA PRO A 97 -39.53 -19.95 2.13
C PRO A 97 -39.74 -21.43 2.42
N ASP A 98 -40.76 -22.01 1.83
CA ASP A 98 -41.06 -23.42 2.06
C ASP A 98 -40.58 -24.38 0.98
N TRP A 99 -40.05 -23.86 -0.12
CA TRP A 99 -39.58 -24.75 -1.19
C TRP A 99 -38.47 -25.67 -0.74
N ARG A 100 -38.52 -26.90 -1.25
CA ARG A 100 -37.51 -27.90 -0.96
C ARG A 100 -37.75 -29.03 -1.95
N PHE A 101 -36.80 -29.96 -2.05
CA PHE A 101 -36.92 -31.08 -2.97
C PHE A 101 -36.60 -32.35 -2.19
N MET A 102 -37.54 -33.27 -2.14
CA MET A 102 -37.35 -34.51 -1.38
C MET A 102 -37.08 -35.77 -2.19
N GLU A 103 -37.08 -35.67 -3.52
CA GLU A 103 -36.85 -36.86 -4.34
C GLU A 103 -35.46 -37.06 -4.90
N SER A 104 -34.46 -36.37 -4.37
CA SER A 104 -33.10 -36.56 -4.87
C SER A 104 -32.49 -37.81 -4.25
N LYS A 105 -31.66 -38.51 -5.01
CA LYS A 105 -31.00 -39.71 -4.52
C LYS A 105 -29.49 -39.48 -4.54
N GLU A 106 -29.10 -38.24 -4.83
CA GLU A 106 -27.69 -37.87 -4.87
C GLU A 106 -27.13 -37.79 -3.46
N LYS A 107 -25.81 -37.82 -3.34
CA LYS A 107 -25.16 -37.79 -2.03
C LYS A 107 -25.24 -36.47 -1.25
N ASP A 108 -25.34 -35.35 -1.94
CA ASP A 108 -25.43 -34.04 -1.26
C ASP A 108 -26.88 -33.57 -1.13
N ARG A 109 -27.82 -34.49 -1.29
CA ARG A 109 -29.25 -34.20 -1.23
C ARG A 109 -29.76 -33.36 -0.06
N GLN A 110 -29.08 -33.40 1.08
CA GLN A 110 -29.56 -32.64 2.23
C GLN A 110 -29.71 -31.14 2.03
N VAL A 111 -28.91 -30.53 1.16
CA VAL A 111 -29.06 -29.09 0.95
C VAL A 111 -30.34 -28.85 0.18
N LEU A 112 -30.83 -29.89 -0.48
CA LEU A 112 -32.07 -29.79 -1.22
C LEU A 112 -33.25 -30.06 -0.29
N GLU A 113 -33.08 -31.04 0.59
CA GLU A 113 -34.12 -31.41 1.53
C GLU A 113 -34.32 -30.38 2.64
N ASP A 114 -33.26 -29.66 2.98
CA ASP A 114 -33.36 -28.62 4.01
C ASP A 114 -33.07 -27.26 3.37
N PHE A 115 -33.48 -27.10 2.12
CA PHE A 115 -33.26 -25.84 1.42
C PHE A 115 -33.88 -24.64 2.13
N PRO A 116 -35.01 -24.84 2.84
CA PRO A 116 -35.60 -23.70 3.53
C PRO A 116 -34.65 -23.01 4.51
N THR A 117 -33.80 -23.80 5.16
CA THR A 117 -32.84 -23.23 6.09
C THR A 117 -31.83 -22.38 5.32
N ILE A 118 -31.47 -22.84 4.13
CA ILE A 118 -30.52 -22.13 3.28
C ILE A 118 -31.09 -20.87 2.66
N SER A 119 -32.29 -20.96 2.09
CA SER A 119 -32.91 -19.80 1.47
C SER A 119 -33.19 -18.75 2.54
N LEU A 120 -33.45 -19.21 3.76
CA LEU A 120 -33.70 -18.32 4.88
C LEU A 120 -32.49 -17.42 5.11
N GLU A 121 -31.32 -18.02 5.18
CA GLU A 121 -30.10 -17.24 5.38
C GLU A 121 -29.78 -16.40 4.14
N PHE A 122 -30.19 -16.88 2.97
CA PHE A 122 -29.97 -16.14 1.74
C PHE A 122 -30.73 -14.82 1.83
N ARG A 123 -31.98 -14.90 2.30
CA ARG A 123 -32.81 -13.72 2.45
C ARG A 123 -32.34 -12.79 3.57
N ASN A 124 -31.43 -13.28 4.40
CA ASN A 124 -30.89 -12.47 5.49
C ASN A 124 -29.70 -11.65 4.99
N LEU A 125 -29.16 -12.01 3.83
CA LEU A 125 -28.02 -11.30 3.28
C LEU A 125 -28.42 -9.92 2.76
N ALA A 126 -27.48 -8.98 2.80
CA ALA A 126 -27.74 -7.65 2.27
C ALA A 126 -28.26 -7.85 0.84
N GLU A 127 -29.12 -6.94 0.38
CA GLU A 127 -29.70 -7.06 -0.95
C GLU A 127 -28.68 -7.12 -2.10
N LYS A 128 -27.60 -6.36 -1.99
CA LYS A 128 -26.58 -6.34 -3.05
C LYS A 128 -25.95 -7.72 -3.29
N TYR A 129 -25.96 -8.58 -2.28
CA TYR A 129 -25.42 -9.92 -2.44
C TYR A 129 -26.50 -10.81 -3.03
N GLN A 130 -27.73 -10.66 -2.52
CA GLN A 130 -28.86 -11.44 -3.02
C GLN A 130 -28.99 -11.26 -4.53
N THR A 131 -28.92 -10.01 -4.99
CA THR A 131 -29.05 -9.72 -6.41
C THR A 131 -28.07 -10.51 -7.26
N VAL A 132 -26.81 -10.55 -6.83
CA VAL A 132 -25.78 -11.27 -7.56
C VAL A 132 -26.02 -12.78 -7.55
N ILE A 133 -26.26 -13.35 -6.37
CA ILE A 133 -26.49 -14.78 -6.26
C ILE A 133 -27.69 -15.24 -7.08
N ALA A 134 -28.80 -14.52 -6.98
CA ALA A 134 -30.00 -14.88 -7.73
C ALA A 134 -29.74 -14.77 -9.23
N ASP A 135 -29.01 -13.74 -9.64
CA ASP A 135 -28.73 -13.56 -11.07
C ASP A 135 -27.93 -14.71 -11.63
N ILE A 136 -26.87 -15.11 -10.91
CA ILE A 136 -26.04 -16.22 -11.35
C ILE A 136 -26.85 -17.53 -11.41
N CYS A 137 -27.69 -17.76 -10.41
CA CYS A 137 -28.50 -18.98 -10.40
C CYS A 137 -29.44 -19.00 -11.59
N ARG A 138 -30.02 -17.85 -11.91
CA ARG A 138 -30.95 -17.76 -13.03
C ARG A 138 -30.26 -18.16 -14.33
N ARG A 139 -29.11 -17.54 -14.58
CA ARG A 139 -28.32 -17.80 -15.77
C ARG A 139 -27.75 -19.21 -15.78
N MET A 140 -27.30 -19.69 -14.64
CA MET A 140 -26.74 -21.04 -14.58
C MET A 140 -27.82 -22.06 -14.89
N GLY A 141 -29.01 -21.85 -14.34
CA GLY A 141 -30.12 -22.77 -14.60
C GLY A 141 -30.42 -22.92 -16.07
N ILE A 142 -30.48 -21.79 -16.78
CA ILE A 142 -30.73 -21.83 -18.21
C ILE A 142 -29.62 -22.59 -18.93
N GLY A 143 -28.38 -22.32 -18.52
CA GLY A 143 -27.24 -22.97 -19.15
C GLY A 143 -27.23 -24.47 -18.94
N MET A 144 -27.49 -24.91 -17.71
CA MET A 144 -27.49 -26.34 -17.41
C MET A 144 -28.61 -27.06 -18.15
N ALA A 145 -29.77 -26.42 -18.24
CA ALA A 145 -30.92 -27.00 -18.92
C ALA A 145 -30.62 -27.18 -20.40
N GLU A 146 -29.87 -26.22 -20.95
CA GLU A 146 -29.50 -26.25 -22.36
C GLU A 146 -28.66 -27.47 -22.75
N PHE A 147 -27.78 -27.90 -21.85
CA PHE A 147 -26.92 -29.05 -22.13
C PHE A 147 -27.42 -30.40 -21.61
N LEU A 148 -28.65 -30.44 -21.11
CA LEU A 148 -29.17 -31.70 -20.57
C LEU A 148 -29.34 -32.79 -21.61
N ASP A 149 -29.73 -32.41 -22.82
CA ASP A 149 -29.97 -33.37 -23.88
C ASP A 149 -28.81 -33.59 -24.84
N LYS A 150 -27.71 -32.85 -24.66
CA LYS A 150 -26.58 -33.01 -25.56
C LYS A 150 -25.22 -33.11 -24.90
N HIS A 151 -24.25 -33.57 -25.67
CA HIS A 151 -22.89 -33.71 -25.21
C HIS A 151 -22.11 -32.53 -25.75
N VAL A 152 -20.98 -32.23 -25.12
CA VAL A 152 -20.14 -31.14 -25.57
C VAL A 152 -19.51 -31.63 -26.87
N THR A 153 -19.63 -30.84 -27.94
CA THR A 153 -19.06 -31.21 -29.21
C THR A 153 -17.75 -30.48 -29.45
N SER A 154 -17.84 -29.23 -29.91
CA SER A 154 -16.65 -28.42 -30.19
C SER A 154 -16.02 -27.85 -28.92
N GLU A 155 -14.78 -27.38 -29.06
CA GLU A 155 -14.07 -26.78 -27.95
C GLU A 155 -14.80 -25.51 -27.55
N GLN A 156 -15.46 -24.87 -28.50
CA GLN A 156 -16.20 -23.65 -28.21
C GLN A 156 -17.39 -23.99 -27.31
N GLU A 157 -17.99 -25.14 -27.57
CA GLU A 157 -19.11 -25.61 -26.78
C GLU A 157 -18.58 -25.99 -25.38
N TRP A 158 -17.31 -26.40 -25.33
CA TRP A 158 -16.70 -26.77 -24.06
C TRP A 158 -16.61 -25.53 -23.18
N ASP A 159 -16.16 -24.43 -23.77
CA ASP A 159 -16.03 -23.18 -23.04
C ASP A 159 -17.41 -22.73 -22.57
N LYS A 160 -18.41 -22.90 -23.42
CA LYS A 160 -19.77 -22.49 -23.10
C LYS A 160 -20.28 -23.27 -21.90
N TYR A 161 -20.12 -24.59 -21.93
CA TYR A 161 -20.58 -25.41 -20.83
C TYR A 161 -19.86 -25.04 -19.54
N CYS A 162 -18.54 -24.92 -19.61
CA CYS A 162 -17.74 -24.56 -18.45
C CYS A 162 -18.12 -23.16 -17.99
N HIS A 163 -18.51 -22.31 -18.93
CA HIS A 163 -18.94 -20.96 -18.56
C HIS A 163 -20.19 -21.06 -17.69
N TYR A 164 -21.11 -21.96 -18.06
CA TYR A 164 -22.36 -22.16 -17.34
C TYR A 164 -22.25 -22.76 -15.94
N VAL A 165 -21.34 -23.73 -15.76
CA VAL A 165 -21.21 -24.36 -14.45
C VAL A 165 -20.06 -23.88 -13.59
N ALA A 166 -19.15 -23.08 -14.15
CA ALA A 166 -18.02 -22.59 -13.38
C ALA A 166 -17.67 -21.13 -13.66
N GLY A 167 -17.68 -20.76 -14.93
CA GLY A 167 -17.37 -19.39 -15.30
C GLY A 167 -18.27 -18.39 -14.59
N LEU A 168 -19.57 -18.67 -14.56
CA LEU A 168 -20.52 -17.78 -13.90
C LEU A 168 -20.26 -17.72 -12.40
N VAL A 169 -19.66 -18.77 -11.86
CA VAL A 169 -19.35 -18.80 -10.43
C VAL A 169 -18.23 -17.78 -10.18
N GLY A 170 -17.26 -17.76 -11.08
CA GLY A 170 -16.14 -16.84 -10.93
C GLY A 170 -16.64 -15.41 -11.06
N ILE A 171 -17.57 -15.19 -11.97
CA ILE A 171 -18.15 -13.86 -12.20
C ILE A 171 -18.96 -13.46 -10.97
N GLY A 172 -19.78 -14.38 -10.49
CA GLY A 172 -20.60 -14.09 -9.32
C GLY A 172 -19.73 -13.74 -8.12
N LEU A 173 -18.74 -14.58 -7.85
CA LEU A 173 -17.83 -14.37 -6.73
C LEU A 173 -17.13 -13.02 -6.84
N SER A 174 -16.69 -12.67 -8.05
CA SER A 174 -16.01 -11.40 -8.26
C SER A 174 -16.90 -10.22 -7.92
N ARG A 175 -18.19 -10.36 -8.23
CA ARG A 175 -19.15 -9.29 -7.94
C ARG A 175 -19.43 -9.19 -6.44
N LEU A 176 -19.39 -10.32 -5.75
CA LEU A 176 -19.60 -10.32 -4.30
C LEU A 176 -18.42 -9.62 -3.66
N PHE A 177 -17.22 -9.94 -4.12
CA PHE A 177 -16.00 -9.33 -3.59
C PHE A 177 -16.11 -7.80 -3.70
N SER A 178 -16.48 -7.32 -4.88
CA SER A 178 -16.59 -5.87 -5.10
C SER A 178 -17.74 -5.23 -4.33
N ALA A 179 -18.91 -5.87 -4.34
CA ALA A 179 -20.05 -5.31 -3.63
C ALA A 179 -19.78 -5.18 -2.14
N SER A 180 -18.90 -6.03 -1.63
CA SER A 180 -18.54 -6.04 -0.21
C SER A 180 -17.57 -4.90 0.12
N GLU A 181 -16.96 -4.34 -0.93
CA GLU A 181 -16.01 -3.23 -0.80
C GLU A 181 -14.60 -3.66 -0.38
N PHE A 182 -14.44 -4.93 -0.01
CA PHE A 182 -13.12 -5.44 0.39
C PHE A 182 -12.22 -5.50 -0.83
N GLU A 183 -12.83 -5.59 -2.00
CA GLU A 183 -12.08 -5.62 -3.24
C GLU A 183 -12.51 -4.42 -4.08
N ASP A 184 -11.64 -4.04 -5.00
CA ASP A 184 -11.88 -2.92 -5.90
C ASP A 184 -13.05 -3.22 -6.84
N PRO A 185 -13.74 -2.18 -7.34
CA PRO A 185 -14.86 -2.39 -8.26
C PRO A 185 -14.38 -3.02 -9.57
N LEU A 186 -13.08 -2.89 -9.86
CA LEU A 186 -12.50 -3.44 -11.08
C LEU A 186 -12.55 -4.97 -11.11
N VAL A 187 -12.52 -5.59 -9.93
CA VAL A 187 -12.56 -7.04 -9.84
C VAL A 187 -13.87 -7.61 -10.40
N GLY A 188 -14.99 -7.13 -9.86
CA GLY A 188 -16.28 -7.61 -10.33
C GLY A 188 -16.62 -7.16 -11.74
N GLU A 189 -15.96 -6.10 -12.19
CA GLU A 189 -16.21 -5.56 -13.53
C GLU A 189 -15.54 -6.37 -14.63
N ASP A 190 -14.44 -7.05 -14.30
CA ASP A 190 -13.71 -7.85 -15.29
C ASP A 190 -14.32 -9.25 -15.39
N THR A 191 -15.44 -9.36 -16.07
CA THR A 191 -16.11 -10.65 -16.23
C THR A 191 -15.33 -11.64 -17.08
N GLU A 192 -14.57 -11.15 -18.07
CA GLU A 192 -13.80 -12.05 -18.90
C GLU A 192 -12.79 -12.87 -18.10
N ARG A 193 -11.93 -12.18 -17.34
CA ARG A 193 -10.93 -12.82 -16.52
C ARG A 193 -11.57 -13.70 -15.45
N ALA A 194 -12.65 -13.20 -14.83
CA ALA A 194 -13.34 -13.96 -13.80
C ALA A 194 -13.87 -15.26 -14.40
N ASN A 195 -14.37 -15.18 -15.63
CA ASN A 195 -14.89 -16.36 -16.32
C ASN A 195 -13.74 -17.34 -16.50
N SER A 196 -12.58 -16.81 -16.91
CA SER A 196 -11.40 -17.64 -17.10
C SER A 196 -11.03 -18.42 -15.84
N MET A 197 -11.14 -17.77 -14.69
CA MET A 197 -10.82 -18.44 -13.42
C MET A 197 -11.66 -19.71 -13.27
N GLY A 198 -12.95 -19.61 -13.58
CA GLY A 198 -13.84 -20.75 -13.49
C GLY A 198 -13.57 -21.79 -14.56
N LEU A 199 -13.37 -21.32 -15.79
CA LEU A 199 -13.08 -22.22 -16.90
C LEU A 199 -11.86 -23.09 -16.60
N PHE A 200 -10.81 -22.49 -16.04
CA PHE A 200 -9.61 -23.24 -15.73
C PHE A 200 -9.83 -24.37 -14.72
N LEU A 201 -10.48 -24.06 -13.61
CA LEU A 201 -10.74 -25.07 -12.58
C LEU A 201 -11.63 -26.19 -13.11
N GLN A 202 -12.66 -25.82 -13.86
CA GLN A 202 -13.61 -26.78 -14.40
C GLN A 202 -12.97 -27.73 -15.42
N LYS A 203 -12.18 -27.18 -16.35
CA LYS A 203 -11.53 -28.02 -17.35
C LYS A 203 -10.56 -28.98 -16.66
N THR A 204 -9.86 -28.50 -15.65
CA THR A 204 -8.92 -29.33 -14.94
C THR A 204 -9.63 -30.48 -14.25
N ASN A 205 -10.80 -30.20 -13.68
CA ASN A 205 -11.58 -31.22 -12.99
C ASN A 205 -12.14 -32.23 -13.99
N ILE A 206 -12.64 -31.73 -15.12
CA ILE A 206 -13.18 -32.60 -16.15
C ILE A 206 -12.10 -33.52 -16.71
N ILE A 207 -10.91 -32.97 -16.89
CA ILE A 207 -9.79 -33.75 -17.41
C ILE A 207 -9.36 -34.82 -16.39
N ARG A 208 -9.24 -34.41 -15.14
CA ARG A 208 -8.82 -35.30 -14.06
C ARG A 208 -9.83 -36.40 -13.79
N ASP A 209 -11.11 -36.07 -13.90
CA ASP A 209 -12.17 -37.03 -13.60
C ASP A 209 -12.70 -37.88 -14.77
N TYR A 210 -11.90 -38.07 -15.81
CA TYR A 210 -12.35 -38.88 -16.95
C TYR A 210 -12.91 -40.24 -16.52
N LEU A 211 -12.07 -41.05 -15.90
CA LEU A 211 -12.46 -42.39 -15.48
C LEU A 211 -13.69 -42.37 -14.59
N GLU A 212 -13.69 -41.48 -13.62
CA GLU A 212 -14.80 -41.35 -12.69
C GLU A 212 -16.10 -41.01 -13.42
N ASP A 213 -16.03 -40.01 -14.30
CA ASP A 213 -17.20 -39.59 -15.07
C ASP A 213 -17.64 -40.67 -16.06
N GLN A 214 -16.65 -41.35 -16.63
CA GLN A 214 -16.92 -42.40 -17.59
C GLN A 214 -17.75 -43.49 -16.93
N GLN A 215 -17.24 -44.01 -15.81
CA GLN A 215 -17.93 -45.05 -15.06
C GLN A 215 -19.28 -44.58 -14.54
N GLY A 216 -19.54 -43.28 -14.66
CA GLY A 216 -20.79 -42.74 -14.18
C GLY A 216 -21.80 -42.33 -15.25
N GLY A 217 -21.52 -42.70 -16.49
CA GLY A 217 -22.43 -42.36 -17.58
C GLY A 217 -22.46 -40.90 -18.01
N ARG A 218 -21.51 -40.11 -17.55
CA ARG A 218 -21.44 -38.70 -17.91
C ARG A 218 -20.24 -38.45 -18.82
N GLU A 219 -20.47 -37.72 -19.90
CA GLU A 219 -19.39 -37.41 -20.83
C GLU A 219 -19.20 -35.91 -20.97
N PHE A 220 -18.02 -35.44 -20.57
CA PHE A 220 -17.69 -34.02 -20.62
C PHE A 220 -16.54 -33.62 -21.56
N TRP A 221 -15.72 -34.59 -21.99
CA TRP A 221 -14.63 -34.29 -22.90
C TRP A 221 -15.24 -33.92 -24.26
N PRO A 222 -14.85 -32.76 -24.82
CA PRO A 222 -15.39 -32.33 -26.12
C PRO A 222 -15.25 -33.38 -27.22
N GLN A 223 -16.37 -33.70 -27.86
CA GLN A 223 -16.42 -34.70 -28.92
C GLN A 223 -15.54 -34.44 -30.15
N GLU A 224 -15.48 -33.21 -30.61
CA GLU A 224 -14.66 -32.92 -31.79
C GLU A 224 -13.19 -33.15 -31.52
N VAL A 225 -12.84 -33.33 -30.26
CA VAL A 225 -11.46 -33.59 -29.88
C VAL A 225 -11.24 -35.10 -29.74
N TRP A 226 -12.03 -35.75 -28.88
CA TRP A 226 -11.84 -37.18 -28.69
C TRP A 226 -12.22 -38.03 -29.89
N SER A 227 -13.03 -37.51 -30.81
CA SER A 227 -13.44 -38.27 -31.99
C SER A 227 -12.34 -38.34 -33.03
N ARG A 228 -11.27 -37.58 -32.82
CA ARG A 228 -10.14 -37.59 -33.74
C ARG A 228 -9.16 -38.68 -33.30
N TYR A 229 -9.41 -39.23 -32.12
CA TYR A 229 -8.57 -40.27 -31.57
C TYR A 229 -9.27 -41.62 -31.52
N VAL A 230 -10.49 -41.65 -31.02
CA VAL A 230 -11.25 -42.89 -30.92
C VAL A 230 -12.68 -42.75 -31.43
N LYS A 231 -13.39 -43.88 -31.49
CA LYS A 231 -14.77 -43.93 -31.94
C LYS A 231 -15.73 -43.55 -30.82
N LYS A 232 -15.41 -43.97 -29.60
CA LYS A 232 -16.24 -43.67 -28.44
C LYS A 232 -15.37 -43.26 -27.25
N LEU A 233 -15.77 -42.17 -26.58
CA LEU A 233 -15.03 -41.66 -25.45
C LEU A 233 -14.64 -42.78 -24.49
N GLY A 234 -15.52 -43.76 -24.35
CA GLY A 234 -15.26 -44.87 -23.45
C GLY A 234 -14.05 -45.70 -23.83
N ASP A 235 -13.62 -45.61 -25.10
CA ASP A 235 -12.48 -46.39 -25.53
C ASP A 235 -11.18 -46.02 -24.84
N PHE A 236 -11.07 -44.78 -24.36
CA PHE A 236 -9.87 -44.35 -23.66
C PHE A 236 -9.73 -45.19 -22.39
N ALA A 237 -10.79 -45.89 -22.06
CA ALA A 237 -10.82 -46.73 -20.87
C ALA A 237 -10.24 -48.10 -21.16
N LEU A 238 -9.97 -48.38 -22.43
CA LEU A 238 -9.43 -49.67 -22.81
C LEU A 238 -7.91 -49.59 -22.91
N PRO A 239 -7.21 -50.43 -22.13
CA PRO A 239 -5.74 -50.45 -22.13
C PRO A 239 -5.06 -50.47 -23.49
N GLU A 240 -5.71 -51.07 -24.49
CA GLU A 240 -5.13 -51.14 -25.83
C GLU A 240 -5.18 -49.79 -26.54
N ASN A 241 -5.84 -48.80 -25.92
CA ASN A 241 -5.93 -47.47 -26.53
C ASN A 241 -5.23 -46.39 -25.71
N ILE A 242 -4.41 -46.84 -24.75
CA ILE A 242 -3.71 -45.94 -23.87
C ILE A 242 -2.91 -44.86 -24.58
N ASP A 243 -2.18 -45.22 -25.63
CA ASP A 243 -1.38 -44.25 -26.36
C ASP A 243 -2.24 -43.11 -26.91
N LEU A 244 -3.34 -43.47 -27.57
CA LEU A 244 -4.25 -42.49 -28.14
C LEU A 244 -4.90 -41.67 -27.03
N ALA A 245 -5.12 -42.31 -25.90
CA ALA A 245 -5.75 -41.64 -24.76
C ALA A 245 -4.89 -40.50 -24.22
N VAL A 246 -3.61 -40.79 -23.99
CA VAL A 246 -2.68 -39.78 -23.49
C VAL A 246 -2.57 -38.61 -24.47
N GLN A 247 -2.50 -38.92 -25.77
CA GLN A 247 -2.41 -37.87 -26.77
C GLN A 247 -3.57 -36.91 -26.64
N CYS A 248 -4.78 -37.45 -26.45
CA CYS A 248 -5.98 -36.63 -26.32
C CYS A 248 -5.88 -35.84 -25.01
N LEU A 249 -5.48 -36.54 -23.95
CA LEU A 249 -5.31 -35.91 -22.64
C LEU A 249 -4.40 -34.71 -22.78
N ASN A 250 -3.28 -34.89 -23.47
CA ASN A 250 -2.32 -33.82 -23.66
C ASN A 250 -2.88 -32.64 -24.43
N GLU A 251 -3.76 -32.92 -25.39
CA GLU A 251 -4.35 -31.85 -26.18
C GLU A 251 -5.31 -31.03 -25.32
N LEU A 252 -6.08 -31.70 -24.49
CA LEU A 252 -7.03 -31.01 -23.63
C LEU A 252 -6.31 -30.19 -22.57
N ILE A 253 -5.24 -30.76 -22.01
CA ILE A 253 -4.46 -30.04 -21.01
C ILE A 253 -3.92 -28.76 -21.65
N THR A 254 -3.40 -28.90 -22.86
CA THR A 254 -2.85 -27.76 -23.56
C THR A 254 -3.91 -26.69 -23.74
N ASN A 255 -5.15 -27.12 -23.96
CA ASN A 255 -6.27 -26.20 -24.12
C ASN A 255 -6.47 -25.43 -22.83
N ALA A 256 -6.52 -26.16 -21.71
CA ALA A 256 -6.73 -25.54 -20.40
C ALA A 256 -5.65 -24.54 -20.00
N LEU A 257 -4.41 -24.81 -20.40
CA LEU A 257 -3.29 -23.92 -20.04
C LEU A 257 -3.48 -22.51 -20.60
N HIS A 258 -4.22 -22.38 -21.69
CA HIS A 258 -4.43 -21.05 -22.27
C HIS A 258 -5.15 -20.08 -21.35
N HIS A 259 -5.74 -20.58 -20.27
CA HIS A 259 -6.45 -19.71 -19.33
C HIS A 259 -5.52 -19.14 -18.26
N ILE A 260 -4.34 -19.73 -18.10
CA ILE A 260 -3.39 -19.27 -17.08
C ILE A 260 -3.02 -17.78 -17.16
N PRO A 261 -2.80 -17.24 -18.36
CA PRO A 261 -2.45 -15.81 -18.42
C PRO A 261 -3.54 -14.98 -17.74
N ASP A 262 -4.80 -15.31 -18.04
CA ASP A 262 -5.93 -14.59 -17.44
C ASP A 262 -5.98 -14.79 -15.94
N VAL A 263 -5.67 -16.01 -15.49
CA VAL A 263 -5.67 -16.33 -14.06
C VAL A 263 -4.67 -15.43 -13.32
N ILE A 264 -3.46 -15.34 -13.86
CA ILE A 264 -2.43 -14.52 -13.27
C ILE A 264 -2.85 -13.04 -13.25
N THR A 265 -3.47 -12.57 -14.33
CA THR A 265 -3.92 -11.19 -14.38
C THR A 265 -5.00 -10.96 -13.33
N TYR A 266 -5.89 -11.94 -13.18
CA TYR A 266 -6.99 -11.82 -12.23
C TYR A 266 -6.50 -11.73 -10.80
N LEU A 267 -5.58 -12.64 -10.45
CA LEU A 267 -5.02 -12.67 -9.09
C LEU A 267 -4.16 -11.44 -8.80
N SER A 268 -3.50 -10.91 -9.82
CA SER A 268 -2.65 -9.74 -9.64
C SER A 268 -3.40 -8.48 -9.23
N ARG A 269 -4.67 -8.41 -9.62
CA ARG A 269 -5.50 -7.26 -9.31
C ARG A 269 -6.03 -7.26 -7.87
N LEU A 270 -6.14 -8.44 -7.26
CA LEU A 270 -6.66 -8.53 -5.90
C LEU A 270 -5.83 -7.78 -4.85
N ARG A 271 -6.52 -7.24 -3.85
CA ARG A 271 -5.85 -6.48 -2.80
C ARG A 271 -6.18 -6.94 -1.37
N ASN A 272 -7.19 -7.78 -1.22
CA ASN A 272 -7.55 -8.28 0.11
C ASN A 272 -6.93 -9.67 0.31
N GLN A 273 -6.20 -9.83 1.40
CA GLN A 273 -5.53 -11.10 1.68
C GLN A 273 -6.46 -12.32 1.77
N SER A 274 -7.55 -12.22 2.52
CA SER A 274 -8.46 -13.35 2.64
C SER A 274 -9.05 -13.73 1.29
N VAL A 275 -9.28 -12.73 0.43
CA VAL A 275 -9.83 -12.98 -0.91
C VAL A 275 -8.76 -13.60 -1.79
N PHE A 276 -7.53 -13.11 -1.64
CA PHE A 276 -6.41 -13.61 -2.44
C PHE A 276 -6.19 -15.10 -2.15
N ASN A 277 -6.17 -15.47 -0.88
CA ASN A 277 -5.97 -16.86 -0.50
C ASN A 277 -7.08 -17.72 -1.08
N PHE A 278 -8.31 -17.24 -0.97
CA PHE A 278 -9.49 -17.95 -1.47
C PHE A 278 -9.39 -18.28 -2.96
N CYS A 279 -9.02 -17.27 -3.74
CA CYS A 279 -8.90 -17.39 -5.19
C CYS A 279 -7.63 -18.08 -5.68
N ALA A 280 -6.51 -17.79 -5.04
CA ALA A 280 -5.22 -18.35 -5.46
C ALA A 280 -4.98 -19.82 -5.16
N ILE A 281 -5.25 -20.26 -3.95
CA ILE A 281 -5.01 -21.65 -3.59
C ILE A 281 -5.62 -22.66 -4.56
N PRO A 282 -6.90 -22.50 -4.89
CA PRO A 282 -7.55 -23.43 -5.81
C PRO A 282 -6.95 -23.41 -7.22
N GLN A 283 -6.52 -22.23 -7.68
CA GLN A 283 -5.92 -22.12 -9.01
C GLN A 283 -4.58 -22.85 -9.04
N VAL A 284 -3.83 -22.70 -7.96
CA VAL A 284 -2.51 -23.34 -7.84
C VAL A 284 -2.62 -24.85 -7.71
N MET A 285 -3.68 -25.31 -7.06
CA MET A 285 -3.90 -26.73 -6.89
C MET A 285 -4.34 -27.37 -8.22
N ALA A 286 -5.11 -26.61 -9.00
CA ALA A 286 -5.57 -27.10 -10.29
C ALA A 286 -4.35 -27.20 -11.22
N ILE A 287 -3.44 -26.25 -11.09
CA ILE A 287 -2.22 -26.23 -11.90
C ILE A 287 -1.31 -27.41 -11.53
N ALA A 288 -1.21 -27.69 -10.24
CA ALA A 288 -0.40 -28.82 -9.77
C ALA A 288 -1.07 -30.09 -10.32
N THR A 289 -2.39 -30.08 -10.38
CA THR A 289 -3.15 -31.21 -10.87
C THR A 289 -2.87 -31.48 -12.34
N LEU A 290 -2.88 -30.43 -13.16
CA LEU A 290 -2.61 -30.57 -14.59
C LEU A 290 -1.19 -31.06 -14.81
N ALA A 291 -0.26 -30.61 -13.98
CA ALA A 291 1.14 -31.00 -14.12
C ALA A 291 1.33 -32.49 -13.85
N ALA A 292 0.59 -33.00 -12.87
CA ALA A 292 0.67 -34.39 -12.50
C ALA A 292 -0.06 -35.28 -13.49
N CYS A 293 -1.02 -34.70 -14.22
CA CYS A 293 -1.79 -35.47 -15.18
C CYS A 293 -1.18 -35.45 -16.57
N TYR A 294 -0.42 -34.41 -16.87
CA TYR A 294 0.17 -34.31 -18.20
C TYR A 294 0.94 -35.57 -18.59
N ASN A 295 0.67 -36.05 -19.80
CA ASN A 295 1.33 -37.25 -20.32
C ASN A 295 1.36 -38.37 -19.29
N ASN A 296 0.31 -38.47 -18.49
CA ASN A 296 0.24 -39.48 -17.44
C ASN A 296 -0.79 -40.57 -17.74
N GLN A 297 -0.31 -41.76 -18.07
CA GLN A 297 -1.17 -42.90 -18.37
C GLN A 297 -2.13 -43.19 -17.22
N GLN A 298 -1.70 -42.88 -16.01
CA GLN A 298 -2.50 -43.12 -14.80
C GLN A 298 -3.86 -42.46 -14.81
N VAL A 299 -4.04 -41.44 -15.64
CA VAL A 299 -5.33 -40.74 -15.72
C VAL A 299 -6.42 -41.69 -16.19
N PHE A 300 -6.03 -42.66 -16.99
CA PHE A 300 -6.98 -43.62 -17.54
C PHE A 300 -7.00 -44.93 -16.76
N LYS A 301 -6.08 -45.10 -15.83
CA LYS A 301 -6.03 -46.32 -15.04
C LYS A 301 -6.59 -46.14 -13.64
N GLY A 302 -6.35 -44.98 -13.04
CA GLY A 302 -6.86 -44.72 -11.70
C GLY A 302 -6.77 -43.25 -11.29
N ALA A 303 -6.47 -43.02 -10.02
CA ALA A 303 -6.34 -41.66 -9.50
C ALA A 303 -4.87 -41.25 -9.64
N VAL A 304 -4.60 -39.97 -9.75
CA VAL A 304 -3.23 -39.51 -9.89
C VAL A 304 -2.79 -38.77 -8.61
N LEU A 305 -1.54 -39.00 -8.20
CA LEU A 305 -0.99 -38.39 -7.00
C LEU A 305 -0.36 -37.03 -7.29
N ILE A 306 -0.90 -36.02 -6.61
CA ILE A 306 -0.40 -34.66 -6.76
C ILE A 306 0.83 -34.51 -5.88
N ARG A 307 2.00 -34.43 -6.51
CA ARG A 307 3.22 -34.25 -5.72
C ARG A 307 3.49 -32.77 -5.49
N LEU A 308 3.94 -32.49 -4.28
CA LEU A 308 4.18 -31.12 -3.80
C LEU A 308 5.04 -30.13 -4.57
N GLY A 309 6.05 -30.57 -5.31
CA GLY A 309 6.89 -29.62 -6.05
C GLY A 309 8.40 -29.71 -5.91
N GLN A 310 9.11 -28.83 -6.61
CA GLN A 310 10.59 -28.81 -6.58
C GLN A 310 11.09 -28.26 -5.24
N ALA A 311 12.33 -27.73 -5.23
CA ALA A 311 12.94 -27.18 -4.02
C ALA A 311 12.48 -25.75 -3.77
N VAL A 312 12.47 -24.92 -4.80
CA VAL A 312 12.06 -23.53 -4.67
C VAL A 312 10.61 -23.38 -4.21
N THR A 313 9.77 -24.35 -4.58
CA THR A 313 8.37 -24.31 -4.19
C THR A 313 8.23 -24.62 -2.71
N LEU A 314 9.01 -25.58 -2.24
CA LEU A 314 9.00 -25.99 -0.85
C LEU A 314 9.49 -24.88 0.07
N MET A 315 9.83 -23.73 -0.52
CA MET A 315 10.30 -22.59 0.25
C MET A 315 9.27 -21.48 0.31
N MET A 316 8.23 -21.59 -0.52
CA MET A 316 7.18 -20.58 -0.55
C MET A 316 5.80 -21.23 -0.59
N ASP A 317 4.79 -20.43 -0.28
CA ASP A 317 3.41 -20.90 -0.30
C ASP A 317 2.63 -19.94 -1.20
N ALA A 318 1.38 -20.24 -1.47
CA ALA A 318 0.60 -19.41 -2.38
C ALA A 318 -0.16 -18.25 -1.76
N THR A 319 0.49 -17.45 -0.92
CA THR A 319 -0.23 -16.34 -0.29
C THR A 319 0.21 -14.91 -0.65
N ASN A 320 1.11 -14.77 -1.61
CA ASN A 320 1.52 -13.45 -2.10
C ASN A 320 1.72 -13.66 -3.60
N MET A 321 1.30 -12.68 -4.39
CA MET A 321 1.37 -12.80 -5.84
C MET A 321 2.71 -13.23 -6.47
N PRO A 322 3.83 -12.61 -6.06
CA PRO A 322 5.12 -13.01 -6.65
C PRO A 322 5.41 -14.49 -6.42
N ALA A 323 5.07 -14.98 -5.22
CA ALA A 323 5.28 -16.39 -4.89
C ALA A 323 4.37 -17.27 -5.73
N VAL A 324 3.13 -16.82 -5.97
CA VAL A 324 2.20 -17.60 -6.78
C VAL A 324 2.71 -17.76 -8.20
N LYS A 325 3.26 -16.69 -8.76
CA LYS A 325 3.80 -16.73 -10.11
C LYS A 325 4.91 -17.78 -10.19
N ALA A 326 5.86 -17.73 -9.26
CA ALA A 326 6.98 -18.65 -9.23
C ALA A 326 6.54 -20.11 -9.10
N ILE A 327 5.54 -20.35 -8.28
CA ILE A 327 5.03 -21.70 -8.10
C ILE A 327 4.42 -22.16 -9.41
N ILE A 328 3.72 -21.26 -10.09
CA ILE A 328 3.10 -21.60 -11.36
C ILE A 328 4.15 -21.87 -12.43
N TYR A 329 5.17 -21.01 -12.46
CA TYR A 329 6.25 -21.17 -13.43
C TYR A 329 6.97 -22.51 -13.22
N GLN A 330 7.16 -22.89 -11.96
CA GLN A 330 7.81 -24.18 -11.67
C GLN A 330 6.99 -25.31 -12.24
N TYR A 331 5.68 -25.25 -12.05
CA TYR A 331 4.80 -26.29 -12.57
C TYR A 331 4.78 -26.33 -14.09
N MET A 332 4.89 -25.16 -14.71
CA MET A 332 4.89 -25.07 -16.16
C MET A 332 6.12 -25.78 -16.73
N GLU A 333 7.26 -25.64 -16.04
CA GLU A 333 8.47 -26.29 -16.51
C GLU A 333 8.41 -27.78 -16.24
N GLU A 334 7.64 -28.16 -15.25
CA GLU A 334 7.48 -29.57 -14.92
C GLU A 334 6.87 -30.20 -16.17
N ILE A 335 5.92 -29.48 -16.76
CA ILE A 335 5.25 -29.94 -17.97
C ILE A 335 6.16 -29.84 -19.18
N TYR A 336 6.64 -28.63 -19.44
CA TYR A 336 7.51 -28.36 -20.58
C TYR A 336 8.61 -29.40 -20.70
N HIS A 337 9.19 -29.77 -19.57
CA HIS A 337 10.26 -30.76 -19.55
C HIS A 337 9.82 -32.12 -20.07
N ARG A 338 8.56 -32.49 -19.84
CA ARG A 338 8.03 -33.79 -20.27
C ARG A 338 7.42 -33.83 -21.67
N ILE A 339 7.34 -32.70 -22.35
CA ILE A 339 6.73 -32.71 -23.68
C ILE A 339 7.47 -33.60 -24.67
N PRO A 340 6.81 -34.66 -25.18
CA PRO A 340 7.40 -35.58 -26.15
C PRO A 340 7.35 -34.91 -27.53
N ASP A 341 8.47 -34.94 -28.26
CA ASP A 341 8.51 -34.34 -29.59
C ASP A 341 7.41 -34.97 -30.44
N SER A 342 7.15 -36.24 -30.18
CA SER A 342 6.17 -37.00 -30.95
C SER A 342 4.71 -36.69 -30.68
N ASN A 343 4.43 -36.09 -29.52
CA ASN A 343 3.04 -35.76 -29.19
C ASN A 343 2.50 -34.80 -30.23
N PRO A 344 1.33 -35.12 -30.82
CA PRO A 344 0.78 -34.22 -31.83
C PRO A 344 0.44 -32.79 -31.36
N SER A 345 0.51 -32.54 -30.07
CA SER A 345 0.23 -31.22 -29.52
C SER A 345 1.50 -30.56 -28.98
N SER A 346 2.63 -31.23 -29.16
CA SER A 346 3.91 -30.75 -28.65
C SER A 346 4.19 -29.26 -28.89
N SER A 347 4.06 -28.82 -30.14
CA SER A 347 4.30 -27.42 -30.46
C SER A 347 3.32 -26.50 -29.74
N LYS A 348 2.04 -26.83 -29.77
CA LYS A 348 1.06 -25.98 -29.10
C LYS A 348 1.39 -25.89 -27.62
N THR A 349 1.74 -27.02 -27.02
CA THR A 349 2.06 -27.05 -25.60
C THR A 349 3.24 -26.14 -25.24
N ARG A 350 4.30 -26.18 -26.04
CA ARG A 350 5.46 -25.35 -25.79
C ARG A 350 5.11 -23.89 -26.01
N GLN A 351 4.29 -23.64 -27.03
CA GLN A 351 3.89 -22.28 -27.36
C GLN A 351 3.18 -21.58 -26.21
N ILE A 352 2.15 -22.22 -25.66
CA ILE A 352 1.41 -21.60 -24.56
C ILE A 352 2.25 -21.45 -23.30
N ILE A 353 3.11 -22.43 -23.04
CA ILE A 353 3.98 -22.34 -21.87
C ILE A 353 5.00 -21.23 -22.08
N SER A 354 5.39 -21.03 -23.33
CA SER A 354 6.36 -19.99 -23.69
C SER A 354 5.71 -18.63 -23.42
N THR A 355 4.45 -18.50 -23.84
CA THR A 355 3.69 -17.27 -23.64
C THR A 355 3.54 -16.95 -22.15
N ILE A 356 3.25 -17.98 -21.36
CA ILE A 356 3.07 -17.81 -19.92
C ILE A 356 4.36 -17.32 -19.26
N ARG A 357 5.50 -17.89 -19.67
CA ARG A 357 6.81 -17.52 -19.13
C ARG A 357 7.25 -16.10 -19.45
N THR A 358 7.10 -15.75 -20.73
CA THR A 358 7.53 -14.46 -21.25
C THR A 358 6.69 -13.24 -20.89
N GLN A 359 5.37 -13.40 -20.80
CA GLN A 359 4.47 -12.30 -20.46
C GLN A 359 5.10 -11.36 -19.43
N LEU B 26 4.80 -10.96 -27.40
CA LEU B 26 4.95 -10.28 -28.69
C LEU B 26 6.22 -10.77 -29.38
N SER B 27 7.34 -10.12 -29.07
CA SER B 27 8.64 -10.46 -29.64
C SER B 27 8.94 -11.94 -29.42
N SER B 28 9.29 -12.64 -30.50
CA SER B 28 9.60 -14.07 -30.38
C SER B 28 11.03 -14.25 -29.88
N SER B 29 11.86 -13.23 -30.01
CA SER B 29 13.23 -13.32 -29.55
C SER B 29 13.24 -13.31 -28.03
N LEU B 30 12.38 -12.48 -27.44
CA LEU B 30 12.30 -12.41 -25.99
C LEU B 30 11.83 -13.77 -25.46
N LYS B 31 10.91 -14.41 -26.19
CA LYS B 31 10.41 -15.72 -25.81
C LYS B 31 11.57 -16.73 -25.80
N THR B 32 12.40 -16.69 -26.84
CA THR B 32 13.53 -17.59 -26.92
C THR B 32 14.44 -17.37 -25.70
N CYS B 33 14.62 -16.10 -25.31
CA CYS B 33 15.47 -15.80 -24.16
C CYS B 33 14.95 -16.49 -22.90
N TYR B 34 13.64 -16.41 -22.68
CA TYR B 34 13.06 -17.05 -21.50
C TYR B 34 13.16 -18.57 -21.63
N LYS B 35 13.22 -19.06 -22.86
CA LYS B 35 13.35 -20.50 -23.05
C LYS B 35 14.75 -20.84 -22.54
N TYR B 36 15.74 -20.02 -22.94
CA TYR B 36 17.12 -20.24 -22.52
C TYR B 36 17.28 -20.12 -21.01
N LEU B 37 16.58 -19.15 -20.41
CA LEU B 37 16.66 -18.94 -18.98
C LEU B 37 16.27 -20.21 -18.23
N ASN B 38 15.21 -20.87 -18.69
CA ASN B 38 14.71 -22.10 -18.07
C ASN B 38 15.60 -23.31 -18.38
N GLN B 39 16.32 -23.26 -19.50
CA GLN B 39 17.20 -24.36 -19.87
C GLN B 39 18.52 -24.29 -19.13
N THR B 40 18.95 -23.09 -18.78
CA THR B 40 20.23 -22.91 -18.10
C THR B 40 20.17 -22.64 -16.60
N SER B 41 18.99 -22.31 -16.09
CA SER B 41 18.84 -22.02 -14.68
C SER B 41 17.75 -22.83 -14.02
N ARG B 42 18.15 -23.88 -13.31
CA ARG B 42 17.16 -24.68 -12.63
C ARG B 42 16.50 -23.95 -11.46
N SER B 43 17.30 -23.30 -10.63
CA SER B 43 16.77 -22.62 -9.45
C SER B 43 16.55 -21.09 -9.43
N PHE B 44 16.73 -20.41 -10.55
CA PHE B 44 16.51 -18.96 -10.55
C PHE B 44 15.40 -18.51 -11.50
N ALA B 45 15.20 -19.28 -12.56
CA ALA B 45 14.19 -18.96 -13.56
C ALA B 45 12.84 -18.54 -13.01
N ALA B 46 12.29 -19.35 -12.10
CA ALA B 46 10.99 -19.08 -11.50
C ALA B 46 10.91 -17.73 -10.80
N VAL B 47 11.82 -17.45 -9.88
CA VAL B 47 11.78 -16.19 -9.16
C VAL B 47 12.17 -15.00 -10.03
N ILE B 48 12.93 -15.25 -11.09
CA ILE B 48 13.33 -14.17 -11.99
C ILE B 48 12.08 -13.74 -12.77
N GLN B 49 11.34 -14.74 -13.27
CA GLN B 49 10.11 -14.48 -14.03
C GLN B 49 9.04 -13.83 -13.17
N ALA B 50 9.15 -13.97 -11.85
CA ALA B 50 8.20 -13.38 -10.92
C ALA B 50 8.54 -11.94 -10.56
N LEU B 51 9.65 -11.42 -11.08
CA LEU B 51 10.05 -10.04 -10.76
C LEU B 51 9.10 -9.03 -11.38
N ASP B 52 8.78 -7.97 -10.64
CA ASP B 52 7.87 -6.93 -11.12
C ASP B 52 8.39 -6.14 -12.31
N GLY B 53 7.45 -5.65 -13.11
CA GLY B 53 7.74 -4.82 -14.26
C GLY B 53 9.04 -5.00 -15.02
N GLU B 54 9.78 -3.90 -15.16
CA GLU B 54 11.04 -3.88 -15.89
C GLU B 54 12.14 -4.81 -15.39
N MET B 55 12.17 -5.08 -14.09
CA MET B 55 13.21 -5.94 -13.54
C MET B 55 13.19 -7.34 -14.16
N ARG B 56 12.02 -7.76 -14.60
CA ARG B 56 11.81 -9.07 -15.20
C ARG B 56 12.74 -9.34 -16.38
N ASN B 57 12.58 -8.55 -17.45
CA ASN B 57 13.42 -8.71 -18.64
C ASN B 57 14.88 -8.34 -18.37
N ALA B 58 15.10 -7.28 -17.60
CA ALA B 58 16.46 -6.84 -17.29
C ALA B 58 17.24 -7.95 -16.60
N VAL B 59 16.68 -8.55 -15.57
CA VAL B 59 17.36 -9.63 -14.85
C VAL B 59 17.47 -10.88 -15.72
N CYS B 60 16.44 -11.16 -16.52
CA CYS B 60 16.48 -12.32 -17.41
C CYS B 60 17.67 -12.22 -18.35
N ILE B 61 17.75 -11.10 -19.07
CA ILE B 61 18.83 -10.84 -20.02
C ILE B 61 20.18 -10.84 -19.30
N PHE B 62 20.23 -10.20 -18.14
CA PHE B 62 21.47 -10.13 -17.37
C PHE B 62 21.95 -11.54 -17.04
N TYR B 63 21.02 -12.38 -16.61
CA TYR B 63 21.35 -13.76 -16.29
C TYR B 63 21.93 -14.46 -17.52
N LEU B 64 21.29 -14.26 -18.67
CA LEU B 64 21.74 -14.90 -19.90
C LEU B 64 23.13 -14.47 -20.43
N VAL B 65 23.44 -13.17 -20.37
CA VAL B 65 24.76 -12.75 -20.84
C VAL B 65 25.81 -13.27 -19.86
N LEU B 66 25.50 -13.22 -18.57
CA LEU B 66 26.45 -13.71 -17.56
C LEU B 66 26.70 -15.19 -17.81
N ARG B 67 25.65 -15.92 -18.14
CA ARG B 67 25.78 -17.35 -18.40
C ARG B 67 26.64 -17.61 -19.63
N ALA B 68 26.52 -16.74 -20.63
CA ALA B 68 27.31 -16.91 -21.84
C ALA B 68 28.78 -16.68 -21.48
N LEU B 69 29.02 -15.61 -20.73
CA LEU B 69 30.37 -15.26 -20.32
C LEU B 69 30.95 -16.38 -19.45
N ASP B 70 30.11 -16.95 -18.59
CA ASP B 70 30.52 -18.02 -17.68
C ASP B 70 30.88 -19.28 -18.47
N THR B 71 30.15 -19.52 -19.55
CA THR B 71 30.40 -20.69 -20.39
C THR B 71 31.71 -20.58 -21.16
N LEU B 72 32.01 -19.39 -21.67
CA LEU B 72 33.27 -19.17 -22.40
C LEU B 72 34.41 -19.46 -21.43
N GLU B 73 34.26 -18.93 -20.23
CA GLU B 73 35.25 -19.09 -19.18
C GLU B 73 35.47 -20.57 -18.84
N ASP B 74 34.40 -21.36 -18.76
CA ASP B 74 34.49 -22.78 -18.44
C ASP B 74 35.15 -23.64 -19.52
N ASP B 75 34.91 -23.29 -20.77
CA ASP B 75 35.42 -24.07 -21.89
C ASP B 75 36.93 -24.27 -21.93
N MET B 76 37.37 -25.47 -21.58
CA MET B 76 38.80 -25.79 -21.57
C MET B 76 39.36 -26.13 -22.94
N THR B 77 38.50 -26.16 -23.96
CA THR B 77 38.98 -26.45 -25.30
C THR B 77 39.39 -25.15 -25.98
N ILE B 78 39.11 -24.02 -25.31
CA ILE B 78 39.49 -22.71 -25.83
C ILE B 78 40.78 -22.33 -25.11
N SER B 79 41.90 -22.29 -25.82
CA SER B 79 43.18 -21.95 -25.21
C SER B 79 43.14 -20.60 -24.51
N VAL B 80 44.00 -20.44 -23.51
CA VAL B 80 44.09 -19.19 -22.74
C VAL B 80 44.37 -17.97 -23.62
N GLU B 81 45.20 -18.13 -24.65
CA GLU B 81 45.52 -17.02 -25.53
C GLU B 81 44.30 -16.59 -26.31
N LYS B 82 43.53 -17.57 -26.75
CA LYS B 82 42.31 -17.32 -27.52
C LYS B 82 41.22 -16.79 -26.61
N LYS B 83 41.12 -17.37 -25.42
CA LYS B 83 40.09 -17.00 -24.45
C LYS B 83 40.15 -15.58 -23.89
N VAL B 84 41.33 -15.14 -23.46
CA VAL B 84 41.46 -13.80 -22.87
C VAL B 84 40.78 -12.67 -23.64
N PRO B 85 41.06 -12.53 -24.95
CA PRO B 85 40.42 -11.45 -25.70
C PRO B 85 38.88 -11.56 -25.75
N LEU B 86 38.36 -12.78 -25.68
CA LEU B 86 36.92 -12.97 -25.70
C LEU B 86 36.29 -12.49 -24.39
N LEU B 87 36.99 -12.74 -23.28
CA LEU B 87 36.50 -12.31 -21.97
C LEU B 87 36.60 -10.79 -21.82
N HIS B 88 37.73 -10.23 -22.25
CA HIS B 88 37.94 -8.79 -22.17
C HIS B 88 36.94 -7.98 -22.99
N ASN B 89 36.59 -8.48 -24.16
CA ASN B 89 35.68 -7.79 -25.06
C ASN B 89 34.21 -8.20 -25.03
N PHE B 90 33.90 -9.21 -24.21
CA PHE B 90 32.52 -9.68 -24.10
C PHE B 90 31.53 -8.54 -23.91
N HIS B 91 31.84 -7.61 -23.01
CA HIS B 91 30.94 -6.49 -22.79
C HIS B 91 30.68 -5.70 -24.06
N SER B 92 31.64 -5.71 -24.97
CA SER B 92 31.50 -4.97 -26.22
C SER B 92 30.72 -5.79 -27.27
N PHE B 93 30.74 -7.11 -27.13
CA PHE B 93 30.01 -7.96 -28.08
C PHE B 93 28.51 -7.72 -27.95
N LEU B 94 28.10 -7.21 -26.80
CA LEU B 94 26.69 -6.91 -26.55
C LEU B 94 26.19 -5.91 -27.58
N TYR B 95 27.10 -5.18 -28.19
CA TYR B 95 26.74 -4.19 -29.19
C TYR B 95 27.12 -4.59 -30.61
N GLN B 96 27.51 -5.85 -30.78
CA GLN B 96 27.87 -6.38 -32.09
C GLN B 96 26.68 -7.30 -32.41
N PRO B 97 25.69 -6.79 -33.16
CA PRO B 97 24.48 -7.51 -33.55
C PRO B 97 24.65 -8.92 -34.08
N ASP B 98 25.73 -9.14 -34.82
CA ASP B 98 25.96 -10.46 -35.42
C ASP B 98 26.91 -11.37 -34.66
N TRP B 99 27.55 -10.87 -33.62
CA TRP B 99 28.49 -11.72 -32.90
C TRP B 99 27.84 -12.95 -32.28
N ARG B 100 28.58 -14.05 -32.28
CA ARG B 100 28.16 -15.32 -31.71
C ARG B 100 29.41 -16.18 -31.62
N PHE B 101 29.34 -17.29 -30.88
CA PHE B 101 30.51 -18.17 -30.76
C PHE B 101 30.05 -19.59 -31.05
N MET B 102 30.62 -20.20 -32.09
CA MET B 102 30.23 -21.54 -32.51
C MET B 102 31.20 -22.67 -32.17
N GLU B 103 32.26 -22.37 -31.45
CA GLU B 103 33.24 -23.39 -31.13
C GLU B 103 33.21 -23.99 -29.73
N SER B 104 32.17 -23.69 -28.97
CA SER B 104 32.06 -24.21 -27.62
C SER B 104 31.42 -25.59 -27.61
N LYS B 105 31.84 -26.41 -26.65
CA LYS B 105 31.31 -27.76 -26.50
C LYS B 105 30.68 -27.90 -25.10
N GLU B 106 30.53 -26.77 -24.42
CA GLU B 106 29.93 -26.74 -23.10
C GLU B 106 28.43 -26.98 -23.22
N LYS B 107 27.82 -27.43 -22.12
CA LYS B 107 26.39 -27.73 -22.10
C LYS B 107 25.49 -26.59 -22.53
N ASP B 108 25.76 -25.39 -22.03
CA ASP B 108 24.92 -24.24 -22.36
C ASP B 108 25.39 -23.44 -23.57
N ARG B 109 26.15 -24.06 -24.46
CA ARG B 109 26.67 -23.38 -25.65
C ARG B 109 25.60 -22.69 -26.47
N GLN B 110 24.36 -23.15 -26.36
CA GLN B 110 23.25 -22.57 -27.09
C GLN B 110 23.19 -21.05 -26.95
N VAL B 111 23.47 -20.52 -25.76
CA VAL B 111 23.42 -19.08 -25.53
C VAL B 111 24.53 -18.35 -26.27
N LEU B 112 25.62 -19.06 -26.55
CA LEU B 112 26.75 -18.49 -27.27
C LEU B 112 26.50 -18.55 -28.77
N GLU B 113 25.91 -19.65 -29.21
CA GLU B 113 25.62 -19.84 -30.62
C GLU B 113 24.45 -18.97 -31.10
N ASP B 114 23.53 -18.64 -30.20
CA ASP B 114 22.40 -17.79 -30.58
C ASP B 114 22.45 -16.50 -29.78
N PHE B 115 23.67 -16.01 -29.56
CA PHE B 115 23.86 -14.78 -28.81
C PHE B 115 23.21 -13.53 -29.42
N PRO B 116 23.13 -13.47 -30.76
CA PRO B 116 22.51 -12.29 -31.38
C PRO B 116 21.08 -12.10 -30.86
N THR B 117 20.41 -13.22 -30.59
CA THR B 117 19.04 -13.20 -30.10
C THR B 117 19.02 -12.59 -28.69
N ILE B 118 20.06 -12.88 -27.92
CA ILE B 118 20.17 -12.36 -26.56
C ILE B 118 20.61 -10.90 -26.53
N SER B 119 21.61 -10.54 -27.34
CA SER B 119 22.12 -9.16 -27.37
C SER B 119 21.07 -8.23 -27.99
N LEU B 120 20.22 -8.77 -28.85
CA LEU B 120 19.16 -7.99 -29.47
C LEU B 120 18.23 -7.51 -28.37
N GLU B 121 17.87 -8.42 -27.47
CA GLU B 121 16.98 -8.05 -26.35
C GLU B 121 17.72 -7.22 -25.31
N PHE B 122 19.03 -7.42 -25.22
CA PHE B 122 19.83 -6.62 -24.29
C PHE B 122 19.72 -5.17 -24.76
N ARG B 123 19.86 -4.96 -26.06
CA ARG B 123 19.80 -3.61 -26.61
C ARG B 123 18.40 -3.02 -26.60
N ASN B 124 17.40 -3.83 -26.24
CA ASN B 124 16.03 -3.35 -26.17
C ASN B 124 15.72 -2.84 -24.75
N LEU B 125 16.55 -3.23 -23.78
CA LEU B 125 16.36 -2.77 -22.41
C LEU B 125 16.63 -1.27 -22.35
N ALA B 126 16.03 -0.61 -21.36
CA ALA B 126 16.25 0.83 -21.21
C ALA B 126 17.76 1.02 -21.08
N GLU B 127 18.26 2.17 -21.50
CA GLU B 127 19.69 2.43 -21.46
C GLU B 127 20.31 2.34 -20.06
N LYS B 128 19.58 2.80 -19.05
CA LYS B 128 20.11 2.78 -17.69
C LYS B 128 20.42 1.36 -17.23
N TYR B 129 19.71 0.37 -17.77
CA TYR B 129 19.96 -1.00 -17.39
C TYR B 129 21.14 -1.56 -18.18
N GLN B 130 21.23 -1.17 -19.45
CA GLN B 130 22.31 -1.61 -20.31
C GLN B 130 23.66 -1.21 -19.70
N THR B 131 23.75 0.03 -19.26
CA THR B 131 24.96 0.58 -18.66
C THR B 131 25.43 -0.27 -17.48
N VAL B 132 24.49 -0.67 -16.64
CA VAL B 132 24.83 -1.50 -15.48
C VAL B 132 25.33 -2.86 -15.91
N ILE B 133 24.59 -3.51 -16.80
CA ILE B 133 24.94 -4.84 -17.27
C ILE B 133 26.29 -4.87 -18.01
N ALA B 134 26.49 -3.90 -18.89
CA ALA B 134 27.73 -3.81 -19.66
C ALA B 134 28.92 -3.58 -18.73
N ASP B 135 28.74 -2.72 -17.73
CA ASP B 135 29.81 -2.43 -16.78
C ASP B 135 30.21 -3.67 -15.98
N ILE B 136 29.22 -4.45 -15.55
CA ILE B 136 29.51 -5.67 -14.79
C ILE B 136 30.21 -6.69 -15.66
N CYS B 137 29.77 -6.82 -16.91
CA CYS B 137 30.37 -7.77 -17.83
C CYS B 137 31.83 -7.45 -18.11
N ARG B 138 32.12 -6.15 -18.26
CA ARG B 138 33.47 -5.69 -18.53
C ARG B 138 34.39 -6.07 -17.38
N ARG B 139 34.02 -5.65 -16.18
CA ARG B 139 34.80 -5.93 -14.97
C ARG B 139 34.92 -7.42 -14.64
N MET B 140 33.89 -8.19 -14.97
CA MET B 140 33.91 -9.61 -14.70
C MET B 140 34.87 -10.33 -15.63
N GLY B 141 34.86 -9.94 -16.91
CA GLY B 141 35.76 -10.56 -17.87
C GLY B 141 37.21 -10.32 -17.49
N ILE B 142 37.48 -9.10 -17.04
CA ILE B 142 38.83 -8.74 -16.63
C ILE B 142 39.25 -9.67 -15.49
N GLY B 143 38.38 -9.79 -14.49
CA GLY B 143 38.69 -10.64 -13.36
C GLY B 143 38.84 -12.10 -13.77
N MET B 144 37.93 -12.60 -14.61
CA MET B 144 38.00 -13.98 -15.04
C MET B 144 39.29 -14.26 -15.79
N ALA B 145 39.68 -13.33 -16.66
CA ALA B 145 40.90 -13.50 -17.43
C ALA B 145 42.05 -13.66 -16.45
N GLU B 146 42.08 -12.78 -15.46
CA GLU B 146 43.08 -12.76 -14.40
C GLU B 146 43.37 -14.13 -13.79
N PHE B 147 42.32 -14.90 -13.53
CA PHE B 147 42.46 -16.22 -12.90
C PHE B 147 42.58 -17.43 -13.80
N LEU B 148 42.65 -17.23 -15.12
CA LEU B 148 42.77 -18.36 -16.03
C LEU B 148 44.05 -19.15 -15.80
N ASP B 149 45.11 -18.45 -15.41
CA ASP B 149 46.41 -19.08 -15.21
C ASP B 149 46.86 -19.26 -13.76
N LYS B 150 45.94 -19.16 -12.80
CA LYS B 150 46.30 -19.34 -11.41
C LYS B 150 45.16 -19.93 -10.59
N HIS B 151 45.53 -20.61 -9.51
CA HIS B 151 44.54 -21.19 -8.62
C HIS B 151 44.32 -20.21 -7.48
N VAL B 152 43.35 -20.48 -6.63
CA VAL B 152 43.09 -19.59 -5.50
C VAL B 152 44.10 -20.00 -4.42
N THR B 153 44.86 -19.04 -3.92
CA THR B 153 45.84 -19.33 -2.89
C THR B 153 45.35 -18.88 -1.52
N SER B 154 45.49 -17.59 -1.23
CA SER B 154 45.06 -17.04 0.05
C SER B 154 43.54 -16.92 0.13
N GLU B 155 43.04 -16.68 1.34
CA GLU B 155 41.62 -16.52 1.54
C GLU B 155 41.23 -15.18 0.94
N GLN B 156 42.17 -14.26 0.91
CA GLN B 156 41.92 -12.94 0.33
C GLN B 156 41.74 -13.07 -1.18
N GLU B 157 42.43 -14.05 -1.76
CA GLU B 157 42.33 -14.32 -3.19
C GLU B 157 41.01 -15.00 -3.46
N TRP B 158 40.52 -15.75 -2.48
CA TRP B 158 39.25 -16.45 -2.62
C TRP B 158 38.15 -15.40 -2.72
N ASP B 159 38.22 -14.38 -1.86
CA ASP B 159 37.21 -13.32 -1.88
C ASP B 159 37.28 -12.55 -3.19
N LYS B 160 38.48 -12.39 -3.73
CA LYS B 160 38.63 -11.68 -5.00
C LYS B 160 38.04 -12.50 -6.13
N TYR B 161 38.30 -13.79 -6.14
CA TYR B 161 37.76 -14.64 -7.21
C TYR B 161 36.23 -14.67 -7.12
N CYS B 162 35.71 -14.81 -5.91
CA CYS B 162 34.27 -14.86 -5.72
C CYS B 162 33.67 -13.51 -6.10
N HIS B 163 34.39 -12.45 -5.80
CA HIS B 163 33.95 -11.11 -6.14
C HIS B 163 33.76 -11.03 -7.65
N TYR B 164 34.71 -11.59 -8.39
CA TYR B 164 34.68 -11.58 -9.85
C TYR B 164 33.55 -12.36 -10.50
N VAL B 165 33.27 -13.54 -9.98
CA VAL B 165 32.22 -14.38 -10.56
C VAL B 165 30.86 -14.35 -9.88
N ALA B 166 30.75 -13.68 -8.75
CA ALA B 166 29.48 -13.62 -8.02
C ALA B 166 29.23 -12.29 -7.33
N GLY B 167 30.23 -11.79 -6.61
CA GLY B 167 30.09 -10.52 -5.92
C GLY B 167 29.61 -9.42 -6.85
N LEU B 168 30.19 -9.35 -8.03
CA LEU B 168 29.82 -8.34 -9.01
C LEU B 168 28.39 -8.53 -9.50
N VAL B 169 27.91 -9.77 -9.49
CA VAL B 169 26.54 -10.05 -9.92
C VAL B 169 25.56 -9.41 -8.93
N GLY B 170 25.88 -9.52 -7.64
CA GLY B 170 25.03 -8.95 -6.61
C GLY B 170 25.02 -7.43 -6.69
N ILE B 171 26.18 -6.87 -7.03
CA ILE B 171 26.30 -5.43 -7.17
C ILE B 171 25.52 -5.00 -8.41
N GLY B 172 25.66 -5.77 -9.49
CA GLY B 172 24.94 -5.44 -10.70
C GLY B 172 23.44 -5.47 -10.47
N LEU B 173 22.94 -6.59 -9.95
CA LEU B 173 21.51 -6.73 -9.68
C LEU B 173 21.02 -5.59 -8.77
N SER B 174 21.78 -5.32 -7.71
CA SER B 174 21.42 -4.26 -6.78
C SER B 174 21.25 -2.92 -7.50
N ARG B 175 22.16 -2.64 -8.42
CA ARG B 175 22.10 -1.39 -9.17
C ARG B 175 20.89 -1.38 -10.10
N LEU B 176 20.45 -2.56 -10.53
CA LEU B 176 19.29 -2.65 -11.39
C LEU B 176 18.04 -2.38 -10.57
N PHE B 177 18.02 -2.87 -9.33
CA PHE B 177 16.88 -2.68 -8.43
C PHE B 177 16.67 -1.19 -8.12
N SER B 178 17.77 -0.51 -7.82
CA SER B 178 17.70 0.92 -7.51
C SER B 178 17.33 1.73 -8.75
N ALA B 179 17.98 1.44 -9.86
CA ALA B 179 17.70 2.16 -11.10
C ALA B 179 16.25 1.99 -11.51
N SER B 180 15.65 0.87 -11.17
CA SER B 180 14.26 0.61 -11.53
C SER B 180 13.33 1.35 -10.59
N GLU B 181 13.87 1.79 -9.45
CA GLU B 181 13.10 2.51 -8.44
C GLU B 181 12.19 1.60 -7.60
N PHE B 182 12.26 0.29 -7.83
CA PHE B 182 11.46 -0.64 -7.06
C PHE B 182 12.09 -0.83 -5.67
N GLU B 183 13.37 -0.49 -5.57
CA GLU B 183 14.08 -0.57 -4.31
C GLU B 183 14.77 0.76 -4.04
N ASP B 184 15.11 1.00 -2.78
CA ASP B 184 15.76 2.23 -2.34
C ASP B 184 17.11 2.48 -3.01
N PRO B 185 17.47 3.75 -3.23
CA PRO B 185 18.75 4.09 -3.86
C PRO B 185 19.92 3.44 -3.11
N LEU B 186 19.75 3.28 -1.81
CA LEU B 186 20.75 2.69 -0.95
C LEU B 186 21.12 1.24 -1.29
N VAL B 187 20.19 0.48 -1.85
CA VAL B 187 20.49 -0.91 -2.19
C VAL B 187 21.62 -0.97 -3.20
N GLY B 188 21.54 -0.12 -4.22
CA GLY B 188 22.57 -0.09 -5.24
C GLY B 188 23.88 0.52 -4.80
N GLU B 189 23.80 1.52 -3.93
CA GLU B 189 24.99 2.21 -3.46
C GLU B 189 25.89 1.38 -2.53
N ASP B 190 25.30 0.54 -1.70
CA ASP B 190 26.09 -0.27 -0.77
C ASP B 190 26.69 -1.50 -1.46
N THR B 191 27.72 -1.27 -2.26
CA THR B 191 28.37 -2.35 -2.99
C THR B 191 28.89 -3.45 -2.09
N GLU B 192 29.27 -3.09 -0.87
CA GLU B 192 29.79 -4.07 0.09
C GLU B 192 28.76 -5.11 0.49
N ARG B 193 27.58 -4.66 0.91
CA ARG B 193 26.52 -5.59 1.30
C ARG B 193 26.10 -6.43 0.10
N ALA B 194 25.99 -5.77 -1.07
CA ALA B 194 25.61 -6.48 -2.28
C ALA B 194 26.68 -7.52 -2.63
N ASN B 195 27.94 -7.15 -2.46
CA ASN B 195 29.05 -8.04 -2.75
C ASN B 195 29.00 -9.29 -1.87
N SER B 196 28.70 -9.08 -0.59
CA SER B 196 28.62 -10.18 0.36
C SER B 196 27.54 -11.18 -0.05
N MET B 197 26.48 -10.67 -0.66
CA MET B 197 25.39 -11.53 -1.11
C MET B 197 25.93 -12.53 -2.13
N GLY B 198 26.72 -12.02 -3.07
CA GLY B 198 27.29 -12.89 -4.08
C GLY B 198 28.31 -13.86 -3.51
N LEU B 199 29.23 -13.33 -2.72
CA LEU B 199 30.28 -14.13 -2.09
C LEU B 199 29.71 -15.32 -1.32
N PHE B 200 28.67 -15.07 -0.54
CA PHE B 200 28.07 -16.13 0.25
C PHE B 200 27.58 -17.29 -0.58
N LEU B 201 26.88 -16.99 -1.68
CA LEU B 201 26.37 -18.05 -2.55
C LEU B 201 27.50 -18.80 -3.25
N GLN B 202 28.49 -18.06 -3.74
CA GLN B 202 29.59 -18.67 -4.46
C GLN B 202 30.43 -19.57 -3.56
N LYS B 203 30.78 -19.08 -2.37
CA LYS B 203 31.57 -19.88 -1.45
C LYS B 203 30.81 -21.15 -1.08
N THR B 204 29.52 -21.01 -0.80
CA THR B 204 28.69 -22.16 -0.44
C THR B 204 28.73 -23.22 -1.56
N ASN B 205 28.57 -22.79 -2.80
CA ASN B 205 28.60 -23.73 -3.92
C ASN B 205 29.96 -24.39 -4.04
N ILE B 206 31.02 -23.58 -3.99
CA ILE B 206 32.37 -24.10 -4.08
C ILE B 206 32.62 -25.17 -3.02
N ILE B 207 32.16 -24.90 -1.80
CA ILE B 207 32.30 -25.85 -0.69
C ILE B 207 31.54 -27.13 -0.99
N ARG B 208 30.30 -26.98 -1.46
CA ARG B 208 29.44 -28.11 -1.76
C ARG B 208 29.87 -28.96 -2.96
N ASP B 209 30.43 -28.32 -3.98
CA ASP B 209 30.85 -29.04 -5.18
C ASP B 209 32.30 -29.52 -5.23
N TYR B 210 32.96 -29.60 -4.08
CA TYR B 210 34.34 -30.07 -4.04
C TYR B 210 34.60 -31.29 -4.91
N LEU B 211 33.90 -32.38 -4.63
CA LEU B 211 34.09 -33.62 -5.36
C LEU B 211 33.82 -33.51 -6.86
N GLU B 212 32.70 -32.88 -7.21
CA GLU B 212 32.35 -32.72 -8.62
C GLU B 212 33.40 -31.90 -9.36
N ASP B 213 33.94 -30.88 -8.69
CA ASP B 213 34.96 -30.05 -9.31
C ASP B 213 36.27 -30.83 -9.45
N GLN B 214 36.58 -31.65 -8.45
CA GLN B 214 37.80 -32.45 -8.47
C GLN B 214 37.81 -33.35 -9.70
N GLN B 215 36.72 -34.10 -9.87
CA GLN B 215 36.57 -35.01 -11.00
C GLN B 215 36.48 -34.23 -12.31
N GLY B 216 36.46 -32.91 -12.22
CA GLY B 216 36.38 -32.09 -13.41
C GLY B 216 37.69 -31.40 -13.73
N GLY B 217 38.66 -31.56 -12.84
CA GLY B 217 39.96 -30.96 -13.04
C GLY B 217 40.01 -29.50 -12.63
N ARG B 218 39.01 -29.06 -11.87
CA ARG B 218 38.94 -27.68 -11.41
C ARG B 218 39.16 -27.61 -9.89
N GLU B 219 39.92 -26.61 -9.45
CA GLU B 219 40.21 -26.44 -8.02
C GLU B 219 39.87 -25.03 -7.58
N PHE B 220 38.98 -24.91 -6.58
CA PHE B 220 38.57 -23.60 -6.08
C PHE B 220 38.81 -23.34 -4.59
N TRP B 221 39.02 -24.40 -3.81
CA TRP B 221 39.29 -24.23 -2.38
C TRP B 221 40.61 -23.49 -2.26
N PRO B 222 40.66 -22.41 -1.46
CA PRO B 222 41.92 -21.66 -1.31
C PRO B 222 43.09 -22.53 -0.86
N GLN B 223 44.12 -22.58 -1.70
CA GLN B 223 45.31 -23.38 -1.45
C GLN B 223 45.91 -23.23 -0.05
N GLU B 224 46.08 -22.00 0.40
CA GLU B 224 46.65 -21.76 1.72
C GLU B 224 45.87 -22.44 2.85
N VAL B 225 44.61 -22.77 2.61
CA VAL B 225 43.80 -23.42 3.62
C VAL B 225 43.89 -24.95 3.53
N TRP B 226 43.66 -25.51 2.34
CA TRP B 226 43.71 -26.95 2.21
C TRP B 226 45.13 -27.53 2.26
N SER B 227 46.12 -26.67 2.06
CA SER B 227 47.52 -27.12 2.09
C SER B 227 47.95 -27.43 3.53
N ARG B 228 47.27 -26.82 4.50
CA ARG B 228 47.59 -27.06 5.90
C ARG B 228 46.97 -28.36 6.40
N TYR B 229 46.28 -29.05 5.50
CA TYR B 229 45.63 -30.30 5.84
C TYR B 229 46.18 -31.46 5.01
N VAL B 230 46.50 -31.19 3.75
CA VAL B 230 47.02 -32.20 2.85
C VAL B 230 48.01 -31.61 1.84
N LYS B 231 48.61 -32.48 1.03
CA LYS B 231 49.58 -32.07 0.02
C LYS B 231 48.90 -31.60 -1.27
N LYS B 232 47.88 -32.35 -1.70
CA LYS B 232 47.14 -32.02 -2.91
C LYS B 232 45.66 -31.98 -2.54
N LEU B 233 44.97 -30.93 -2.96
CA LEU B 233 43.55 -30.78 -2.68
C LEU B 233 42.80 -32.08 -2.99
N GLY B 234 43.27 -32.79 -4.00
CA GLY B 234 42.63 -34.03 -4.40
C GLY B 234 42.71 -35.14 -3.36
N ASP B 235 43.65 -35.02 -2.43
CA ASP B 235 43.80 -36.03 -1.40
C ASP B 235 42.55 -36.12 -0.52
N PHE B 236 41.80 -35.03 -0.42
CA PHE B 236 40.59 -35.03 0.38
C PHE B 236 39.62 -36.07 -0.18
N ALA B 237 39.79 -36.38 -1.46
CA ALA B 237 38.95 -37.35 -2.12
C ALA B 237 39.31 -38.75 -1.67
N LEU B 238 40.49 -38.89 -1.05
CA LEU B 238 40.94 -40.18 -0.59
C LEU B 238 40.36 -40.51 0.77
N PRO B 239 39.75 -41.69 0.87
CA PRO B 239 39.09 -42.23 2.07
C PRO B 239 39.95 -42.17 3.33
N GLU B 240 41.25 -42.26 3.17
CA GLU B 240 42.16 -42.24 4.32
C GLU B 240 42.33 -40.85 4.92
N ASN B 241 41.99 -39.82 4.15
CA ASN B 241 42.14 -38.43 4.62
C ASN B 241 40.81 -37.79 5.04
N ILE B 242 39.76 -38.60 5.09
CA ILE B 242 38.43 -38.12 5.45
C ILE B 242 38.38 -37.25 6.70
N ASP B 243 39.24 -37.51 7.68
CA ASP B 243 39.24 -36.71 8.90
C ASP B 243 39.78 -35.31 8.67
N LEU B 244 40.88 -35.22 7.91
CA LEU B 244 41.48 -33.93 7.60
C LEU B 244 40.54 -33.17 6.66
N ALA B 245 39.85 -33.91 5.81
CA ALA B 245 38.92 -33.33 4.87
C ALA B 245 37.83 -32.55 5.60
N VAL B 246 37.06 -33.24 6.44
CA VAL B 246 35.99 -32.61 7.20
C VAL B 246 36.50 -31.41 7.98
N GLN B 247 37.75 -31.48 8.45
CA GLN B 247 38.34 -30.38 9.20
C GLN B 247 38.52 -29.16 8.32
N CYS B 248 38.92 -29.39 7.08
CA CYS B 248 39.12 -28.29 6.13
C CYS B 248 37.73 -27.77 5.77
N LEU B 249 36.82 -28.71 5.55
CA LEU B 249 35.44 -28.40 5.21
C LEU B 249 34.86 -27.43 6.23
N ASN B 250 35.03 -27.75 7.51
CA ASN B 250 34.52 -26.91 8.58
C ASN B 250 35.21 -25.55 8.62
N GLU B 251 36.49 -25.50 8.26
CA GLU B 251 37.17 -24.21 8.28
C GLU B 251 36.63 -23.29 7.20
N LEU B 252 36.38 -23.85 6.02
CA LEU B 252 35.86 -23.05 4.92
C LEU B 252 34.42 -22.64 5.21
N ILE B 253 33.63 -23.57 5.74
CA ILE B 253 32.24 -23.26 6.07
C ILE B 253 32.26 -22.13 7.09
N THR B 254 33.18 -22.20 8.04
CA THR B 254 33.30 -21.16 9.06
C THR B 254 33.62 -19.84 8.40
N ASN B 255 34.37 -19.89 7.31
CA ASN B 255 34.73 -18.68 6.58
C ASN B 255 33.49 -18.08 5.93
N ALA B 256 32.69 -18.92 5.28
CA ALA B 256 31.49 -18.49 4.60
C ALA B 256 30.47 -17.82 5.53
N LEU B 257 30.32 -18.36 6.74
CA LEU B 257 29.37 -17.81 7.71
C LEU B 257 29.54 -16.32 7.99
N HIS B 258 30.75 -15.82 7.81
CA HIS B 258 31.03 -14.41 8.07
C HIS B 258 30.26 -13.43 7.18
N HIS B 259 29.68 -13.92 6.10
CA HIS B 259 28.93 -13.05 5.20
C HIS B 259 27.46 -12.90 5.61
N ILE B 260 26.99 -13.81 6.46
CA ILE B 260 25.61 -13.80 6.91
C ILE B 260 25.12 -12.50 7.54
N PRO B 261 25.95 -11.82 8.34
CA PRO B 261 25.44 -10.58 8.92
C PRO B 261 25.09 -9.57 7.82
N ASP B 262 25.94 -9.54 6.79
CA ASP B 262 25.72 -8.64 5.65
C ASP B 262 24.51 -9.08 4.85
N VAL B 263 24.32 -10.40 4.74
CA VAL B 263 23.19 -10.94 4.01
C VAL B 263 21.90 -10.43 4.65
N ILE B 264 21.83 -10.58 5.97
CA ILE B 264 20.68 -10.14 6.74
C ILE B 264 20.45 -8.64 6.61
N THR B 265 21.53 -7.86 6.67
CA THR B 265 21.41 -6.42 6.54
C THR B 265 20.81 -6.08 5.17
N TYR B 266 21.36 -6.70 4.13
CA TYR B 266 20.89 -6.47 2.77
C TYR B 266 19.40 -6.79 2.61
N LEU B 267 19.00 -7.99 3.01
CA LEU B 267 17.61 -8.42 2.90
C LEU B 267 16.63 -7.52 3.67
N SER B 268 17.06 -7.01 4.83
CA SER B 268 16.19 -6.17 5.64
C SER B 268 15.95 -4.76 5.07
N ARG B 269 16.58 -4.46 3.94
CA ARG B 269 16.39 -3.14 3.32
C ARG B 269 15.42 -3.23 2.15
N LEU B 270 15.16 -4.45 1.71
CA LEU B 270 14.27 -4.69 0.57
C LEU B 270 12.82 -4.37 0.92
N ARG B 271 12.11 -3.78 -0.03
CA ARG B 271 10.73 -3.39 0.20
C ARG B 271 9.78 -3.99 -0.83
N ASN B 272 10.31 -4.39 -1.98
CA ASN B 272 9.48 -4.99 -3.01
C ASN B 272 9.42 -6.50 -2.77
N GLN B 273 8.21 -7.03 -2.73
CA GLN B 273 8.02 -8.45 -2.47
C GLN B 273 8.65 -9.38 -3.50
N SER B 274 8.55 -9.04 -4.78
CA SER B 274 9.11 -9.88 -5.82
C SER B 274 10.64 -9.90 -5.75
N VAL B 275 11.23 -8.75 -5.44
CA VAL B 275 12.68 -8.64 -5.31
C VAL B 275 13.11 -9.37 -4.04
N PHE B 276 12.26 -9.36 -3.01
CA PHE B 276 12.58 -10.03 -1.77
C PHE B 276 12.67 -11.54 -1.95
N ASN B 277 11.65 -12.12 -2.59
CA ASN B 277 11.62 -13.55 -2.85
C ASN B 277 12.86 -13.94 -3.65
N PHE B 278 13.14 -13.17 -4.69
CA PHE B 278 14.30 -13.39 -5.56
C PHE B 278 15.62 -13.42 -4.79
N CYS B 279 15.81 -12.47 -3.88
CA CYS B 279 17.04 -12.37 -3.10
C CYS B 279 17.13 -13.30 -1.89
N ALA B 280 16.04 -13.40 -1.13
CA ALA B 280 16.02 -14.22 0.08
C ALA B 280 16.08 -15.73 -0.12
N ILE B 281 15.28 -16.25 -1.03
CA ILE B 281 15.24 -17.67 -1.27
C ILE B 281 16.58 -18.34 -1.59
N PRO B 282 17.41 -17.73 -2.45
CA PRO B 282 18.69 -18.36 -2.75
C PRO B 282 19.63 -18.35 -1.54
N GLN B 283 19.61 -17.24 -0.80
CA GLN B 283 20.45 -17.10 0.39
C GLN B 283 20.06 -18.16 1.43
N VAL B 284 18.76 -18.39 1.59
CA VAL B 284 18.26 -19.36 2.55
C VAL B 284 18.65 -20.77 2.11
N MET B 285 18.55 -21.03 0.81
CA MET B 285 18.93 -22.33 0.28
C MET B 285 20.41 -22.56 0.53
N ALA B 286 21.20 -21.51 0.35
CA ALA B 286 22.64 -21.60 0.58
C ALA B 286 22.92 -21.97 2.03
N ILE B 287 22.26 -21.28 2.95
CA ILE B 287 22.44 -21.53 4.37
C ILE B 287 22.04 -22.94 4.75
N ALA B 288 20.96 -23.43 4.15
CA ALA B 288 20.49 -24.78 4.42
C ALA B 288 21.57 -25.75 3.96
N THR B 289 22.20 -25.43 2.84
CA THR B 289 23.26 -26.25 2.27
C THR B 289 24.49 -26.31 3.18
N LEU B 290 24.90 -25.16 3.71
CA LEU B 290 26.06 -25.13 4.59
C LEU B 290 25.79 -25.96 5.85
N ALA B 291 24.58 -25.82 6.40
CA ALA B 291 24.21 -26.56 7.60
C ALA B 291 24.29 -28.05 7.32
N ALA B 292 23.83 -28.45 6.15
CA ALA B 292 23.84 -29.85 5.75
C ALA B 292 25.25 -30.37 5.55
N CYS B 293 26.13 -29.55 4.98
CA CYS B 293 27.50 -29.95 4.73
C CYS B 293 28.40 -29.89 5.96
N TYR B 294 28.08 -29.03 6.91
CA TYR B 294 28.92 -28.90 8.09
C TYR B 294 29.23 -30.21 8.79
N ASN B 295 30.52 -30.48 8.98
CA ASN B 295 30.99 -31.68 9.64
C ASN B 295 30.41 -32.93 8.99
N ASN B 296 30.20 -32.87 7.68
CA ASN B 296 29.65 -34.01 6.96
C ASN B 296 30.68 -34.65 6.03
N GLN B 297 30.98 -35.92 6.27
CA GLN B 297 31.93 -36.67 5.46
C GLN B 297 31.41 -36.84 4.04
N GLN B 298 30.09 -36.92 3.91
CA GLN B 298 29.43 -37.12 2.63
C GLN B 298 29.87 -36.14 1.55
N VAL B 299 30.30 -34.94 1.95
CA VAL B 299 30.75 -33.95 0.99
C VAL B 299 31.85 -34.51 0.08
N PHE B 300 32.65 -35.40 0.65
CA PHE B 300 33.77 -36.00 -0.07
C PHE B 300 33.47 -37.34 -0.73
N LYS B 301 32.23 -37.82 -0.60
CA LYS B 301 31.87 -39.10 -1.19
C LYS B 301 30.80 -38.96 -2.27
N GLY B 302 29.92 -37.98 -2.10
CA GLY B 302 28.86 -37.76 -3.08
C GLY B 302 28.00 -36.54 -2.80
N ALA B 303 26.79 -36.55 -3.33
CA ALA B 303 25.85 -35.44 -3.16
C ALA B 303 25.34 -35.43 -1.72
N VAL B 304 25.10 -34.24 -1.18
CA VAL B 304 24.59 -34.11 0.19
C VAL B 304 23.08 -33.89 0.17
N LEU B 305 22.35 -34.53 1.08
CA LEU B 305 20.90 -34.32 1.12
C LEU B 305 20.50 -33.17 2.02
N ILE B 306 19.96 -32.12 1.40
CA ILE B 306 19.47 -30.93 2.12
C ILE B 306 18.12 -31.32 2.68
N ARG B 307 18.03 -31.40 4.00
CA ARG B 307 16.79 -31.81 4.64
C ARG B 307 15.93 -30.71 5.23
N LEU B 308 14.64 -30.99 5.17
CA LEU B 308 13.56 -30.17 5.71
C LEU B 308 13.96 -29.00 6.62
N GLY B 309 13.92 -29.25 7.93
CA GLY B 309 14.25 -28.25 8.92
C GLY B 309 13.48 -28.64 10.16
N GLN B 310 13.70 -27.95 11.28
CA GLN B 310 12.97 -28.29 12.50
C GLN B 310 11.46 -28.05 12.33
N ALA B 311 10.74 -27.93 13.43
CA ALA B 311 9.30 -27.71 13.39
C ALA B 311 8.92 -26.26 13.13
N VAL B 312 9.60 -25.33 13.79
CA VAL B 312 9.32 -23.90 13.61
C VAL B 312 9.52 -23.41 12.19
N THR B 313 10.39 -24.08 11.44
CA THR B 313 10.66 -23.70 10.07
C THR B 313 9.63 -24.23 9.07
N LEU B 314 9.24 -25.49 9.25
CA LEU B 314 8.27 -26.11 8.36
C LEU B 314 6.91 -25.42 8.40
N MET B 315 6.77 -24.45 9.30
CA MET B 315 5.52 -23.71 9.44
C MET B 315 5.58 -22.40 8.66
N MET B 316 6.80 -21.96 8.36
CA MET B 316 7.02 -20.72 7.63
C MET B 316 7.86 -20.86 6.38
N ASP B 317 7.64 -19.95 5.44
CA ASP B 317 8.38 -19.94 4.20
C ASP B 317 9.27 -18.71 4.21
N ALA B 318 10.16 -18.58 3.24
CA ALA B 318 11.08 -17.46 3.20
C ALA B 318 10.59 -16.24 2.44
N THR B 319 9.39 -15.75 2.75
CA THR B 319 8.87 -14.60 2.05
C THR B 319 8.61 -13.31 2.83
N ASN B 320 9.01 -13.28 4.10
CA ASN B 320 8.88 -12.08 4.92
C ASN B 320 10.11 -12.07 5.83
N MET B 321 10.71 -10.90 5.98
CA MET B 321 11.95 -10.75 6.76
C MET B 321 12.01 -11.43 8.12
N PRO B 322 10.99 -11.26 8.97
CA PRO B 322 11.06 -11.92 10.27
C PRO B 322 11.19 -13.44 10.12
N ALA B 323 10.46 -14.00 9.16
CA ALA B 323 10.49 -15.44 8.91
C ALA B 323 11.86 -15.90 8.42
N VAL B 324 12.49 -15.09 7.58
CA VAL B 324 13.81 -15.42 7.07
C VAL B 324 14.82 -15.46 8.20
N LYS B 325 14.72 -14.48 9.10
CA LYS B 325 15.62 -14.42 10.24
C LYS B 325 15.48 -15.70 11.06
N ALA B 326 14.24 -16.07 11.36
CA ALA B 326 13.95 -17.27 12.13
C ALA B 326 14.59 -18.47 11.45
N ILE B 327 14.36 -18.59 10.14
CA ILE B 327 14.89 -19.70 9.37
C ILE B 327 16.42 -19.75 9.48
N ILE B 328 17.04 -18.58 9.39
CA ILE B 328 18.50 -18.50 9.47
C ILE B 328 18.97 -18.87 10.87
N TYR B 329 18.40 -18.24 11.89
CA TYR B 329 18.78 -18.54 13.27
C TYR B 329 18.68 -20.03 13.56
N GLN B 330 17.68 -20.68 12.99
CA GLN B 330 17.48 -22.11 13.19
C GLN B 330 18.65 -22.91 12.60
N TYR B 331 19.03 -22.62 11.35
CA TYR B 331 20.13 -23.34 10.73
C TYR B 331 21.44 -23.07 11.46
N MET B 332 21.57 -21.89 12.05
CA MET B 332 22.77 -21.54 12.78
C MET B 332 22.91 -22.47 13.99
N GLU B 333 21.81 -22.67 14.70
CA GLU B 333 21.82 -23.54 15.87
C GLU B 333 21.99 -25.00 15.45
N GLU B 334 21.60 -25.30 14.22
CA GLU B 334 21.71 -26.65 13.69
C GLU B 334 23.19 -26.97 13.47
N ILE B 335 23.97 -25.94 13.18
CA ILE B 335 25.40 -26.10 12.97
C ILE B 335 26.05 -26.04 14.35
N TYR B 336 25.78 -24.96 15.05
CA TYR B 336 26.32 -24.71 16.37
C TYR B 336 26.42 -25.96 17.24
N HIS B 337 25.28 -26.61 17.45
CA HIS B 337 25.23 -27.79 18.31
C HIS B 337 25.77 -29.09 17.72
N ARG B 338 26.52 -28.99 16.63
CA ARG B 338 27.14 -30.15 16.01
C ARG B 338 28.64 -29.89 15.96
N ILE B 339 29.02 -28.67 16.36
CA ILE B 339 30.42 -28.27 16.38
C ILE B 339 31.22 -29.20 17.29
N PRO B 340 32.17 -29.96 16.72
CA PRO B 340 32.96 -30.87 17.57
C PRO B 340 34.03 -30.09 18.40
N ASP B 341 34.06 -30.31 19.70
CA ASP B 341 35.03 -29.65 20.58
C ASP B 341 36.42 -29.78 19.97
N SER B 342 36.72 -30.96 19.45
CA SER B 342 38.03 -31.26 18.88
C SER B 342 38.42 -30.46 17.64
N ASN B 343 37.43 -30.09 16.83
CA ASN B 343 37.66 -29.35 15.59
C ASN B 343 38.51 -28.11 15.80
N PRO B 344 39.52 -27.93 14.93
CA PRO B 344 40.47 -26.80 14.96
C PRO B 344 39.81 -25.42 14.81
N SER B 345 38.62 -25.39 14.25
CA SER B 345 37.89 -24.15 14.02
C SER B 345 36.78 -23.93 15.04
N SER B 346 36.45 -24.97 15.80
CA SER B 346 35.39 -24.93 16.80
C SER B 346 35.15 -23.59 17.48
N SER B 347 36.21 -22.94 17.95
CA SER B 347 36.06 -21.67 18.63
C SER B 347 35.72 -20.52 17.66
N LYS B 348 36.18 -20.65 16.43
CA LYS B 348 35.90 -19.63 15.40
C LYS B 348 34.44 -19.75 15.02
N THR B 349 34.02 -20.99 14.78
CA THR B 349 32.65 -21.27 14.40
C THR B 349 31.66 -20.71 15.42
N ARG B 350 31.89 -21.01 16.70
CA ARG B 350 31.02 -20.54 17.76
C ARG B 350 30.97 -19.02 17.83
N GLN B 351 32.11 -18.38 17.64
CA GLN B 351 32.23 -16.93 17.70
C GLN B 351 31.42 -16.19 16.63
N ILE B 352 31.45 -16.67 15.40
CA ILE B 352 30.74 -16.01 14.33
C ILE B 352 29.23 -16.24 14.47
N ILE B 353 28.85 -17.45 14.85
CA ILE B 353 27.44 -17.76 15.03
C ILE B 353 26.88 -16.90 16.16
N SER B 354 27.70 -16.67 17.18
CA SER B 354 27.30 -15.85 18.32
C SER B 354 27.08 -14.42 17.85
N THR B 355 27.95 -13.96 16.96
CA THR B 355 27.86 -12.61 16.42
C THR B 355 26.61 -12.44 15.55
N ILE B 356 26.23 -13.52 14.88
CA ILE B 356 25.05 -13.51 14.00
C ILE B 356 23.76 -13.42 14.82
N ARG B 357 23.74 -14.08 15.97
CA ARG B 357 22.57 -14.09 16.84
C ARG B 357 22.39 -12.80 17.62
N THR B 358 23.49 -12.30 18.17
CA THR B 358 23.47 -11.11 18.99
C THR B 358 23.29 -9.79 18.25
N GLN B 359 23.43 -9.81 16.93
CA GLN B 359 23.25 -8.58 16.17
C GLN B 359 21.76 -8.28 15.99
N LEU C 26 27.83 -7.06 20.81
CA LEU C 26 28.59 -6.27 21.78
C LEU C 26 28.75 -7.02 23.12
N SER C 27 27.95 -6.63 24.10
CA SER C 27 27.98 -7.22 25.44
C SER C 27 28.11 -8.75 25.44
N SER C 28 29.12 -9.23 26.15
CA SER C 28 29.39 -10.67 26.24
C SER C 28 28.34 -11.39 27.06
N SER C 29 27.76 -10.69 28.03
CA SER C 29 26.73 -11.29 28.87
C SER C 29 25.44 -11.44 28.06
N LEU C 30 25.18 -10.47 27.20
CA LEU C 30 23.98 -10.53 26.37
C LEU C 30 24.18 -11.63 25.33
N LYS C 31 25.41 -11.80 24.89
CA LYS C 31 25.75 -12.86 23.94
C LYS C 31 25.50 -14.20 24.63
N THR C 32 26.03 -14.34 25.84
CA THR C 32 25.88 -15.57 26.61
C THR C 32 24.41 -15.88 26.78
N CYS C 33 23.62 -14.84 27.00
CA CYS C 33 22.18 -15.00 27.15
C CYS C 33 21.62 -15.65 25.89
N TYR C 34 21.92 -15.07 24.73
CA TYR C 34 21.45 -15.61 23.48
C TYR C 34 21.97 -17.02 23.22
N LYS C 35 23.11 -17.34 23.81
CA LYS C 35 23.65 -18.68 23.65
C LYS C 35 22.74 -19.64 24.41
N TYR C 36 22.42 -19.28 25.66
CA TYR C 36 21.56 -20.11 26.49
C TYR C 36 20.15 -20.28 25.90
N LEU C 37 19.65 -19.23 25.26
CA LEU C 37 18.32 -19.30 24.66
C LEU C 37 18.27 -20.39 23.61
N ASN C 38 19.28 -20.43 22.75
CA ASN C 38 19.35 -21.42 21.68
C ASN C 38 19.58 -22.83 22.23
N GLN C 39 20.23 -22.91 23.39
CA GLN C 39 20.51 -24.20 24.01
C GLN C 39 19.31 -24.72 24.77
N THR C 40 18.53 -23.81 25.35
CA THR C 40 17.37 -24.21 26.15
C THR C 40 15.99 -24.06 25.52
N SER C 41 15.91 -23.53 24.30
CA SER C 41 14.62 -23.36 23.65
C SER C 41 14.56 -23.97 22.26
N ARG C 42 14.19 -25.23 22.22
CA ARG C 42 14.07 -25.96 20.96
C ARG C 42 13.15 -25.25 19.96
N SER C 43 11.95 -24.90 20.40
CA SER C 43 10.96 -24.29 19.51
C SER C 43 10.59 -22.81 19.62
N PHE C 44 11.29 -22.02 20.43
CA PHE C 44 10.95 -20.60 20.53
C PHE C 44 12.13 -19.69 20.23
N ALA C 45 13.34 -20.23 20.33
CA ALA C 45 14.56 -19.47 20.09
C ALA C 45 14.56 -18.69 18.78
N ALA C 46 14.31 -19.39 17.68
CA ALA C 46 14.30 -18.80 16.35
C ALA C 46 13.35 -17.60 16.22
N VAL C 47 12.08 -17.78 16.56
CA VAL C 47 11.10 -16.70 16.46
C VAL C 47 11.37 -15.55 17.43
N ILE C 48 11.94 -15.86 18.58
CA ILE C 48 12.25 -14.83 19.57
C ILE C 48 13.36 -13.93 19.03
N GLN C 49 14.40 -14.57 18.49
CA GLN C 49 15.53 -13.84 17.93
C GLN C 49 15.12 -13.01 16.73
N ALA C 50 13.96 -13.32 16.15
CA ALA C 50 13.48 -12.60 14.97
C ALA C 50 12.53 -11.46 15.32
N LEU C 51 12.26 -11.27 16.61
CA LEU C 51 11.36 -10.21 17.03
C LEU C 51 11.96 -8.82 16.79
N ASP C 52 11.10 -7.84 16.50
CA ASP C 52 11.57 -6.48 16.25
C ASP C 52 12.07 -5.73 17.47
N GLY C 53 12.95 -4.76 17.21
CA GLY C 53 13.51 -3.92 18.25
C GLY C 53 13.65 -4.41 19.68
N GLU C 54 13.20 -3.58 20.63
CA GLU C 54 13.29 -3.87 22.06
C GLU C 54 12.66 -5.17 22.52
N MET C 55 11.66 -5.66 21.77
CA MET C 55 10.99 -6.90 22.15
C MET C 55 11.95 -8.08 22.15
N ARG C 56 12.91 -8.07 21.24
CA ARG C 56 13.90 -9.14 21.11
C ARG C 56 14.55 -9.49 22.44
N ASN C 57 15.19 -8.51 23.07
CA ASN C 57 15.87 -8.73 24.35
C ASN C 57 14.89 -8.96 25.50
N ALA C 58 13.82 -8.17 25.56
CA ALA C 58 12.85 -8.31 26.62
C ALA C 58 12.36 -9.77 26.68
N VAL C 59 11.95 -10.29 25.53
CA VAL C 59 11.44 -11.65 25.48
C VAL C 59 12.52 -12.70 25.67
N CYS C 60 13.72 -12.42 25.18
CA CYS C 60 14.83 -13.37 25.35
C CYS C 60 15.05 -13.61 26.84
N ILE C 61 15.31 -12.53 27.58
CA ILE C 61 15.54 -12.61 29.02
C ILE C 61 14.35 -13.23 29.76
N PHE C 62 13.15 -12.80 29.40
CA PHE C 62 11.95 -13.32 30.03
C PHE C 62 11.93 -14.83 29.88
N TYR C 63 12.27 -15.31 28.69
CA TYR C 63 12.29 -16.74 28.46
C TYR C 63 13.34 -17.43 29.32
N LEU C 64 14.50 -16.79 29.48
CA LEU C 64 15.58 -17.35 30.27
C LEU C 64 15.27 -17.49 31.77
N VAL C 65 14.66 -16.47 32.35
CA VAL C 65 14.32 -16.54 33.77
C VAL C 65 13.21 -17.58 34.02
N LEU C 66 12.22 -17.62 33.12
CA LEU C 66 11.13 -18.59 33.26
C LEU C 66 11.67 -20.01 33.14
N ARG C 67 12.61 -20.21 32.21
CA ARG C 67 13.20 -21.51 32.02
C ARG C 67 13.99 -21.89 33.28
N ALA C 68 14.64 -20.90 33.88
CA ALA C 68 15.41 -21.14 35.10
C ALA C 68 14.44 -21.50 36.22
N LEU C 69 13.34 -20.75 36.32
CA LEU C 69 12.34 -21.02 37.34
C LEU C 69 11.74 -22.40 37.13
N ASP C 70 11.43 -22.71 35.87
CA ASP C 70 10.85 -24.00 35.54
C ASP C 70 11.79 -25.15 35.86
N THR C 71 13.10 -24.90 35.74
CA THR C 71 14.07 -25.93 36.04
C THR C 71 14.11 -26.22 37.53
N LEU C 72 14.01 -25.17 38.35
CA LEU C 72 14.01 -25.35 39.79
C LEU C 72 12.84 -26.25 40.17
N GLU C 73 11.67 -25.91 39.65
CA GLU C 73 10.45 -26.67 39.93
C GLU C 73 10.60 -28.12 39.47
N ASP C 74 11.24 -28.33 38.34
CA ASP C 74 11.46 -29.65 37.77
C ASP C 74 12.34 -30.56 38.62
N ASP C 75 13.50 -30.05 39.01
CA ASP C 75 14.47 -30.80 39.78
C ASP C 75 13.93 -31.47 41.05
N MET C 76 13.75 -32.78 40.98
CA MET C 76 13.24 -33.55 42.11
C MET C 76 14.28 -33.83 43.18
N THR C 77 15.51 -33.34 42.98
CA THR C 77 16.55 -33.55 43.97
C THR C 77 16.59 -32.36 44.93
N ILE C 78 15.77 -31.36 44.67
CA ILE C 78 15.68 -30.19 45.54
C ILE C 78 14.50 -30.50 46.44
N SER C 79 14.72 -30.59 47.74
CA SER C 79 13.65 -30.91 48.67
C SER C 79 12.56 -29.85 48.65
N VAL C 80 11.34 -30.26 48.99
CA VAL C 80 10.23 -29.34 49.06
C VAL C 80 10.62 -28.19 49.98
N GLU C 81 11.26 -28.54 51.09
CA GLU C 81 11.70 -27.56 52.07
C GLU C 81 12.50 -26.43 51.42
N LYS C 82 13.41 -26.79 50.52
CA LYS C 82 14.23 -25.80 49.82
C LYS C 82 13.53 -25.22 48.59
N LYS C 83 12.71 -26.04 47.93
CA LYS C 83 12.02 -25.61 46.73
C LYS C 83 10.99 -24.51 46.92
N VAL C 84 10.13 -24.65 47.92
CA VAL C 84 9.10 -23.65 48.19
C VAL C 84 9.69 -22.25 48.32
N PRO C 85 10.73 -22.09 49.13
CA PRO C 85 11.33 -20.75 49.28
C PRO C 85 11.89 -20.25 47.95
N LEU C 86 12.52 -21.15 47.19
CA LEU C 86 13.12 -20.80 45.91
C LEU C 86 12.09 -20.29 44.89
N LEU C 87 10.93 -20.95 44.83
CA LEU C 87 9.88 -20.55 43.89
C LEU C 87 9.19 -19.25 44.30
N HIS C 88 9.00 -19.06 45.61
CA HIS C 88 8.34 -17.87 46.11
C HIS C 88 9.21 -16.64 45.93
N ASN C 89 10.51 -16.81 46.19
CA ASN C 89 11.46 -15.71 46.12
C ASN C 89 12.20 -15.57 44.80
N PHE C 90 11.91 -16.41 43.82
CA PHE C 90 12.61 -16.35 42.56
C PHE C 90 12.57 -14.95 41.96
N HIS C 91 11.39 -14.36 41.90
CA HIS C 91 11.25 -13.04 41.32
C HIS C 91 12.21 -12.01 41.94
N SER C 92 12.50 -12.16 43.22
CA SER C 92 13.41 -11.22 43.90
C SER C 92 14.87 -11.50 43.59
N PHE C 93 15.17 -12.71 43.12
CA PHE C 93 16.56 -13.05 42.78
C PHE C 93 16.99 -12.24 41.56
N LEU C 94 16.00 -11.79 40.78
CA LEU C 94 16.27 -10.99 39.59
C LEU C 94 16.97 -9.69 39.95
N TYR C 95 16.79 -9.25 41.20
CA TYR C 95 17.38 -8.01 41.67
C TYR C 95 18.66 -8.20 42.45
N GLN C 96 18.96 -9.44 42.84
CA GLN C 96 20.16 -9.75 43.60
C GLN C 96 21.30 -10.21 42.69
N PRO C 97 22.15 -9.26 42.29
CA PRO C 97 23.33 -9.41 41.42
C PRO C 97 24.14 -10.70 41.50
N ASP C 98 24.33 -11.20 42.72
CA ASP C 98 25.15 -12.39 42.89
C ASP C 98 24.39 -13.68 43.14
N TRP C 99 23.06 -13.63 43.16
CA TRP C 99 22.33 -14.87 43.41
C TRP C 99 22.53 -15.87 42.29
N ARG C 100 22.54 -17.13 42.65
CA ARG C 100 22.70 -18.22 41.69
C ARG C 100 22.49 -19.52 42.46
N PHE C 101 22.18 -20.59 41.75
CA PHE C 101 21.94 -21.89 42.38
C PHE C 101 22.93 -22.87 41.77
N MET C 102 23.61 -23.65 42.60
CA MET C 102 24.59 -24.61 42.11
C MET C 102 24.30 -26.09 42.39
N GLU C 103 23.10 -26.42 42.86
CA GLU C 103 22.77 -27.81 43.15
C GLU C 103 21.82 -28.53 42.19
N SER C 104 21.46 -27.88 41.09
CA SER C 104 20.54 -28.53 40.14
C SER C 104 21.23 -29.64 39.37
N LYS C 105 20.46 -30.67 39.03
CA LYS C 105 20.98 -31.81 38.29
C LYS C 105 20.26 -31.87 36.95
N GLU C 106 19.35 -30.93 36.73
CA GLU C 106 18.58 -30.88 35.49
C GLU C 106 19.46 -30.51 34.30
N LYS C 107 19.03 -30.89 33.11
CA LYS C 107 19.81 -30.61 31.92
C LYS C 107 20.16 -29.13 31.70
N ASP C 108 19.25 -28.23 32.02
CA ASP C 108 19.48 -26.79 31.80
C ASP C 108 20.05 -26.03 32.99
N ARG C 109 20.59 -26.74 33.97
CA ARG C 109 21.13 -26.10 35.16
C ARG C 109 22.05 -24.90 34.90
N GLN C 110 22.63 -24.84 33.71
CA GLN C 110 23.54 -23.75 33.36
C GLN C 110 22.95 -22.34 33.52
N VAL C 111 21.65 -22.18 33.27
CA VAL C 111 21.02 -20.86 33.44
C VAL C 111 20.91 -20.50 34.93
N LEU C 112 20.92 -21.51 35.79
CA LEU C 112 20.83 -21.29 37.24
C LEU C 112 22.21 -21.00 37.82
N GLU C 113 23.21 -21.78 37.41
CA GLU C 113 24.56 -21.61 37.91
C GLU C 113 25.13 -20.26 37.46
N ASP C 114 24.70 -19.79 36.28
CA ASP C 114 25.17 -18.52 35.75
C ASP C 114 24.05 -17.49 35.76
N PHE C 115 23.14 -17.62 36.71
CA PHE C 115 22.01 -16.70 36.79
C PHE C 115 22.42 -15.23 36.86
N PRO C 116 23.58 -14.93 37.50
CA PRO C 116 23.99 -13.52 37.58
C PRO C 116 24.10 -12.86 36.21
N THR C 117 24.59 -13.60 35.23
CA THR C 117 24.72 -13.06 33.88
C THR C 117 23.35 -12.70 33.32
N ILE C 118 22.38 -13.60 33.53
CA ILE C 118 21.03 -13.38 33.04
C ILE C 118 20.32 -12.28 33.82
N SER C 119 20.48 -12.28 35.14
CA SER C 119 19.83 -11.27 35.96
C SER C 119 20.41 -9.89 35.64
N LEU C 120 21.68 -9.87 35.27
CA LEU C 120 22.34 -8.62 34.94
C LEU C 120 21.67 -7.99 33.72
N GLU C 121 21.39 -8.83 32.71
CA GLU C 121 20.73 -8.34 31.50
C GLU C 121 19.28 -7.97 31.80
N PHE C 122 18.68 -8.66 32.76
CA PHE C 122 17.31 -8.34 33.11
C PHE C 122 17.24 -6.91 33.61
N ARG C 123 18.20 -6.53 34.46
CA ARG C 123 18.23 -5.19 35.03
C ARG C 123 18.57 -4.11 34.00
N ASN C 124 19.02 -4.53 32.83
CA ASN C 124 19.36 -3.58 31.77
C ASN C 124 18.16 -3.24 30.91
N LEU C 125 17.11 -4.04 31.01
CA LEU C 125 15.90 -3.80 30.24
C LEU C 125 15.21 -2.54 30.75
N ALA C 126 14.44 -1.88 29.89
CA ALA C 126 13.72 -0.69 30.30
C ALA C 126 12.87 -1.08 31.51
N GLU C 127 12.76 -0.18 32.48
CA GLU C 127 11.99 -0.45 33.68
C GLU C 127 10.62 -1.07 33.40
N LYS C 128 9.94 -0.56 32.38
CA LYS C 128 8.61 -1.07 32.04
C LYS C 128 8.55 -2.56 31.74
N TYR C 129 9.60 -3.12 31.15
CA TYR C 129 9.60 -4.55 30.86
C TYR C 129 9.93 -5.33 32.12
N GLN C 130 10.71 -4.71 33.00
CA GLN C 130 11.09 -5.35 34.25
C GLN C 130 9.86 -5.61 35.10
N THR C 131 8.96 -4.63 35.16
CA THR C 131 7.74 -4.75 35.93
C THR C 131 6.97 -5.99 35.51
N VAL C 132 6.75 -6.14 34.22
CA VAL C 132 6.01 -7.29 33.68
C VAL C 132 6.70 -8.61 33.97
N ILE C 133 8.00 -8.69 33.68
CA ILE C 133 8.75 -9.91 33.90
C ILE C 133 8.75 -10.34 35.35
N ALA C 134 9.09 -9.43 36.25
CA ALA C 134 9.11 -9.75 37.68
C ALA C 134 7.73 -10.16 38.18
N ASP C 135 6.71 -9.40 37.80
CA ASP C 135 5.34 -9.70 38.22
C ASP C 135 4.92 -11.13 37.85
N ILE C 136 5.24 -11.54 36.64
CA ILE C 136 4.88 -12.86 36.16
C ILE C 136 5.67 -13.94 36.91
N CYS C 137 6.96 -13.71 37.15
CA CYS C 137 7.79 -14.68 37.88
C CYS C 137 7.28 -14.87 39.30
N ARG C 138 6.89 -13.76 39.91
CA ARG C 138 6.38 -13.77 41.27
C ARG C 138 5.11 -14.62 41.34
N ARG C 139 4.14 -14.30 40.49
CA ARG C 139 2.87 -15.03 40.46
C ARG C 139 3.04 -16.48 40.04
N MET C 140 3.96 -16.72 39.11
CA MET C 140 4.19 -18.08 38.64
C MET C 140 4.83 -18.92 39.74
N GLY C 141 5.83 -18.36 40.41
CA GLY C 141 6.49 -19.08 41.50
C GLY C 141 5.51 -19.46 42.59
N ILE C 142 4.67 -18.51 42.98
CA ILE C 142 3.66 -18.78 44.00
C ILE C 142 2.80 -19.92 43.50
N GLY C 143 2.39 -19.85 42.22
CA GLY C 143 1.55 -20.88 41.64
C GLY C 143 2.18 -22.26 41.63
N MET C 144 3.45 -22.33 41.23
CA MET C 144 4.13 -23.63 41.17
C MET C 144 4.31 -24.22 42.56
N ALA C 145 4.50 -23.37 43.56
CA ALA C 145 4.66 -23.82 44.93
C ALA C 145 3.38 -24.50 45.41
N GLU C 146 2.24 -23.93 45.03
CA GLU C 146 0.95 -24.45 45.41
C GLU C 146 0.69 -25.87 44.90
N PHE C 147 1.25 -26.21 43.74
CA PHE C 147 1.04 -27.54 43.18
C PHE C 147 2.14 -28.57 43.45
N LEU C 148 3.06 -28.24 44.34
CA LEU C 148 4.13 -29.15 44.68
C LEU C 148 3.64 -30.34 45.50
N ASP C 149 2.54 -30.14 46.23
CA ASP C 149 2.00 -31.20 47.08
C ASP C 149 0.66 -31.78 46.62
N LYS C 150 0.24 -31.49 45.40
CA LYS C 150 -1.02 -32.02 44.93
C LYS C 150 -1.00 -32.30 43.44
N HIS C 151 -2.02 -32.99 42.97
CA HIS C 151 -2.16 -33.33 41.56
C HIS C 151 -3.34 -32.51 41.07
N VAL C 152 -3.56 -32.46 39.76
CA VAL C 152 -4.67 -31.72 39.22
C VAL C 152 -5.90 -32.61 39.38
N THR C 153 -6.95 -32.08 40.00
CA THR C 153 -8.16 -32.87 40.21
C THR C 153 -9.27 -32.48 39.23
N SER C 154 -9.97 -31.40 39.54
CA SER C 154 -11.06 -30.94 38.69
C SER C 154 -10.54 -30.25 37.43
N GLU C 155 -11.43 -30.02 36.47
CA GLU C 155 -11.04 -29.34 35.24
C GLU C 155 -10.74 -27.89 35.59
N GLN C 156 -11.36 -27.40 36.66
CA GLN C 156 -11.13 -26.04 37.11
C GLN C 156 -9.70 -25.91 37.61
N GLU C 157 -9.22 -26.96 38.29
CA GLU C 157 -7.85 -26.97 38.80
C GLU C 157 -6.89 -27.10 37.63
N TRP C 158 -7.36 -27.75 36.57
CA TRP C 158 -6.53 -27.93 35.38
C TRP C 158 -6.27 -26.57 34.76
N ASP C 159 -7.30 -25.74 34.66
CA ASP C 159 -7.13 -24.40 34.11
C ASP C 159 -6.22 -23.60 35.02
N LYS C 160 -6.41 -23.73 36.33
CA LYS C 160 -5.59 -23.01 37.29
C LYS C 160 -4.12 -23.38 37.15
N TYR C 161 -3.83 -24.68 37.02
CA TYR C 161 -2.46 -25.13 36.86
C TYR C 161 -1.84 -24.59 35.59
N CYS C 162 -2.55 -24.74 34.47
CA CYS C 162 -2.04 -24.25 33.19
C CYS C 162 -1.86 -22.74 33.22
N HIS C 163 -2.69 -22.07 34.02
CA HIS C 163 -2.59 -20.63 34.15
C HIS C 163 -1.21 -20.29 34.71
N TYR C 164 -0.85 -20.97 35.79
CA TYR C 164 0.42 -20.75 36.46
C TYR C 164 1.66 -21.09 35.63
N VAL C 165 1.62 -22.15 34.84
CA VAL C 165 2.80 -22.53 34.07
C VAL C 165 2.82 -22.08 32.60
N ALA C 166 1.68 -21.63 32.08
CA ALA C 166 1.61 -21.20 30.68
C ALA C 166 0.75 -19.95 30.46
N GLY C 167 -0.42 -19.93 31.09
CA GLY C 167 -1.31 -18.79 30.95
C GLY C 167 -0.60 -17.48 31.24
N LEU C 168 0.02 -17.39 32.41
CA LEU C 168 0.75 -16.20 32.81
C LEU C 168 1.83 -15.84 31.80
N VAL C 169 2.42 -16.85 31.17
CA VAL C 169 3.45 -16.62 30.16
C VAL C 169 2.84 -15.88 28.98
N GLY C 170 1.59 -16.22 28.66
CA GLY C 170 0.91 -15.55 27.56
C GLY C 170 0.59 -14.12 27.95
N ILE C 171 0.15 -13.94 29.19
CA ILE C 171 -0.20 -12.63 29.72
C ILE C 171 1.07 -11.77 29.76
N GLY C 172 2.16 -12.38 30.21
CA GLY C 172 3.42 -11.68 30.29
C GLY C 172 3.85 -11.15 28.93
N LEU C 173 3.95 -12.06 27.96
CA LEU C 173 4.34 -11.70 26.61
C LEU C 173 3.44 -10.62 26.02
N SER C 174 2.14 -10.79 26.19
CA SER C 174 1.18 -9.82 25.68
C SER C 174 1.46 -8.44 26.26
N ARG C 175 1.66 -8.38 27.57
CA ARG C 175 1.94 -7.11 28.22
C ARG C 175 3.23 -6.51 27.72
N LEU C 176 4.17 -7.37 27.32
CA LEU C 176 5.45 -6.89 26.81
C LEU C 176 5.22 -6.29 25.43
N PHE C 177 4.42 -6.97 24.61
CA PHE C 177 4.13 -6.49 23.27
C PHE C 177 3.51 -5.09 23.31
N SER C 178 2.53 -4.89 24.18
CA SER C 178 1.88 -3.59 24.32
C SER C 178 2.81 -2.54 24.91
N ALA C 179 3.58 -2.93 25.91
CA ALA C 179 4.51 -2.02 26.55
C ALA C 179 5.49 -1.46 25.52
N SER C 180 5.96 -2.33 24.63
CA SER C 180 6.90 -1.93 23.58
C SER C 180 6.22 -1.06 22.52
N GLU C 181 4.88 -1.06 22.49
CA GLU C 181 4.10 -0.28 21.53
C GLU C 181 4.04 -0.87 20.13
N PHE C 182 4.68 -2.01 19.92
CA PHE C 182 4.65 -2.65 18.61
C PHE C 182 3.25 -3.26 18.39
N GLU C 183 2.54 -3.44 19.50
CA GLU C 183 1.18 -3.98 19.45
C GLU C 183 0.24 -3.06 20.24
N ASP C 184 -1.04 -3.10 19.93
CA ASP C 184 -2.03 -2.25 20.59
C ASP C 184 -2.16 -2.52 22.10
N PRO C 185 -2.56 -1.50 22.87
CA PRO C 185 -2.72 -1.65 24.33
C PRO C 185 -3.68 -2.80 24.66
N LEU C 186 -4.70 -2.96 23.83
CA LEU C 186 -5.70 -4.01 24.04
C LEU C 186 -5.06 -5.39 24.17
N VAL C 187 -3.95 -5.60 23.48
CA VAL C 187 -3.26 -6.89 23.53
C VAL C 187 -2.81 -7.26 24.94
N GLY C 188 -2.28 -6.28 25.67
CA GLY C 188 -1.82 -6.54 27.02
C GLY C 188 -2.95 -6.50 28.03
N GLU C 189 -3.97 -5.69 27.75
CA GLU C 189 -5.11 -5.54 28.64
C GLU C 189 -6.01 -6.77 28.72
N ASP C 190 -6.35 -7.35 27.58
CA ASP C 190 -7.24 -8.52 27.54
C ASP C 190 -6.52 -9.78 28.06
N THR C 191 -6.35 -9.85 29.37
CA THR C 191 -5.67 -10.98 30.00
C THR C 191 -6.34 -12.34 29.77
N GLU C 192 -7.66 -12.35 29.56
CA GLU C 192 -8.36 -13.61 29.32
C GLU C 192 -7.92 -14.27 28.02
N ARG C 193 -7.87 -13.48 26.96
CA ARG C 193 -7.45 -13.98 25.66
C ARG C 193 -6.00 -14.45 25.74
N ALA C 194 -5.14 -13.62 26.32
CA ALA C 194 -3.73 -13.97 26.45
C ALA C 194 -3.59 -15.28 27.25
N ASN C 195 -4.43 -15.45 28.27
CA ASN C 195 -4.39 -16.65 29.10
C ASN C 195 -4.72 -17.87 28.25
N SER C 196 -5.78 -17.76 27.44
CA SER C 196 -6.20 -18.86 26.58
C SER C 196 -5.06 -19.34 25.68
N MET C 197 -4.32 -18.39 25.11
CA MET C 197 -3.21 -18.74 24.24
C MET C 197 -2.30 -19.72 24.95
N GLY C 198 -2.02 -19.44 26.22
CA GLY C 198 -1.14 -20.32 26.98
C GLY C 198 -1.81 -21.63 27.36
N LEU C 199 -3.07 -21.55 27.79
CA LEU C 199 -3.80 -22.74 28.22
C LEU C 199 -3.91 -23.74 27.07
N PHE C 200 -4.17 -23.25 25.87
CA PHE C 200 -4.30 -24.14 24.73
C PHE C 200 -2.99 -24.90 24.44
N LEU C 201 -1.87 -24.21 24.52
CA LEU C 201 -0.58 -24.85 24.27
C LEU C 201 -0.25 -25.86 25.37
N GLN C 202 -0.43 -25.45 26.62
CA GLN C 202 -0.13 -26.32 27.75
C GLN C 202 -1.02 -27.56 27.79
N LYS C 203 -2.32 -27.38 27.56
CA LYS C 203 -3.23 -28.52 27.57
C LYS C 203 -2.89 -29.48 26.44
N THR C 204 -2.55 -28.91 25.27
CA THR C 204 -2.18 -29.71 24.11
C THR C 204 -0.94 -30.54 24.42
N ASN C 205 0.07 -29.90 25.01
CA ASN C 205 1.31 -30.58 25.37
C ASN C 205 1.06 -31.67 26.41
N ILE C 206 0.22 -31.36 27.39
CA ILE C 206 -0.10 -32.31 28.46
C ILE C 206 -0.81 -33.54 27.88
N ILE C 207 -1.68 -33.31 26.91
CA ILE C 207 -2.39 -34.41 26.27
C ILE C 207 -1.38 -35.24 25.48
N ARG C 208 -0.59 -34.59 24.65
CA ARG C 208 0.42 -35.26 23.84
C ARG C 208 1.41 -36.09 24.65
N ASP C 209 1.95 -35.50 25.71
CA ASP C 209 2.95 -36.18 26.53
C ASP C 209 2.47 -37.14 27.62
N TYR C 210 1.25 -37.64 27.52
CA TYR C 210 0.74 -38.55 28.54
C TYR C 210 1.73 -39.65 28.93
N LEU C 211 2.21 -40.39 27.93
CA LEU C 211 3.13 -41.48 28.17
C LEU C 211 4.50 -41.05 28.70
N GLU C 212 5.03 -39.97 28.14
CA GLU C 212 6.35 -39.47 28.55
C GLU C 212 6.32 -39.02 30.02
N ASP C 213 5.21 -38.41 30.42
CA ASP C 213 5.07 -37.94 31.79
C ASP C 213 4.82 -39.09 32.75
N GLN C 214 4.04 -40.07 32.32
CA GLN C 214 3.74 -41.21 33.17
C GLN C 214 5.05 -41.92 33.54
N GLN C 215 5.91 -42.11 32.55
CA GLN C 215 7.19 -42.77 32.77
C GLN C 215 8.12 -41.83 33.53
N GLY C 216 7.71 -40.57 33.66
CA GLY C 216 8.53 -39.60 34.37
C GLY C 216 8.11 -39.34 35.81
N GLY C 217 7.06 -40.01 36.27
CA GLY C 217 6.62 -39.81 37.63
C GLY C 217 5.67 -38.65 37.85
N ARG C 218 5.27 -37.96 36.79
CA ARG C 218 4.35 -36.83 36.90
C ARG C 218 2.96 -37.15 36.35
N GLU C 219 1.95 -36.53 36.94
CA GLU C 219 0.58 -36.71 36.52
C GLU C 219 -0.06 -35.34 36.33
N PHE C 220 -0.47 -35.06 35.09
CA PHE C 220 -1.07 -33.77 34.78
C PHE C 220 -2.51 -33.84 34.29
N TRP C 221 -2.94 -35.00 33.81
CA TRP C 221 -4.31 -35.16 33.35
C TRP C 221 -5.22 -35.01 34.57
N PRO C 222 -6.28 -34.20 34.46
CA PRO C 222 -7.21 -33.99 35.57
C PRO C 222 -7.81 -35.28 36.13
N GLN C 223 -7.51 -35.57 37.39
CA GLN C 223 -8.00 -36.77 38.06
C GLN C 223 -9.52 -36.90 38.01
N GLU C 224 -10.24 -35.79 38.11
CA GLU C 224 -11.70 -35.85 38.06
C GLU C 224 -12.22 -36.34 36.72
N VAL C 225 -11.36 -36.31 35.70
CA VAL C 225 -11.77 -36.75 34.37
C VAL C 225 -11.35 -38.20 34.14
N TRP C 226 -10.08 -38.53 34.41
CA TRP C 226 -9.63 -39.89 34.18
C TRP C 226 -10.15 -40.92 35.18
N SER C 227 -10.46 -40.48 36.40
CA SER C 227 -10.97 -41.41 37.41
C SER C 227 -12.31 -41.99 36.97
N ARG C 228 -12.97 -41.32 36.01
CA ARG C 228 -14.25 -41.79 35.51
C ARG C 228 -14.07 -42.84 34.42
N TYR C 229 -12.81 -43.22 34.18
CA TYR C 229 -12.49 -44.21 33.17
C TYR C 229 -11.69 -45.38 33.74
N VAL C 230 -10.71 -45.04 34.56
CA VAL C 230 -9.86 -46.04 35.19
C VAL C 230 -9.71 -45.71 36.67
N LYS C 231 -8.90 -46.50 37.38
CA LYS C 231 -8.69 -46.26 38.81
C LYS C 231 -7.42 -45.46 39.06
N LYS C 232 -6.40 -45.71 38.26
CA LYS C 232 -5.13 -45.00 38.37
C LYS C 232 -4.78 -44.47 36.97
N LEU C 233 -4.25 -43.26 36.90
CA LEU C 233 -3.90 -42.68 35.61
C LEU C 233 -3.01 -43.59 34.78
N GLY C 234 -2.10 -44.29 35.45
CA GLY C 234 -1.19 -45.19 34.75
C GLY C 234 -1.90 -46.32 34.01
N ASP C 235 -3.14 -46.59 34.37
CA ASP C 235 -3.88 -47.66 33.72
C ASP C 235 -4.06 -47.44 32.22
N PHE C 236 -3.96 -46.20 31.76
CA PHE C 236 -4.12 -45.90 30.34
C PHE C 236 -2.97 -46.47 29.50
N ALA C 237 -1.88 -46.79 30.17
CA ALA C 237 -0.71 -47.32 29.47
C ALA C 237 -0.80 -48.81 29.32
N LEU C 238 -1.83 -49.40 29.94
CA LEU C 238 -2.06 -50.83 29.89
C LEU C 238 -2.89 -51.20 28.67
N PRO C 239 -2.26 -51.85 27.70
CA PRO C 239 -2.88 -52.28 26.44
C PRO C 239 -4.35 -52.72 26.54
N GLU C 240 -4.79 -53.21 27.68
CA GLU C 240 -6.18 -53.66 27.83
C GLU C 240 -7.17 -52.53 28.08
N ASN C 241 -6.65 -51.34 28.36
CA ASN C 241 -7.48 -50.17 28.63
C ASN C 241 -7.51 -49.16 27.49
N ILE C 242 -6.85 -49.48 26.38
CA ILE C 242 -6.76 -48.59 25.24
C ILE C 242 -8.05 -47.84 24.89
N ASP C 243 -9.18 -48.54 24.86
CA ASP C 243 -10.45 -47.92 24.50
C ASP C 243 -10.90 -46.82 25.46
N LEU C 244 -10.81 -47.08 26.75
CA LEU C 244 -11.19 -46.09 27.75
C LEU C 244 -10.19 -44.94 27.67
N ALA C 245 -8.92 -45.30 27.50
CA ALA C 245 -7.85 -44.32 27.38
C ALA C 245 -8.15 -43.33 26.26
N VAL C 246 -8.61 -43.83 25.13
CA VAL C 246 -8.93 -42.98 23.99
C VAL C 246 -10.17 -42.12 24.25
N GLN C 247 -11.13 -42.68 24.97
CA GLN C 247 -12.34 -41.92 25.28
C GLN C 247 -12.01 -40.74 26.18
N CYS C 248 -11.02 -40.92 27.04
CA CYS C 248 -10.60 -39.87 27.94
C CYS C 248 -9.83 -38.84 27.12
N LEU C 249 -8.96 -39.34 26.24
CA LEU C 249 -8.16 -38.50 25.38
C LEU C 249 -9.07 -37.54 24.63
N ASN C 250 -10.10 -38.10 24.00
CA ASN C 250 -11.04 -37.30 23.24
C ASN C 250 -11.76 -36.26 24.10
N GLU C 251 -12.10 -36.63 25.34
CA GLU C 251 -12.80 -35.69 26.20
C GLU C 251 -11.91 -34.50 26.52
N LEU C 252 -10.65 -34.76 26.86
CA LEU C 252 -9.72 -33.69 27.18
C LEU C 252 -9.42 -32.82 25.97
N ILE C 253 -9.27 -33.44 24.81
CA ILE C 253 -9.00 -32.70 23.58
C ILE C 253 -10.19 -31.77 23.34
N THR C 254 -11.39 -32.30 23.62
CA THR C 254 -12.62 -31.54 23.45
C THR C 254 -12.60 -30.33 24.39
N ASN C 255 -11.96 -30.50 25.53
CA ASN C 255 -11.85 -29.43 26.52
C ASN C 255 -10.92 -28.35 25.96
N ALA C 256 -9.79 -28.79 25.43
CA ALA C 256 -8.81 -27.88 24.86
C ALA C 256 -9.34 -27.06 23.68
N LEU C 257 -10.18 -27.67 22.85
CA LEU C 257 -10.73 -27.00 21.69
C LEU C 257 -11.47 -25.72 22.04
N HIS C 258 -12.01 -25.65 23.26
CA HIS C 258 -12.75 -24.47 23.69
C HIS C 258 -11.95 -23.18 23.73
N HIS C 259 -10.62 -23.27 23.69
CA HIS C 259 -9.77 -22.08 23.73
C HIS C 259 -9.53 -21.45 22.35
N ILE C 260 -9.86 -22.20 21.30
CA ILE C 260 -9.65 -21.74 19.94
C ILE C 260 -10.31 -20.42 19.58
N PRO C 261 -11.57 -20.20 19.98
CA PRO C 261 -12.17 -18.91 19.62
C PRO C 261 -11.29 -17.76 20.15
N ASP C 262 -10.78 -17.93 21.36
CA ASP C 262 -9.93 -16.91 21.96
C ASP C 262 -8.59 -16.80 21.24
N VAL C 263 -8.04 -17.93 20.81
CA VAL C 263 -6.77 -17.94 20.09
C VAL C 263 -6.94 -17.16 18.78
N ILE C 264 -8.06 -17.38 18.09
CA ILE C 264 -8.34 -16.69 16.85
C ILE C 264 -8.51 -15.20 17.11
N THR C 265 -9.26 -14.86 18.16
CA THR C 265 -9.49 -13.47 18.51
C THR C 265 -8.16 -12.79 18.81
N TYR C 266 -7.35 -13.45 19.62
CA TYR C 266 -6.05 -12.92 19.99
C TYR C 266 -5.17 -12.66 18.76
N LEU C 267 -4.98 -13.69 17.95
CA LEU C 267 -4.14 -13.56 16.76
C LEU C 267 -4.61 -12.49 15.77
N SER C 268 -5.93 -12.35 15.62
CA SER C 268 -6.48 -11.40 14.67
C SER C 268 -6.24 -9.94 15.05
N ARG C 269 -5.85 -9.72 16.31
CA ARG C 269 -5.58 -8.36 16.79
C ARG C 269 -4.13 -7.93 16.58
N LEU C 270 -3.25 -8.89 16.32
CA LEU C 270 -1.83 -8.60 16.12
C LEU C 270 -1.58 -7.84 14.82
N ARG C 271 -0.66 -6.89 14.87
CA ARG C 271 -0.33 -6.06 13.70
C ARG C 271 1.13 -6.13 13.27
N ASN C 272 1.98 -6.61 14.18
CA ASN C 272 3.40 -6.72 13.88
C ASN C 272 3.74 -8.12 13.35
N GLN C 273 4.37 -8.16 12.18
CA GLN C 273 4.73 -9.43 11.55
C GLN C 273 5.63 -10.33 12.40
N SER C 274 6.65 -9.76 13.03
CA SER C 274 7.55 -10.56 13.86
C SER C 274 6.78 -11.15 15.04
N VAL C 275 5.91 -10.35 15.64
CA VAL C 275 5.10 -10.82 16.77
C VAL C 275 4.10 -11.87 16.27
N PHE C 276 3.51 -11.64 15.10
CA PHE C 276 2.53 -12.56 14.55
C PHE C 276 3.11 -13.96 14.35
N ASN C 277 4.33 -14.02 13.80
CA ASN C 277 5.00 -15.29 13.57
C ASN C 277 5.27 -16.01 14.89
N PHE C 278 5.75 -15.27 15.88
CA PHE C 278 6.04 -15.83 17.20
C PHE C 278 4.81 -16.46 17.83
N CYS C 279 3.70 -15.75 17.77
CA CYS C 279 2.45 -16.22 18.37
C CYS C 279 1.69 -17.27 17.57
N ALA C 280 1.60 -17.08 16.27
CA ALA C 280 0.83 -18.00 15.44
C ALA C 280 1.43 -19.38 15.22
N ILE C 281 2.72 -19.43 14.96
CA ILE C 281 3.40 -20.70 14.72
C ILE C 281 3.11 -21.77 15.78
N PRO C 282 3.37 -21.46 17.06
CA PRO C 282 3.11 -22.45 18.11
C PRO C 282 1.65 -22.89 18.15
N GLN C 283 0.74 -21.94 18.01
CA GLN C 283 -0.69 -22.27 18.07
C GLN C 283 -1.09 -23.26 16.97
N VAL C 284 -0.68 -22.99 15.74
CA VAL C 284 -1.01 -23.88 14.63
C VAL C 284 -0.39 -25.26 14.87
N MET C 285 0.79 -25.26 15.48
CA MET C 285 1.49 -26.50 15.76
C MET C 285 0.68 -27.32 16.75
N ALA C 286 0.21 -26.66 17.81
CA ALA C 286 -0.59 -27.32 18.83
C ALA C 286 -1.86 -27.89 18.23
N ILE C 287 -2.49 -27.09 17.37
CA ILE C 287 -3.74 -27.49 16.72
C ILE C 287 -3.55 -28.73 15.82
N ALA C 288 -2.46 -28.77 15.06
CA ALA C 288 -2.20 -29.91 14.20
C ALA C 288 -1.90 -31.10 15.10
N THR C 289 -1.27 -30.82 16.23
CA THR C 289 -0.92 -31.85 17.19
C THR C 289 -2.17 -32.51 17.77
N LEU C 290 -3.15 -31.70 18.16
CA LEU C 290 -4.39 -32.22 18.71
C LEU C 290 -5.18 -33.00 17.66
N ALA C 291 -5.09 -32.54 16.41
CA ALA C 291 -5.79 -33.21 15.32
C ALA C 291 -5.18 -34.59 15.10
N ALA C 292 -3.86 -34.67 15.22
CA ALA C 292 -3.16 -35.93 15.02
C ALA C 292 -3.41 -36.91 16.17
N CYS C 293 -3.66 -36.37 17.36
CA CYS C 293 -3.90 -37.21 18.54
C CYS C 293 -5.35 -37.65 18.65
N TYR C 294 -6.26 -36.87 18.09
CA TYR C 294 -7.67 -37.21 18.21
C TYR C 294 -8.02 -38.64 17.81
N ASN C 295 -8.67 -39.35 18.73
CA ASN C 295 -9.08 -40.73 18.52
C ASN C 295 -7.93 -41.58 18.00
N ASN C 296 -6.71 -41.25 18.40
CA ASN C 296 -5.53 -42.00 17.99
C ASN C 296 -5.02 -42.78 19.19
N GLN C 297 -4.96 -44.10 19.05
CA GLN C 297 -4.50 -44.97 20.14
C GLN C 297 -2.99 -44.84 20.32
N GLN C 298 -2.31 -44.33 19.28
CA GLN C 298 -0.88 -44.16 19.32
C GLN C 298 -0.39 -43.28 20.46
N VAL C 299 -1.27 -42.43 20.98
CA VAL C 299 -0.93 -41.53 22.08
C VAL C 299 -0.43 -42.29 23.31
N PHE C 300 -0.93 -43.52 23.48
CA PHE C 300 -0.57 -44.32 24.63
C PHE C 300 0.53 -45.35 24.36
N LYS C 301 1.06 -45.37 23.14
CA LYS C 301 2.11 -46.32 22.79
C LYS C 301 3.45 -45.65 22.49
N GLY C 302 3.40 -44.38 22.10
CA GLY C 302 4.62 -43.65 21.78
C GLY C 302 4.37 -42.23 21.35
N ALA C 303 5.24 -41.70 20.48
CA ALA C 303 5.10 -40.33 20.00
C ALA C 303 4.16 -40.27 18.80
N VAL C 304 3.47 -39.15 18.64
CA VAL C 304 2.55 -39.07 17.53
C VAL C 304 2.93 -38.09 16.44
N LEU C 305 2.77 -38.59 15.23
CA LEU C 305 3.01 -37.93 13.95
C LEU C 305 2.26 -36.61 13.76
N ILE C 306 2.97 -35.50 13.54
CA ILE C 306 2.30 -34.22 13.29
C ILE C 306 2.13 -34.08 11.79
N ARG C 307 1.37 -35.01 11.21
CA ARG C 307 1.11 -35.11 9.76
C ARG C 307 1.80 -34.11 8.82
N LEU C 308 0.99 -33.44 8.02
CA LEU C 308 1.47 -32.45 7.05
C LEU C 308 0.28 -31.56 6.65
N GLY C 309 -0.87 -32.19 6.42
CA GLY C 309 -2.07 -31.46 6.04
C GLY C 309 -2.76 -31.93 4.76
N GLN C 310 -3.78 -31.18 4.34
CA GLN C 310 -4.52 -31.51 3.12
C GLN C 310 -3.86 -30.67 2.03
N ALA C 311 -4.54 -30.45 0.90
CA ALA C 311 -3.97 -29.67 -0.20
C ALA C 311 -4.08 -28.17 0.08
N VAL C 312 -5.22 -27.73 0.59
CA VAL C 312 -5.43 -26.32 0.89
C VAL C 312 -4.38 -25.75 1.83
N THR C 313 -3.93 -26.56 2.77
CA THR C 313 -2.92 -26.12 3.73
C THR C 313 -1.49 -26.19 3.19
N LEU C 314 -1.21 -27.18 2.34
CA LEU C 314 0.11 -27.34 1.77
C LEU C 314 0.53 -26.12 0.96
N MET C 315 -0.43 -25.27 0.64
CA MET C 315 -0.15 -24.08 -0.15
C MET C 315 -0.14 -22.82 0.71
N MET C 316 -0.35 -23.00 2.01
CA MET C 316 -0.38 -21.87 2.92
C MET C 316 0.58 -22.08 4.09
N ASP C 317 1.14 -20.99 4.57
CA ASP C 317 2.05 -21.02 5.71
C ASP C 317 1.32 -20.18 6.75
N ALA C 318 1.77 -20.24 7.99
CA ALA C 318 1.09 -19.50 9.05
C ALA C 318 1.62 -18.09 9.26
N THR C 319 1.65 -17.28 8.21
CA THR C 319 2.18 -15.93 8.35
C THR C 319 1.23 -14.75 8.12
N ASN C 320 -0.02 -15.02 7.78
CA ASN C 320 -1.02 -13.97 7.61
C ASN C 320 -2.27 -14.50 8.29
N MET C 321 -3.02 -13.62 8.97
CA MET C 321 -4.20 -14.06 9.69
C MET C 321 -5.16 -14.95 8.90
N PRO C 322 -5.56 -14.52 7.69
CA PRO C 322 -6.47 -15.33 6.88
C PRO C 322 -6.01 -16.76 6.70
N ALA C 323 -4.74 -16.93 6.36
CA ALA C 323 -4.17 -18.27 6.15
C ALA C 323 -4.26 -19.07 7.44
N VAL C 324 -3.92 -18.44 8.55
CA VAL C 324 -3.95 -19.10 9.86
C VAL C 324 -5.36 -19.58 10.18
N LYS C 325 -6.36 -18.77 9.87
CA LYS C 325 -7.76 -19.15 10.11
C LYS C 325 -8.07 -20.41 9.30
N ALA C 326 -7.71 -20.38 8.01
CA ALA C 326 -7.95 -21.50 7.11
C ALA C 326 -7.27 -22.77 7.59
N ILE C 327 -6.01 -22.65 8.03
CA ILE C 327 -5.27 -23.80 8.52
C ILE C 327 -5.96 -24.35 9.76
N ILE C 328 -6.38 -23.44 10.64
CA ILE C 328 -7.05 -23.85 11.87
C ILE C 328 -8.39 -24.52 11.55
N TYR C 329 -9.17 -23.93 10.65
CA TYR C 329 -10.45 -24.51 10.27
C TYR C 329 -10.26 -25.89 9.64
N GLN C 330 -9.20 -26.04 8.87
CA GLN C 330 -8.91 -27.31 8.21
C GLN C 330 -8.64 -28.41 9.24
N TYR C 331 -7.79 -28.11 10.22
CA TYR C 331 -7.49 -29.08 11.27
C TYR C 331 -8.73 -29.38 12.08
N MET C 332 -9.65 -28.43 12.15
CA MET C 332 -10.88 -28.65 12.89
C MET C 332 -11.73 -29.70 12.19
N GLU C 333 -11.72 -29.67 10.86
CA GLU C 333 -12.49 -30.63 10.10
C GLU C 333 -11.86 -32.01 10.18
N GLU C 334 -10.53 -32.04 10.21
CA GLU C 334 -9.81 -33.30 10.30
C GLU C 334 -10.32 -34.04 11.52
N ILE C 335 -10.53 -33.31 12.61
CA ILE C 335 -11.03 -33.90 13.85
C ILE C 335 -12.51 -34.27 13.70
N TYR C 336 -13.28 -33.36 13.12
CA TYR C 336 -14.72 -33.57 12.94
C TYR C 336 -15.01 -34.82 12.09
N HIS C 337 -14.18 -35.08 11.10
CA HIS C 337 -14.38 -36.23 10.24
C HIS C 337 -14.19 -37.56 10.96
N ARG C 338 -13.40 -37.57 12.02
CA ARG C 338 -13.10 -38.78 12.76
C ARG C 338 -13.91 -39.00 14.04
N ILE C 339 -14.82 -38.08 14.34
CA ILE C 339 -15.63 -38.23 15.55
C ILE C 339 -16.56 -39.44 15.46
N PRO C 340 -16.27 -40.52 16.20
CA PRO C 340 -17.09 -41.73 16.19
C PRO C 340 -18.39 -41.45 16.95
N ASP C 341 -19.51 -41.91 16.44
CA ASP C 341 -20.77 -41.68 17.11
C ASP C 341 -20.83 -42.35 18.49
N SER C 342 -20.05 -43.39 18.70
CA SER C 342 -20.08 -44.12 19.96
C SER C 342 -19.30 -43.42 21.05
N ASN C 343 -18.46 -42.46 20.66
CA ASN C 343 -17.67 -41.73 21.64
C ASN C 343 -18.61 -40.91 22.50
N PRO C 344 -18.45 -41.00 23.84
CA PRO C 344 -19.31 -40.25 24.79
C PRO C 344 -19.18 -38.74 24.71
N SER C 345 -18.14 -38.26 24.03
CA SER C 345 -17.91 -36.82 23.91
C SER C 345 -18.24 -36.35 22.51
N SER C 346 -18.57 -37.30 21.64
CA SER C 346 -18.87 -37.00 20.25
C SER C 346 -19.76 -35.77 20.06
N SER C 347 -20.86 -35.72 20.79
CA SER C 347 -21.77 -34.60 20.68
C SER C 347 -21.12 -33.30 21.12
N LYS C 348 -20.38 -33.35 22.22
CA LYS C 348 -19.71 -32.15 22.71
C LYS C 348 -18.64 -31.69 21.73
N THR C 349 -17.90 -32.63 21.16
CA THR C 349 -16.85 -32.30 20.22
C THR C 349 -17.42 -31.62 18.98
N ARG C 350 -18.52 -32.16 18.46
CA ARG C 350 -19.15 -31.59 17.27
C ARG C 350 -19.63 -30.18 17.61
N GLN C 351 -20.20 -30.04 18.79
CA GLN C 351 -20.73 -28.79 19.29
C GLN C 351 -19.74 -27.63 19.27
N ILE C 352 -18.59 -27.83 19.92
CA ILE C 352 -17.59 -26.78 19.98
C ILE C 352 -16.99 -26.43 18.62
N ILE C 353 -16.77 -27.44 17.78
CA ILE C 353 -16.22 -27.21 16.45
C ILE C 353 -17.22 -26.38 15.65
N SER C 354 -18.49 -26.74 15.77
CA SER C 354 -19.55 -26.04 15.09
C SER C 354 -19.59 -24.55 15.45
N THR C 355 -19.24 -24.24 16.69
CA THR C 355 -19.23 -22.86 17.17
C THR C 355 -18.04 -22.12 16.59
N ILE C 356 -16.91 -22.80 16.47
CA ILE C 356 -15.71 -22.19 15.93
C ILE C 356 -15.89 -21.85 14.45
N ARG C 357 -16.65 -22.69 13.74
CA ARG C 357 -16.91 -22.49 12.31
C ARG C 357 -17.83 -21.30 12.09
N THR C 358 -18.88 -21.22 12.90
CA THR C 358 -19.88 -20.18 12.78
C THR C 358 -19.48 -18.79 13.26
N GLN C 359 -18.48 -18.70 14.13
CA GLN C 359 -18.05 -17.39 14.63
C GLN C 359 -17.24 -16.67 13.55
N LEU D 26 21.11 11.06 -18.84
CA LEU D 26 22.33 10.47 -19.38
C LEU D 26 22.52 10.77 -20.86
N SER D 27 21.75 10.08 -21.71
CA SER D 27 21.85 10.28 -23.15
C SER D 27 21.35 11.67 -23.51
N SER D 28 22.09 12.38 -24.35
CA SER D 28 21.72 13.73 -24.76
C SER D 28 20.49 13.75 -25.66
N SER D 29 20.24 12.66 -26.36
CA SER D 29 19.08 12.59 -27.25
C SER D 29 17.80 12.56 -26.41
N LEU D 30 17.85 11.89 -25.27
CA LEU D 30 16.69 11.85 -24.40
C LEU D 30 16.58 13.22 -23.74
N LYS D 31 17.72 13.80 -23.38
CA LYS D 31 17.74 15.11 -22.77
C LYS D 31 17.12 16.09 -23.76
N THR D 32 17.52 15.97 -25.02
CA THR D 32 17.00 16.84 -26.06
C THR D 32 15.48 16.68 -26.20
N CYS D 33 15.01 15.43 -26.10
CA CYS D 33 13.57 15.16 -26.20
C CYS D 33 12.79 15.90 -25.12
N TYR D 34 13.30 15.85 -23.89
CA TYR D 34 12.64 16.53 -22.79
C TYR D 34 12.76 18.02 -22.97
N LYS D 35 13.77 18.46 -23.71
CA LYS D 35 13.93 19.88 -23.96
C LYS D 35 12.79 20.30 -24.88
N TYR D 36 12.53 19.49 -25.91
CA TYR D 36 11.44 19.76 -26.86
C TYR D 36 10.07 19.63 -26.21
N LEU D 37 9.95 18.70 -25.26
CA LEU D 37 8.68 18.48 -24.57
C LEU D 37 8.26 19.75 -23.83
N ASN D 38 9.25 20.49 -23.33
CA ASN D 38 9.00 21.72 -22.60
C ASN D 38 8.76 22.93 -23.50
N GLN D 39 9.35 22.92 -24.70
CA GLN D 39 9.18 24.03 -25.62
C GLN D 39 7.83 23.98 -26.32
N THR D 40 7.29 22.78 -26.49
CA THR D 40 6.03 22.58 -27.18
C THR D 40 4.79 22.34 -26.34
N SER D 41 4.95 22.22 -25.02
CA SER D 41 3.79 21.96 -24.16
C SER D 41 3.72 22.81 -22.90
N ARG D 42 2.72 23.69 -22.84
CA ARG D 42 2.55 24.52 -21.66
C ARG D 42 1.91 23.71 -20.54
N SER D 43 0.73 23.16 -20.82
CA SER D 43 -0.06 22.40 -19.85
C SER D 43 0.11 20.87 -19.72
N PHE D 44 1.21 20.31 -20.18
CA PHE D 44 1.39 18.87 -20.06
C PHE D 44 2.79 18.46 -19.62
N ALA D 45 3.78 19.25 -20.03
CA ALA D 45 5.18 18.95 -19.71
C ALA D 45 5.45 18.60 -18.26
N ALA D 46 4.89 19.40 -17.34
CA ALA D 46 5.08 19.19 -15.92
C ALA D 46 4.50 17.87 -15.42
N VAL D 47 3.24 17.58 -15.75
CA VAL D 47 2.62 16.34 -15.31
C VAL D 47 3.19 15.12 -16.02
N ILE D 48 3.67 15.31 -17.25
CA ILE D 48 4.24 14.21 -18.00
C ILE D 48 5.55 13.78 -17.33
N GLN D 49 6.38 14.76 -17.02
CA GLN D 49 7.66 14.50 -16.38
C GLN D 49 7.47 13.94 -14.97
N ALA D 50 6.25 14.09 -14.44
CA ALA D 50 5.93 13.60 -13.11
C ALA D 50 5.42 12.15 -13.11
N LEU D 51 5.26 11.56 -14.30
CA LEU D 51 4.77 10.18 -14.40
C LEU D 51 5.74 9.13 -13.86
N ASP D 52 5.21 8.13 -13.17
CA ASP D 52 6.07 7.07 -12.61
C ASP D 52 6.82 6.24 -13.64
N GLY D 53 8.02 5.82 -13.25
CA GLY D 53 8.87 4.97 -14.08
C GLY D 53 8.75 4.99 -15.59
N GLU D 54 8.47 3.81 -16.17
CA GLU D 54 8.36 3.66 -17.63
C GLU D 54 7.45 4.64 -18.38
N MET D 55 6.31 4.97 -17.79
CA MET D 55 5.37 5.88 -18.45
C MET D 55 5.98 7.22 -18.81
N ARG D 56 7.01 7.63 -18.06
CA ARG D 56 7.64 8.92 -18.29
C ARG D 56 8.14 9.13 -19.72
N ASN D 57 9.07 8.29 -20.15
CA ASN D 57 9.63 8.39 -21.49
C ASN D 57 8.61 8.05 -22.58
N ALA D 58 7.81 7.02 -22.32
CA ALA D 58 6.79 6.61 -23.27
C ALA D 58 5.87 7.77 -23.63
N VAL D 59 5.24 8.36 -22.62
CA VAL D 59 4.33 9.49 -22.85
C VAL D 59 5.07 10.71 -23.41
N CYS D 60 6.30 10.91 -22.97
CA CYS D 60 7.10 12.02 -23.47
C CYS D 60 7.31 11.91 -24.98
N ILE D 61 7.74 10.73 -25.41
CA ILE D 61 7.99 10.46 -26.82
C ILE D 61 6.68 10.49 -27.60
N PHE D 62 5.66 9.83 -27.06
CA PHE D 62 4.35 9.79 -27.70
C PHE D 62 3.91 11.23 -27.97
N TYR D 63 4.09 12.09 -26.98
CA TYR D 63 3.71 13.48 -27.13
C TYR D 63 4.48 14.17 -28.25
N LEU D 64 5.79 13.97 -28.29
CA LEU D 64 6.62 14.58 -29.32
C LEU D 64 6.27 14.17 -30.73
N VAL D 65 6.04 12.88 -30.96
CA VAL D 65 5.70 12.44 -32.30
C VAL D 65 4.34 12.97 -32.73
N LEU D 66 3.38 12.99 -31.79
CA LEU D 66 2.05 13.51 -32.10
C LEU D 66 2.13 15.00 -32.39
N ARG D 67 3.06 15.68 -31.70
CA ARG D 67 3.24 17.11 -31.90
C ARG D 67 3.86 17.31 -33.28
N ALA D 68 4.75 16.41 -33.65
CA ALA D 68 5.40 16.50 -34.96
C ALA D 68 4.37 16.28 -36.06
N LEU D 69 3.51 15.28 -35.86
CA LEU D 69 2.47 14.98 -36.83
C LEU D 69 1.49 16.14 -36.93
N ASP D 70 1.15 16.71 -35.78
CA ASP D 70 0.22 17.82 -35.71
C ASP D 70 0.78 19.04 -36.43
N THR D 71 2.10 19.23 -36.35
CA THR D 71 2.74 20.36 -37.00
C THR D 71 2.70 20.26 -38.52
N LEU D 72 2.85 19.05 -39.05
CA LEU D 72 2.77 18.85 -40.49
C LEU D 72 1.37 19.19 -40.95
N GLU D 73 0.39 18.59 -40.27
CA GLU D 73 -1.02 18.80 -40.57
C GLU D 73 -1.37 20.29 -40.57
N ASP D 74 -0.86 21.01 -39.57
CA ASP D 74 -1.12 22.45 -39.43
C ASP D 74 -0.55 23.31 -40.56
N ASP D 75 0.62 22.94 -41.04
CA ASP D 75 1.32 23.69 -42.08
C ASP D 75 0.61 23.84 -43.42
N MET D 76 -0.01 25.01 -43.64
CA MET D 76 -0.72 25.28 -44.89
C MET D 76 0.26 25.60 -45.99
N THR D 77 1.55 25.62 -45.67
CA THR D 77 2.60 25.90 -46.64
C THR D 77 2.86 24.67 -47.50
N ILE D 78 2.44 23.51 -47.02
CA ILE D 78 2.62 22.25 -47.74
C ILE D 78 1.36 21.96 -48.54
N SER D 79 1.53 21.62 -49.81
CA SER D 79 0.40 21.31 -50.69
C SER D 79 -0.31 20.04 -50.24
N VAL D 80 -1.62 19.98 -50.47
CA VAL D 80 -2.41 18.82 -50.09
C VAL D 80 -1.84 17.49 -50.62
N GLU D 81 -1.52 17.46 -51.91
CA GLU D 81 -0.99 16.24 -52.51
C GLU D 81 0.39 15.82 -51.99
N LYS D 82 1.03 16.70 -51.24
CA LYS D 82 2.34 16.37 -50.69
C LYS D 82 2.14 16.09 -49.21
N LYS D 83 1.18 16.78 -48.61
CA LYS D 83 0.86 16.63 -47.21
C LYS D 83 0.21 15.28 -46.90
N VAL D 84 -0.72 14.86 -47.76
CA VAL D 84 -1.41 13.59 -47.57
C VAL D 84 -0.47 12.40 -47.36
N PRO D 85 0.43 12.16 -48.30
CA PRO D 85 1.36 11.04 -48.17
C PRO D 85 2.17 11.10 -46.87
N LEU D 86 2.58 12.32 -46.50
CA LEU D 86 3.36 12.52 -45.28
C LEU D 86 2.56 12.14 -44.04
N LEU D 87 1.28 12.53 -44.00
CA LEU D 87 0.42 12.21 -42.88
C LEU D 87 0.16 10.71 -42.82
N HIS D 88 -0.04 10.11 -44.00
CA HIS D 88 -0.31 8.67 -44.10
C HIS D 88 0.88 7.82 -43.69
N ASN D 89 2.08 8.26 -44.07
CA ASN D 89 3.30 7.51 -43.78
C ASN D 89 4.09 8.00 -42.58
N PHE D 90 3.54 9.00 -41.87
CA PHE D 90 4.24 9.53 -40.71
C PHE D 90 4.65 8.46 -39.71
N HIS D 91 3.76 7.50 -39.47
CA HIS D 91 4.06 6.43 -38.54
C HIS D 91 5.32 5.67 -38.93
N SER D 92 5.54 5.52 -40.23
CA SER D 92 6.70 4.79 -40.74
C SER D 92 8.02 5.50 -40.51
N PHE D 93 7.99 6.82 -40.39
CA PHE D 93 9.21 7.57 -40.18
C PHE D 93 9.82 7.21 -38.83
N LEU D 94 8.96 6.81 -37.89
CA LEU D 94 9.41 6.44 -36.55
C LEU D 94 10.52 5.39 -36.63
N TYR D 95 10.49 4.58 -37.69
CA TYR D 95 11.48 3.52 -37.88
C TYR D 95 12.65 3.87 -38.78
N GLN D 96 12.58 5.04 -39.42
CA GLN D 96 13.65 5.49 -40.32
C GLN D 96 14.58 6.46 -39.60
N PRO D 97 15.74 5.95 -39.14
CA PRO D 97 16.73 6.75 -38.42
C PRO D 97 17.03 8.14 -39.00
N ASP D 98 17.09 8.23 -40.32
CA ASP D 98 17.43 9.51 -40.97
C ASP D 98 16.27 10.43 -41.36
N TRP D 99 15.04 9.95 -41.32
CA TRP D 99 13.94 10.81 -41.71
C TRP D 99 13.85 12.12 -40.95
N ARG D 100 13.41 13.16 -41.64
CA ARG D 100 13.25 14.49 -41.07
C ARG D 100 12.66 15.43 -42.13
N PHE D 101 11.97 16.47 -41.66
CA PHE D 101 11.35 17.45 -42.55
C PHE D 101 11.98 18.81 -42.28
N MET D 102 12.57 19.42 -43.31
CA MET D 102 13.23 20.72 -43.16
C MET D 102 12.49 21.88 -43.82
N GLU D 103 11.29 21.64 -44.33
CA GLU D 103 10.55 22.71 -45.01
C GLU D 103 9.36 23.34 -44.29
N SER D 104 9.19 23.07 -43.01
CA SER D 104 8.06 23.63 -42.27
C SER D 104 8.33 25.07 -41.82
N LYS D 105 7.26 25.83 -41.63
CA LYS D 105 7.38 27.21 -41.18
C LYS D 105 6.64 27.42 -39.86
N GLU D 106 6.02 26.36 -39.36
CA GLU D 106 5.27 26.42 -38.10
C GLU D 106 6.23 26.70 -36.95
N LYS D 107 5.69 27.15 -35.82
CA LYS D 107 6.50 27.47 -34.66
C LYS D 107 7.26 26.26 -34.11
N ASP D 108 6.57 25.14 -33.94
CA ASP D 108 7.19 23.93 -33.41
C ASP D 108 7.91 23.10 -34.47
N ARG D 109 8.42 23.75 -35.51
CA ARG D 109 9.11 23.04 -36.58
C ARG D 109 10.36 22.29 -36.15
N GLN D 110 10.90 22.65 -34.99
CA GLN D 110 12.12 22.01 -34.51
C GLN D 110 12.03 20.49 -34.33
N VAL D 111 10.86 20.00 -33.94
CA VAL D 111 10.67 18.56 -33.76
C VAL D 111 10.68 17.80 -35.08
N LEU D 112 10.39 18.50 -36.17
CA LEU D 112 10.39 17.87 -37.49
C LEU D 112 11.81 17.90 -38.05
N GLU D 113 12.49 19.01 -37.81
CA GLU D 113 13.87 19.18 -38.29
C GLU D 113 14.83 18.23 -37.59
N ASP D 114 14.58 17.95 -36.31
CA ASP D 114 15.44 17.05 -35.55
C ASP D 114 14.69 15.78 -35.13
N PHE D 115 13.84 15.30 -36.04
CA PHE D 115 13.06 14.10 -35.77
C PHE D 115 13.91 12.85 -35.48
N PRO D 116 15.08 12.73 -36.14
CA PRO D 116 15.93 11.56 -35.89
C PRO D 116 16.21 11.35 -34.40
N THR D 117 16.39 12.46 -33.68
CA THR D 117 16.64 12.39 -32.24
C THR D 117 15.44 11.77 -31.54
N ILE D 118 14.25 12.25 -31.90
CA ILE D 118 13.01 11.77 -31.32
C ILE D 118 12.75 10.30 -31.70
N SER D 119 12.94 9.96 -32.96
CA SER D 119 12.70 8.58 -33.42
C SER D 119 13.69 7.60 -32.80
N LEU D 120 14.92 8.07 -32.58
CA LEU D 120 15.94 7.22 -31.96
C LEU D 120 15.45 6.78 -30.59
N GLU D 121 14.91 7.71 -29.82
CA GLU D 121 14.40 7.42 -28.48
C GLU D 121 13.11 6.60 -28.54
N PHE D 122 12.32 6.81 -29.59
CA PHE D 122 11.11 6.05 -29.76
C PHE D 122 11.52 4.57 -29.90
N ARG D 123 12.53 4.33 -30.73
CA ARG D 123 13.03 2.99 -30.97
C ARG D 123 13.70 2.39 -29.73
N ASN D 124 14.01 3.23 -28.75
CA ASN D 124 14.64 2.75 -27.51
C ASN D 124 13.60 2.35 -26.47
N LEU D 125 12.33 2.63 -26.74
CA LEU D 125 11.27 2.28 -25.81
C LEU D 125 10.98 0.79 -25.94
N ALA D 126 10.35 0.22 -24.91
CA ALA D 126 10.00 -1.19 -24.95
C ALA D 126 9.08 -1.40 -26.15
N GLU D 127 9.19 -2.55 -26.80
CA GLU D 127 8.37 -2.86 -27.96
C GLU D 127 6.86 -2.66 -27.72
N LYS D 128 6.38 -3.05 -26.56
CA LYS D 128 4.96 -2.90 -26.26
C LYS D 128 4.47 -1.46 -26.40
N TYR D 129 5.33 -0.50 -26.11
CA TYR D 129 4.95 0.90 -26.23
C TYR D 129 5.05 1.36 -27.68
N GLN D 130 6.08 0.86 -28.38
CA GLN D 130 6.30 1.19 -29.78
C GLN D 130 5.10 0.88 -30.66
N THR D 131 4.59 -0.34 -30.55
CA THR D 131 3.46 -0.75 -31.36
C THR D 131 2.21 0.08 -31.11
N VAL D 132 2.01 0.48 -29.86
CA VAL D 132 0.84 1.30 -29.52
C VAL D 132 0.99 2.68 -30.17
N ILE D 133 2.15 3.30 -29.98
CA ILE D 133 2.43 4.61 -30.54
C ILE D 133 2.37 4.62 -32.07
N ALA D 134 3.02 3.65 -32.70
CA ALA D 134 3.01 3.57 -34.15
C ALA D 134 1.59 3.38 -34.66
N ASP D 135 0.85 2.50 -34.01
CA ASP D 135 -0.53 2.22 -34.42
C ASP D 135 -1.42 3.46 -34.38
N ILE D 136 -1.30 4.23 -33.31
CA ILE D 136 -2.10 5.45 -33.16
C ILE D 136 -1.69 6.50 -34.19
N CYS D 137 -0.41 6.59 -34.50
CA CYS D 137 0.07 7.57 -35.48
C CYS D 137 -0.41 7.24 -36.89
N ARG D 138 -0.54 5.95 -37.18
CA ARG D 138 -0.99 5.49 -38.48
C ARG D 138 -2.46 5.86 -38.64
N ARG D 139 -3.24 5.57 -37.60
CA ARG D 139 -4.67 5.87 -37.62
C ARG D 139 -4.94 7.36 -37.59
N MET D 140 -4.18 8.10 -36.79
CA MET D 140 -4.38 9.54 -36.69
C MET D 140 -4.08 10.19 -38.03
N GLY D 141 -3.01 9.73 -38.68
CA GLY D 141 -2.65 10.28 -39.97
C GLY D 141 -3.77 10.10 -41.00
N ILE D 142 -4.34 8.91 -41.03
CA ILE D 142 -5.41 8.60 -41.96
C ILE D 142 -6.58 9.56 -41.76
N GLY D 143 -6.97 9.76 -40.51
CA GLY D 143 -8.06 10.65 -40.20
C GLY D 143 -7.74 12.10 -40.51
N MET D 144 -6.51 12.50 -40.21
CA MET D 144 -6.08 13.89 -40.46
C MET D 144 -6.10 14.19 -41.95
N ALA D 145 -5.60 13.25 -42.75
CA ALA D 145 -5.57 13.42 -44.20
C ALA D 145 -6.99 13.56 -44.70
N GLU D 146 -7.87 12.70 -44.18
CA GLU D 146 -9.28 12.68 -44.54
C GLU D 146 -9.99 14.02 -44.35
N PHE D 147 -9.65 14.75 -43.30
CA PHE D 147 -10.30 16.04 -43.04
C PHE D 147 -9.59 17.25 -43.59
N LEU D 148 -8.63 17.05 -44.49
CA LEU D 148 -7.91 18.17 -45.08
C LEU D 148 -8.81 18.96 -46.03
N ASP D 149 -9.56 18.24 -46.86
CA ASP D 149 -10.43 18.87 -47.85
C ASP D 149 -11.89 19.09 -47.45
N LYS D 150 -12.22 18.91 -46.18
CA LYS D 150 -13.58 19.11 -45.74
C LYS D 150 -13.68 19.72 -44.35
N HIS D 151 -14.87 20.24 -44.03
CA HIS D 151 -15.14 20.83 -42.74
C HIS D 151 -16.05 19.86 -42.01
N VAL D 152 -16.32 20.13 -40.74
CA VAL D 152 -17.19 19.25 -39.96
C VAL D 152 -18.66 19.56 -40.26
N THR D 153 -19.35 18.62 -40.89
CA THR D 153 -20.76 18.82 -41.21
C THR D 153 -21.65 18.45 -40.03
N SER D 154 -22.01 17.18 -39.94
CA SER D 154 -22.88 16.70 -38.88
C SER D 154 -22.17 16.59 -37.52
N GLU D 155 -22.95 16.39 -36.46
CA GLU D 155 -22.42 16.25 -35.12
C GLU D 155 -21.67 14.92 -35.06
N GLN D 156 -22.18 13.93 -35.79
CA GLN D 156 -21.57 12.62 -35.82
C GLN D 156 -20.17 12.78 -36.45
N GLU D 157 -20.06 13.72 -37.38
CA GLU D 157 -18.79 14.01 -38.05
C GLU D 157 -17.87 14.73 -37.06
N TRP D 158 -18.48 15.50 -36.16
CA TRP D 158 -17.72 16.23 -35.17
C TRP D 158 -17.02 15.24 -34.24
N ASP D 159 -17.74 14.18 -33.85
CA ASP D 159 -17.17 13.15 -32.99
C ASP D 159 -16.03 12.48 -33.73
N LYS D 160 -16.26 12.21 -35.01
CA LYS D 160 -15.27 11.56 -35.85
C LYS D 160 -13.99 12.38 -35.96
N TYR D 161 -14.12 13.68 -36.19
CA TYR D 161 -12.95 14.55 -36.29
C TYR D 161 -12.22 14.58 -34.94
N CYS D 162 -12.99 14.72 -33.87
CA CYS D 162 -12.41 14.75 -32.53
C CYS D 162 -11.75 13.43 -32.18
N HIS D 163 -12.29 12.34 -32.71
CA HIS D 163 -11.74 11.01 -32.48
C HIS D 163 -10.34 10.98 -33.07
N TYR D 164 -10.24 11.37 -34.34
CA TYR D 164 -8.98 11.38 -35.06
C TYR D 164 -7.86 12.21 -34.44
N VAL D 165 -8.20 13.38 -33.91
CA VAL D 165 -7.18 14.25 -33.34
C VAL D 165 -7.05 14.27 -31.81
N ALA D 166 -8.00 13.67 -31.11
CA ALA D 166 -7.94 13.67 -29.64
C ALA D 166 -8.35 12.34 -29.00
N GLY D 167 -9.45 11.77 -29.47
CA GLY D 167 -9.92 10.51 -28.93
C GLY D 167 -8.85 9.45 -28.97
N LEU D 168 -8.25 9.27 -30.15
CA LEU D 168 -7.19 8.29 -30.33
C LEU D 168 -6.02 8.53 -29.38
N VAL D 169 -5.79 9.78 -28.99
CA VAL D 169 -4.70 10.07 -28.06
C VAL D 169 -5.06 9.52 -26.69
N GLY D 170 -6.35 9.62 -26.35
CA GLY D 170 -6.83 9.12 -25.08
C GLY D 170 -6.71 7.60 -25.06
N ILE D 171 -7.02 6.99 -26.19
CA ILE D 171 -6.95 5.54 -26.37
C ILE D 171 -5.49 5.11 -26.35
N GLY D 172 -4.64 5.86 -27.03
CA GLY D 172 -3.22 5.54 -27.05
C GLY D 172 -2.61 5.59 -25.66
N LEU D 173 -2.91 6.65 -24.91
CA LEU D 173 -2.38 6.82 -23.55
C LEU D 173 -2.87 5.73 -22.60
N SER D 174 -4.14 5.36 -22.72
CA SER D 174 -4.72 4.33 -21.88
C SER D 174 -4.03 3.00 -22.12
N ARG D 175 -3.72 2.72 -23.38
CA ARG D 175 -3.04 1.47 -23.73
C ARG D 175 -1.64 1.49 -23.14
N LEU D 176 -1.03 2.65 -23.11
CA LEU D 176 0.31 2.76 -22.55
C LEU D 176 0.23 2.53 -21.05
N PHE D 177 -0.77 3.11 -20.39
CA PHE D 177 -0.92 2.95 -18.95
C PHE D 177 -1.05 1.48 -18.56
N SER D 178 -1.93 0.78 -19.26
CA SER D 178 -2.14 -0.64 -18.99
C SER D 178 -0.89 -1.47 -19.28
N ALA D 179 -0.26 -1.22 -20.42
CA ALA D 179 0.93 -1.96 -20.81
C ALA D 179 2.03 -1.76 -19.78
N SER D 180 2.04 -0.60 -19.12
CA SER D 180 3.04 -0.33 -18.10
C SER D 180 2.67 -1.06 -16.80
N GLU D 181 1.43 -1.53 -16.71
CA GLU D 181 0.94 -2.22 -15.51
C GLU D 181 0.70 -1.31 -14.32
N PHE D 182 0.99 -0.01 -14.49
CA PHE D 182 0.74 0.95 -13.41
C PHE D 182 -0.77 1.14 -13.29
N GLU D 183 -1.50 0.67 -14.30
CA GLU D 183 -2.95 0.78 -14.29
C GLU D 183 -3.57 -0.55 -14.71
N ASP D 184 -4.83 -0.75 -14.34
CA ASP D 184 -5.58 -1.97 -14.64
C ASP D 184 -5.72 -2.24 -16.14
N PRO D 185 -5.81 -3.52 -16.54
CA PRO D 185 -5.96 -3.89 -17.95
C PRO D 185 -7.21 -3.28 -18.59
N LEU D 186 -8.24 -3.08 -17.78
CA LEU D 186 -9.49 -2.51 -18.27
C LEU D 186 -9.34 -1.07 -18.77
N VAL D 187 -8.35 -0.35 -18.23
CA VAL D 187 -8.15 1.02 -18.65
C VAL D 187 -7.80 1.10 -20.13
N GLY D 188 -6.94 0.19 -20.59
CA GLY D 188 -6.55 0.19 -21.99
C GLY D 188 -7.58 -0.49 -22.87
N GLU D 189 -8.36 -1.38 -22.27
CA GLU D 189 -9.40 -2.12 -22.98
C GLU D 189 -10.64 -1.31 -23.32
N ASP D 190 -11.11 -0.53 -22.36
CA ASP D 190 -12.31 0.28 -22.58
C ASP D 190 -11.95 1.50 -23.45
N THR D 191 -11.89 1.28 -24.75
CA THR D 191 -11.55 2.34 -25.68
C THR D 191 -12.62 3.41 -25.76
N GLU D 192 -13.86 3.06 -25.46
CA GLU D 192 -14.95 4.03 -25.50
C GLU D 192 -14.72 5.13 -24.47
N ARG D 193 -14.48 4.74 -23.23
CA ARG D 193 -14.24 5.69 -22.16
C ARG D 193 -12.97 6.51 -22.44
N ALA D 194 -11.94 5.83 -22.95
CA ALA D 194 -10.69 6.52 -23.29
C ALA D 194 -11.00 7.57 -24.36
N ASN D 195 -11.78 7.17 -25.35
CA ASN D 195 -12.16 8.04 -26.45
C ASN D 195 -12.86 9.29 -25.92
N SER D 196 -13.82 9.10 -25.02
CA SER D 196 -14.56 10.22 -24.43
C SER D 196 -13.66 11.24 -23.76
N MET D 197 -12.60 10.76 -23.10
CA MET D 197 -11.64 11.65 -22.44
C MET D 197 -11.11 12.63 -23.49
N GLY D 198 -10.78 12.09 -24.66
CA GLY D 198 -10.26 12.91 -25.74
C GLY D 198 -11.28 13.86 -26.33
N LEU D 199 -12.45 13.32 -26.68
CA LEU D 199 -13.51 14.14 -27.25
C LEU D 199 -13.91 15.30 -26.35
N PHE D 200 -13.94 15.07 -25.04
CA PHE D 200 -14.34 16.13 -24.13
C PHE D 200 -13.37 17.30 -24.17
N LEU D 201 -12.07 17.00 -24.11
CA LEU D 201 -11.05 18.04 -24.16
C LEU D 201 -11.09 18.81 -25.48
N GLN D 202 -11.15 18.08 -26.59
CA GLN D 202 -11.15 18.69 -27.90
C GLN D 202 -12.35 19.58 -28.15
N LYS D 203 -13.55 19.04 -27.94
CA LYS D 203 -14.77 19.81 -28.13
C LYS D 203 -14.68 21.10 -27.32
N THR D 204 -14.30 20.97 -26.06
CA THR D 204 -14.17 22.12 -25.17
C THR D 204 -13.25 23.17 -25.80
N ASN D 205 -12.10 22.73 -26.27
CA ASN D 205 -11.14 23.62 -26.91
C ASN D 205 -11.68 24.25 -28.19
N ILE D 206 -12.44 23.47 -28.94
CA ILE D 206 -13.03 23.96 -30.19
C ILE D 206 -14.09 25.01 -29.88
N ILE D 207 -14.87 24.75 -28.84
CA ILE D 207 -15.90 25.67 -28.42
C ILE D 207 -15.24 26.97 -27.97
N ARG D 208 -14.26 26.84 -27.08
CA ARG D 208 -13.53 27.98 -26.54
C ARG D 208 -12.84 28.83 -27.61
N ASP D 209 -12.12 28.18 -28.52
CA ASP D 209 -11.36 28.88 -29.55
C ASP D 209 -12.11 29.32 -30.81
N TYR D 210 -13.41 29.57 -30.72
CA TYR D 210 -14.17 30.00 -31.88
C TYR D 210 -13.52 31.19 -32.59
N LEU D 211 -13.44 32.32 -31.90
CA LEU D 211 -12.87 33.52 -32.48
C LEU D 211 -11.48 33.29 -33.03
N GLU D 212 -10.61 32.72 -32.22
CA GLU D 212 -9.23 32.47 -32.62
C GLU D 212 -9.18 31.66 -33.93
N ASP D 213 -10.09 30.70 -34.07
CA ASP D 213 -10.11 29.87 -35.27
C ASP D 213 -10.66 30.60 -36.50
N GLN D 214 -11.68 31.44 -36.30
CA GLN D 214 -12.24 32.19 -37.43
C GLN D 214 -11.14 33.02 -38.07
N GLN D 215 -10.43 33.75 -37.21
CA GLN D 215 -9.34 34.62 -37.64
C GLN D 215 -8.14 33.85 -38.19
N GLY D 216 -8.26 32.53 -38.25
CA GLY D 216 -7.18 31.71 -38.76
C GLY D 216 -7.56 30.95 -40.01
N GLY D 217 -8.82 31.10 -40.41
CA GLY D 217 -9.30 30.42 -41.61
C GLY D 217 -9.69 28.96 -41.43
N ARG D 218 -9.85 28.52 -40.19
CA ARG D 218 -10.23 27.14 -39.93
C ARG D 218 -11.62 27.07 -39.29
N GLU D 219 -12.42 26.10 -39.71
CA GLU D 219 -13.77 25.94 -39.19
C GLU D 219 -13.99 24.58 -38.54
N PHE D 220 -14.33 24.58 -37.26
CA PHE D 220 -14.53 23.33 -36.53
C PHE D 220 -15.90 23.09 -35.92
N TRP D 221 -16.72 24.13 -35.80
CA TRP D 221 -18.06 23.94 -35.24
C TRP D 221 -18.87 23.16 -36.27
N PRO D 222 -19.63 22.16 -35.83
CA PRO D 222 -20.42 21.37 -36.78
C PRO D 222 -21.37 22.24 -37.60
N GLN D 223 -21.17 22.25 -38.91
CA GLN D 223 -21.98 23.02 -39.83
C GLN D 223 -23.48 22.74 -39.65
N GLU D 224 -23.85 21.48 -39.46
CA GLU D 224 -25.25 21.13 -39.29
C GLU D 224 -25.84 21.76 -38.04
N VAL D 225 -24.98 22.26 -37.16
CA VAL D 225 -25.45 22.91 -35.94
C VAL D 225 -25.49 24.42 -36.13
N TRP D 226 -24.35 25.02 -36.47
CA TRP D 226 -24.32 26.46 -36.65
C TRP D 226 -25.18 26.94 -37.83
N SER D 227 -25.40 26.07 -38.81
CA SER D 227 -26.19 26.44 -39.97
C SER D 227 -27.65 26.73 -39.62
N ARG D 228 -28.14 26.16 -38.53
CA ARG D 228 -29.52 26.37 -38.10
C ARG D 228 -29.69 27.73 -37.41
N TYR D 229 -28.57 28.45 -37.24
CA TYR D 229 -28.60 29.75 -36.60
C TYR D 229 -28.23 30.88 -37.55
N VAL D 230 -27.20 30.66 -38.35
CA VAL D 230 -26.75 31.66 -39.31
C VAL D 230 -26.46 31.07 -40.69
N LYS D 231 -25.91 31.89 -41.57
CA LYS D 231 -25.58 31.47 -42.93
C LYS D 231 -24.12 31.08 -43.06
N LYS D 232 -23.25 31.85 -42.42
CA LYS D 232 -21.82 31.58 -42.43
C LYS D 232 -21.29 31.57 -41.01
N LEU D 233 -20.54 30.53 -40.67
CA LEU D 233 -19.98 30.41 -39.33
C LEU D 233 -19.35 31.71 -38.87
N GLY D 234 -18.76 32.44 -39.81
CA GLY D 234 -18.13 33.71 -39.47
C GLY D 234 -19.08 34.78 -39.01
N ASP D 235 -20.38 34.52 -39.11
CA ASP D 235 -21.37 35.50 -38.69
C ASP D 235 -21.48 35.64 -37.18
N PHE D 236 -21.24 34.56 -36.44
CA PHE D 236 -21.33 34.65 -34.98
C PHE D 236 -20.38 35.76 -34.52
N ALA D 237 -19.39 36.04 -35.34
CA ALA D 237 -18.43 37.09 -35.03
C ALA D 237 -19.14 38.43 -35.11
N LEU D 238 -20.34 38.43 -35.67
CA LEU D 238 -21.11 39.65 -35.83
C LEU D 238 -21.94 40.03 -34.64
N PRO D 239 -21.65 41.21 -34.08
CA PRO D 239 -22.31 41.81 -32.93
C PRO D 239 -23.80 41.70 -33.05
N GLU D 240 -24.29 41.96 -34.25
CA GLU D 240 -25.72 41.91 -34.55
C GLU D 240 -26.34 40.53 -34.43
N ASN D 241 -25.47 39.52 -34.36
CA ASN D 241 -25.89 38.13 -34.28
C ASN D 241 -25.53 37.46 -32.96
N ILE D 242 -24.96 38.24 -32.04
CA ILE D 242 -24.51 37.71 -30.75
C ILE D 242 -25.48 36.77 -30.04
N ASP D 243 -26.78 37.02 -30.19
CA ASP D 243 -27.77 36.19 -29.51
C ASP D 243 -27.97 34.81 -30.14
N LEU D 244 -27.82 34.72 -31.45
CA LEU D 244 -27.95 33.44 -32.12
C LEU D 244 -26.70 32.67 -31.72
N ALA D 245 -25.58 33.39 -31.69
CA ALA D 245 -24.28 32.85 -31.33
C ALA D 245 -24.32 32.14 -29.98
N VAL D 246 -24.68 32.86 -28.94
CA VAL D 246 -24.76 32.30 -27.59
C VAL D 246 -25.61 31.04 -27.55
N GLN D 247 -26.73 31.05 -28.25
CA GLN D 247 -27.63 29.91 -28.30
C GLN D 247 -26.96 28.69 -28.93
N CYS D 248 -26.17 28.93 -29.98
CA CYS D 248 -25.46 27.86 -30.66
C CYS D 248 -24.35 27.38 -29.72
N LEU D 249 -23.71 28.34 -29.06
CA LEU D 249 -22.64 28.05 -28.12
C LEU D 249 -23.19 27.09 -27.08
N ASN D 250 -24.31 27.49 -26.47
CA ASN D 250 -24.96 26.68 -25.46
C ASN D 250 -25.33 25.29 -25.95
N GLU D 251 -25.74 25.17 -27.21
CA GLU D 251 -26.13 23.86 -27.74
C GLU D 251 -24.91 22.93 -27.80
N LEU D 252 -23.79 23.47 -28.27
CA LEU D 252 -22.58 22.68 -28.39
C LEU D 252 -22.00 22.29 -27.04
N ILE D 253 -22.07 23.19 -26.07
CA ILE D 253 -21.56 22.90 -24.74
C ILE D 253 -22.38 21.75 -24.15
N THR D 254 -23.69 21.79 -24.40
CA THR D 254 -24.59 20.75 -23.91
C THR D 254 -24.22 19.43 -24.56
N ASN D 255 -23.66 19.51 -25.76
CA ASN D 255 -23.23 18.32 -26.49
C ASN D 255 -22.02 17.73 -25.77
N ALA D 256 -21.08 18.61 -25.43
CA ALA D 256 -19.85 18.22 -24.75
C ALA D 256 -20.11 17.63 -23.37
N LEU D 257 -21.03 18.24 -22.62
CA LEU D 257 -21.34 17.78 -21.27
C LEU D 257 -21.76 16.31 -21.23
N HIS D 258 -22.02 15.73 -22.40
CA HIS D 258 -22.45 14.34 -22.47
C HIS D 258 -21.31 13.35 -22.28
N HIS D 259 -20.07 13.82 -22.39
CA HIS D 259 -18.92 12.95 -22.22
C HIS D 259 -18.50 12.86 -20.77
N ILE D 260 -19.04 13.75 -19.94
CA ILE D 260 -18.69 13.79 -18.52
C ILE D 260 -18.96 12.49 -17.76
N PRO D 261 -20.09 11.81 -18.03
CA PRO D 261 -20.32 10.57 -17.27
C PRO D 261 -19.17 9.60 -17.55
N ASP D 262 -18.74 9.55 -18.81
CA ASP D 262 -17.64 8.67 -19.19
C ASP D 262 -16.33 9.15 -18.58
N VAL D 263 -16.15 10.46 -18.52
CA VAL D 263 -14.94 11.03 -17.95
C VAL D 263 -14.84 10.62 -16.48
N ILE D 264 -15.97 10.62 -15.80
CA ILE D 264 -16.01 10.23 -14.39
C ILE D 264 -15.76 8.72 -14.24
N THR D 265 -16.30 7.95 -15.18
CA THR D 265 -16.11 6.50 -15.14
C THR D 265 -14.63 6.22 -15.33
N TYR D 266 -14.04 6.89 -16.31
CA TYR D 266 -12.62 6.71 -16.62
C TYR D 266 -11.73 7.05 -15.43
N LEU D 267 -11.83 8.28 -14.93
CA LEU D 267 -11.02 8.71 -13.81
C LEU D 267 -11.19 7.84 -12.57
N SER D 268 -12.38 7.28 -12.39
CA SER D 268 -12.66 6.43 -11.23
C SER D 268 -11.87 5.12 -11.22
N ARG D 269 -11.45 4.65 -12.39
CA ARG D 269 -10.70 3.40 -12.46
C ARG D 269 -9.21 3.53 -12.17
N LEU D 270 -8.71 4.75 -12.21
CA LEU D 270 -7.28 4.99 -11.99
C LEU D 270 -6.82 4.70 -10.56
N ARG D 271 -5.63 4.16 -10.43
CA ARG D 271 -5.10 3.82 -9.13
C ARG D 271 -3.71 4.41 -8.88
N ASN D 272 -3.05 4.84 -9.95
CA ASN D 272 -1.72 5.44 -9.80
C ASN D 272 -1.86 6.96 -9.69
N GLN D 273 -1.32 7.53 -8.62
CA GLN D 273 -1.40 8.97 -8.38
C GLN D 273 -0.82 9.86 -9.49
N SER D 274 0.33 9.46 -10.06
CA SER D 274 0.94 10.28 -11.11
C SER D 274 0.06 10.26 -12.35
N VAL D 275 -0.52 9.11 -12.65
CA VAL D 275 -1.41 9.01 -13.80
C VAL D 275 -2.69 9.77 -13.51
N PHE D 276 -3.19 9.66 -12.28
CA PHE D 276 -4.40 10.36 -11.89
C PHE D 276 -4.25 11.86 -12.11
N ASN D 277 -3.15 12.43 -11.61
CA ASN D 277 -2.88 13.86 -11.76
C ASN D 277 -2.87 14.24 -13.23
N PHE D 278 -2.14 13.46 -14.03
CA PHE D 278 -2.01 13.69 -15.46
C PHE D 278 -3.37 13.69 -16.19
N CYS D 279 -4.25 12.77 -15.81
CA CYS D 279 -5.56 12.65 -16.44
C CYS D 279 -6.63 13.59 -15.90
N ALA D 280 -6.71 13.72 -14.58
CA ALA D 280 -7.74 14.55 -13.95
C ALA D 280 -7.59 16.06 -14.11
N ILE D 281 -6.37 16.57 -14.00
CA ILE D 281 -6.15 18.01 -14.09
C ILE D 281 -6.69 18.61 -15.39
N PRO D 282 -6.37 18.02 -16.54
CA PRO D 282 -6.88 18.58 -17.79
C PRO D 282 -8.41 18.50 -17.89
N GLN D 283 -8.98 17.40 -17.42
CA GLN D 283 -10.43 17.23 -17.48
C GLN D 283 -11.14 18.31 -16.66
N VAL D 284 -10.63 18.54 -15.46
CA VAL D 284 -11.19 19.54 -14.56
C VAL D 284 -11.09 20.94 -15.17
N MET D 285 -9.93 21.24 -15.76
CA MET D 285 -9.73 22.54 -16.39
C MET D 285 -10.70 22.70 -17.55
N ALA D 286 -10.96 21.61 -18.26
CA ALA D 286 -11.86 21.65 -19.40
C ALA D 286 -13.26 22.00 -18.91
N ILE D 287 -13.65 21.37 -17.81
CA ILE D 287 -14.97 21.59 -17.23
C ILE D 287 -15.12 23.01 -16.68
N ALA D 288 -14.02 23.57 -16.16
CA ALA D 288 -14.05 24.92 -15.65
C ALA D 288 -14.25 25.86 -16.83
N THR D 289 -13.54 25.56 -17.92
CA THR D 289 -13.62 26.35 -19.13
C THR D 289 -15.04 26.36 -19.66
N LEU D 290 -15.67 25.18 -19.71
CA LEU D 290 -17.03 25.09 -20.21
C LEU D 290 -18.01 25.88 -19.34
N ALA D 291 -17.80 25.83 -18.04
CA ALA D 291 -18.68 26.54 -17.11
C ALA D 291 -18.57 28.04 -17.32
N ALA D 292 -17.35 28.50 -17.60
CA ALA D 292 -17.11 29.91 -17.80
C ALA D 292 -17.69 30.39 -19.13
N CYS D 293 -17.57 29.55 -20.15
CA CYS D 293 -18.06 29.88 -21.48
C CYS D 293 -19.57 29.78 -21.59
N TYR D 294 -20.18 28.93 -20.76
CA TYR D 294 -21.62 28.75 -20.84
C TYR D 294 -22.43 30.03 -20.88
N ASN D 295 -23.19 30.20 -21.95
CA ASN D 295 -24.05 31.38 -22.11
C ASN D 295 -23.26 32.67 -21.89
N ASN D 296 -22.03 32.70 -22.42
CA ASN D 296 -21.17 33.87 -22.28
C ASN D 296 -20.88 34.48 -23.65
N GLN D 297 -21.23 35.75 -23.84
CA GLN D 297 -21.01 36.44 -25.10
C GLN D 297 -19.52 36.65 -25.35
N GLN D 298 -18.76 36.74 -24.27
CA GLN D 298 -17.32 36.97 -24.36
C GLN D 298 -16.66 35.97 -25.32
N VAL D 299 -17.26 34.79 -25.44
CA VAL D 299 -16.74 33.75 -26.32
C VAL D 299 -16.52 34.28 -27.74
N PHE D 300 -17.42 35.14 -28.17
CA PHE D 300 -17.36 35.70 -29.51
C PHE D 300 -16.61 37.03 -29.60
N LYS D 301 -16.09 37.51 -28.47
CA LYS D 301 -15.37 38.78 -28.46
C LYS D 301 -13.87 38.57 -28.23
N GLY D 302 -13.53 37.74 -27.24
CA GLY D 302 -12.13 37.48 -26.96
C GLY D 302 -11.93 36.24 -26.10
N ALA D 303 -10.80 36.19 -25.39
CA ALA D 303 -10.49 35.08 -24.52
C ALA D 303 -11.39 35.15 -23.29
N VAL D 304 -11.83 34.02 -22.79
CA VAL D 304 -12.67 34.03 -21.61
C VAL D 304 -11.78 33.64 -20.44
N LEU D 305 -12.00 34.28 -19.30
CA LEU D 305 -11.19 33.97 -18.13
C LEU D 305 -11.85 32.89 -17.28
N ILE D 306 -11.05 31.93 -16.80
CA ILE D 306 -11.57 30.84 -15.98
C ILE D 306 -11.46 31.22 -14.50
N ARG D 307 -12.61 31.47 -13.89
CA ARG D 307 -12.78 31.92 -12.50
C ARG D 307 -11.95 31.26 -11.38
N LEU D 308 -12.47 31.29 -10.16
CA LEU D 308 -11.76 30.72 -9.01
C LEU D 308 -12.41 29.42 -8.54
N GLY D 309 -13.74 29.40 -8.57
CA GLY D 309 -14.50 28.25 -8.10
C GLY D 309 -15.20 28.66 -6.81
N GLN D 310 -16.20 27.88 -6.37
CA GLN D 310 -16.90 28.25 -5.15
C GLN D 310 -16.00 28.11 -3.93
N ALA D 311 -16.61 28.04 -2.74
CA ALA D 311 -15.86 27.90 -1.50
C ALA D 311 -15.43 26.45 -1.31
N VAL D 312 -16.34 25.52 -1.58
CA VAL D 312 -16.05 24.10 -1.44
C VAL D 312 -14.86 23.64 -2.29
N THR D 313 -14.75 24.21 -3.49
CA THR D 313 -13.66 23.87 -4.39
C THR D 313 -12.34 24.51 -3.97
N LEU D 314 -12.42 25.66 -3.32
CA LEU D 314 -11.22 26.39 -2.88
C LEU D 314 -10.52 25.75 -1.69
N MET D 315 -10.96 24.56 -1.32
CA MET D 315 -10.37 23.84 -0.20
C MET D 315 -10.00 22.45 -0.69
N MET D 316 -10.34 22.18 -1.95
CA MET D 316 -10.07 20.89 -2.57
C MET D 316 -9.32 21.05 -3.89
N ASP D 317 -8.27 20.25 -4.07
CA ASP D 317 -7.51 20.28 -5.30
C ASP D 317 -7.84 18.95 -5.99
N ALA D 318 -7.74 18.92 -7.30
CA ALA D 318 -8.09 17.71 -8.05
C ALA D 318 -7.09 16.55 -8.00
N THR D 319 -6.75 16.07 -6.82
CA THR D 319 -5.80 14.96 -6.72
C THR D 319 -6.31 13.64 -6.16
N ASN D 320 -7.60 13.58 -5.82
CA ASN D 320 -8.22 12.35 -5.34
C ASN D 320 -9.63 12.34 -5.94
N MET D 321 -10.08 11.18 -6.43
CA MET D 321 -11.37 11.05 -7.09
C MET D 321 -12.56 11.74 -6.40
N PRO D 322 -12.80 11.47 -5.11
CA PRO D 322 -13.94 12.12 -4.45
C PRO D 322 -13.89 13.64 -4.61
N ALA D 323 -12.70 14.22 -4.40
CA ALA D 323 -12.52 15.66 -4.53
C ALA D 323 -12.83 16.11 -5.95
N VAL D 324 -12.37 15.34 -6.93
CA VAL D 324 -12.60 15.69 -8.33
C VAL D 324 -14.09 15.63 -8.64
N LYS D 325 -14.77 14.63 -8.07
CA LYS D 325 -16.22 14.51 -8.26
C LYS D 325 -16.89 15.77 -7.73
N ALA D 326 -16.56 16.13 -6.50
CA ALA D 326 -17.13 17.31 -5.85
C ALA D 326 -16.91 18.55 -6.70
N ILE D 327 -15.70 18.69 -7.22
CA ILE D 327 -15.35 19.82 -8.07
C ILE D 327 -16.21 19.83 -9.33
N ILE D 328 -16.38 18.66 -9.94
CA ILE D 328 -17.17 18.53 -11.15
C ILE D 328 -18.62 18.89 -10.89
N TYR D 329 -19.17 18.37 -9.79
CA TYR D 329 -20.55 18.63 -9.44
C TYR D 329 -20.81 20.11 -9.21
N GLN D 330 -19.85 20.80 -8.62
CA GLN D 330 -20.00 22.23 -8.37
C GLN D 330 -20.05 23.01 -9.67
N TYR D 331 -19.21 22.66 -10.62
CA TYR D 331 -19.21 23.33 -11.91
C TYR D 331 -20.51 23.06 -12.65
N MET D 332 -21.06 21.86 -12.46
CA MET D 332 -22.31 21.50 -13.11
C MET D 332 -23.43 22.42 -12.62
N GLU D 333 -23.39 22.73 -11.33
CA GLU D 333 -24.39 23.61 -10.74
C GLU D 333 -24.18 25.05 -11.19
N GLU D 334 -22.93 25.45 -11.35
CA GLU D 334 -22.62 26.80 -11.80
C GLU D 334 -23.32 27.01 -13.13
N ILE D 335 -23.35 25.96 -13.94
CA ILE D 335 -23.98 26.02 -15.26
C ILE D 335 -25.49 25.86 -15.16
N TYR D 336 -25.94 24.95 -14.31
CA TYR D 336 -27.37 24.70 -14.13
C TYR D 336 -28.08 25.96 -13.67
N HIS D 337 -27.41 26.75 -12.83
CA HIS D 337 -27.95 27.99 -12.31
C HIS D 337 -28.16 29.08 -13.36
N ARG D 338 -27.34 29.07 -14.40
CA ARG D 338 -27.43 30.09 -15.45
C ARG D 338 -28.17 29.68 -16.72
N ILE D 339 -28.83 28.53 -16.70
CA ILE D 339 -29.57 28.08 -17.88
C ILE D 339 -30.81 28.94 -18.08
N PRO D 340 -30.88 29.68 -19.20
CA PRO D 340 -32.03 30.52 -19.47
C PRO D 340 -33.18 29.64 -19.99
N ASP D 341 -34.37 29.86 -19.48
CA ASP D 341 -35.54 29.10 -19.91
C ASP D 341 -35.74 29.28 -21.40
N SER D 342 -35.50 30.50 -21.87
CA SER D 342 -35.68 30.83 -23.27
C SER D 342 -34.74 30.10 -24.21
N ASN D 343 -33.66 29.54 -23.67
CA ASN D 343 -32.69 28.80 -24.49
C ASN D 343 -33.34 27.54 -25.03
N PRO D 344 -33.20 27.29 -26.35
CA PRO D 344 -33.77 26.10 -26.99
C PRO D 344 -33.18 24.78 -26.48
N SER D 345 -31.98 24.82 -25.93
CA SER D 345 -31.33 23.59 -25.44
C SER D 345 -31.58 23.41 -23.96
N SER D 346 -32.09 24.46 -23.32
CA SER D 346 -32.37 24.47 -21.89
C SER D 346 -32.80 23.13 -21.29
N SER D 347 -33.81 22.52 -21.87
CA SER D 347 -34.30 21.25 -21.37
C SER D 347 -33.24 20.16 -21.52
N LYS D 348 -32.58 20.12 -22.67
CA LYS D 348 -31.54 19.14 -22.90
C LYS D 348 -30.43 19.32 -21.88
N THR D 349 -29.99 20.57 -21.72
CA THR D 349 -28.92 20.90 -20.79
C THR D 349 -29.26 20.43 -19.38
N ARG D 350 -30.46 20.77 -18.92
CA ARG D 350 -30.88 20.38 -17.58
C ARG D 350 -30.89 18.86 -17.45
N GLN D 351 -31.26 18.19 -18.53
CA GLN D 351 -31.31 16.73 -18.52
C GLN D 351 -29.95 16.09 -18.29
N ILE D 352 -28.97 16.45 -19.10
CA ILE D 352 -27.65 15.86 -18.96
C ILE D 352 -27.05 16.15 -17.59
N ILE D 353 -27.28 17.34 -17.05
CA ILE D 353 -26.76 17.67 -15.73
C ILE D 353 -27.41 16.78 -14.68
N SER D 354 -28.71 16.54 -14.81
CA SER D 354 -29.43 15.71 -13.86
C SER D 354 -28.89 14.27 -13.90
N THR D 355 -28.55 13.80 -15.10
CA THR D 355 -28.02 12.46 -15.24
C THR D 355 -26.65 12.38 -14.57
N ILE D 356 -25.84 13.41 -14.73
CA ILE D 356 -24.51 13.46 -14.13
C ILE D 356 -24.61 13.47 -12.60
N ARG D 357 -25.53 14.28 -12.08
CA ARG D 357 -25.75 14.41 -10.64
C ARG D 357 -26.20 13.12 -9.98
N THR D 358 -27.15 12.44 -10.61
CA THR D 358 -27.73 11.22 -10.07
C THR D 358 -26.91 9.94 -10.17
N GLN D 359 -26.09 9.81 -11.20
CA GLN D 359 -25.27 8.61 -11.34
C GLN D 359 -24.28 8.53 -10.20
N LEU E 26 -31.23 6.03 -13.15
CA LEU E 26 -32.41 5.17 -13.26
C LEU E 26 -33.67 5.88 -12.75
N SER E 27 -34.12 5.45 -11.58
CA SER E 27 -35.32 5.99 -10.93
C SER E 27 -35.48 7.50 -11.10
N SER E 28 -36.63 7.89 -11.64
CA SER E 28 -36.93 9.29 -11.85
C SER E 28 -37.21 10.01 -10.52
N SER E 29 -37.56 9.24 -9.50
CA SER E 29 -37.83 9.81 -8.19
C SER E 29 -36.48 10.13 -7.54
N LEU E 30 -35.51 9.24 -7.73
CA LEU E 30 -34.18 9.46 -7.17
C LEU E 30 -33.58 10.66 -7.89
N LYS E 31 -33.80 10.73 -9.20
CA LYS E 31 -33.30 11.85 -9.99
C LYS E 31 -33.82 13.13 -9.37
N THR E 32 -35.11 13.13 -9.05
CA THR E 32 -35.77 14.29 -8.46
C THR E 32 -35.14 14.63 -7.11
N CYS E 33 -34.86 13.60 -6.32
CA CYS E 33 -34.25 13.82 -5.01
C CYS E 33 -32.94 14.59 -5.13
N TYR E 34 -32.10 14.19 -6.07
CA TYR E 34 -30.82 14.87 -6.25
C TYR E 34 -31.01 16.28 -6.78
N LYS E 35 -32.11 16.54 -7.48
CA LYS E 35 -32.33 17.88 -7.98
C LYS E 35 -32.63 18.76 -6.78
N TYR E 36 -33.48 18.26 -5.88
CA TYR E 36 -33.83 19.01 -4.68
C TYR E 36 -32.62 19.21 -3.79
N LEU E 37 -31.71 18.25 -3.77
CA LEU E 37 -30.52 18.34 -2.94
C LEU E 37 -29.69 19.54 -3.39
N ASN E 38 -29.52 19.67 -4.71
CA ASN E 38 -28.77 20.77 -5.29
C ASN E 38 -29.53 22.09 -5.22
N GLN E 39 -30.83 22.00 -4.93
CA GLN E 39 -31.65 23.21 -4.82
C GLN E 39 -31.63 23.75 -3.40
N THR E 40 -31.70 22.85 -2.44
CA THR E 40 -31.72 23.22 -1.03
C THR E 40 -30.37 23.29 -0.31
N SER E 41 -29.33 22.72 -0.91
CA SER E 41 -28.01 22.73 -0.28
C SER E 41 -26.90 23.26 -1.17
N ARG E 42 -26.53 24.52 -0.96
CA ARG E 42 -25.46 25.12 -1.76
C ARG E 42 -24.09 24.60 -1.35
N SER E 43 -23.92 24.27 -0.07
CA SER E 43 -22.63 23.81 0.41
C SER E 43 -22.41 22.34 0.81
N PHE E 44 -23.39 21.48 0.63
CA PHE E 44 -23.19 20.07 0.98
C PHE E 44 -23.46 19.16 -0.20
N ALA E 45 -24.22 19.66 -1.17
CA ALA E 45 -24.58 18.88 -2.34
C ALA E 45 -23.42 18.19 -3.01
N ALA E 46 -22.37 18.94 -3.31
CA ALA E 46 -21.20 18.40 -4.00
C ALA E 46 -20.50 17.26 -3.25
N VAL E 47 -20.16 17.48 -2.00
CA VAL E 47 -19.48 16.45 -1.23
C VAL E 47 -20.38 15.26 -0.91
N ILE E 48 -21.68 15.48 -0.87
CA ILE E 48 -22.61 14.38 -0.61
C ILE E 48 -22.65 13.48 -1.84
N GLN E 49 -22.68 14.09 -3.01
CA GLN E 49 -22.72 13.33 -4.27
C GLN E 49 -21.40 12.63 -4.54
N ALA E 50 -20.35 13.01 -3.82
CA ALA E 50 -19.05 12.41 -4.01
C ALA E 50 -18.81 11.28 -3.02
N LEU E 51 -19.77 11.04 -2.13
CA LEU E 51 -19.65 9.97 -1.15
C LEU E 51 -19.66 8.59 -1.83
N ASP E 52 -18.90 7.65 -1.29
CA ASP E 52 -18.83 6.31 -1.86
C ASP E 52 -20.09 5.47 -1.67
N GLY E 53 -20.27 4.51 -2.57
CA GLY E 53 -21.40 3.59 -2.55
C GLY E 53 -22.74 3.99 -1.96
N GLU E 54 -23.16 3.23 -0.95
CA GLU E 54 -24.46 3.44 -0.28
C GLU E 54 -24.61 4.73 0.51
N MET E 55 -23.52 5.31 0.99
CA MET E 55 -23.62 6.54 1.75
C MET E 55 -24.16 7.68 0.89
N ARG E 56 -23.96 7.56 -0.42
CA ARG E 56 -24.41 8.57 -1.37
C ARG E 56 -25.90 8.84 -1.24
N ASN E 57 -26.72 7.86 -1.63
CA ASN E 57 -28.17 8.00 -1.54
C ASN E 57 -28.66 8.16 -0.10
N ALA E 58 -28.09 7.37 0.80
CA ALA E 58 -28.48 7.44 2.21
C ALA E 58 -28.35 8.85 2.77
N VAL E 59 -27.19 9.47 2.58
CA VAL E 59 -26.95 10.81 3.07
C VAL E 59 -27.76 11.86 2.32
N CYS E 60 -27.96 11.65 1.02
CA CYS E 60 -28.74 12.59 0.23
C CYS E 60 -30.15 12.66 0.78
N ILE E 61 -30.77 11.50 0.95
CA ILE E 61 -32.12 11.40 1.47
C ILE E 61 -32.17 11.97 2.89
N PHE E 62 -31.19 11.59 3.70
CA PHE E 62 -31.14 12.07 5.07
C PHE E 62 -31.16 13.60 5.08
N TYR E 63 -30.38 14.20 4.19
CA TYR E 63 -30.32 15.65 4.09
C TYR E 63 -31.69 16.22 3.74
N LEU E 64 -32.38 15.57 2.80
CA LEU E 64 -33.69 16.04 2.36
C LEU E 64 -34.75 16.02 3.46
N VAL E 65 -34.81 14.93 4.22
CA VAL E 65 -35.79 14.81 5.29
C VAL E 65 -35.49 15.81 6.42
N LEU E 66 -34.20 16.03 6.68
CA LEU E 66 -33.80 16.98 7.71
C LEU E 66 -34.20 18.37 7.23
N ARG E 67 -34.06 18.60 5.92
CA ARG E 67 -34.40 19.86 5.32
C ARG E 67 -35.90 20.14 5.45
N ALA E 68 -36.71 19.13 5.19
CA ALA E 68 -38.16 19.28 5.29
C ALA E 68 -38.54 19.57 6.73
N LEU E 69 -38.00 18.80 7.67
CA LEU E 69 -38.28 18.99 9.08
C LEU E 69 -37.88 20.40 9.50
N ASP E 70 -36.72 20.85 8.99
CA ASP E 70 -36.21 22.17 9.32
C ASP E 70 -37.05 23.28 8.70
N THR E 71 -37.63 23.01 7.54
CA THR E 71 -38.46 24.00 6.87
C THR E 71 -39.81 24.14 7.55
N LEU E 72 -40.29 23.06 8.16
CA LEU E 72 -41.55 23.10 8.88
C LEU E 72 -41.31 24.02 10.07
N GLU E 73 -40.28 23.67 10.83
CA GLU E 73 -39.87 24.41 12.01
C GLU E 73 -39.66 25.89 11.71
N ASP E 74 -39.28 26.19 10.47
CA ASP E 74 -39.04 27.58 10.05
C ASP E 74 -40.33 28.36 9.86
N ASP E 75 -41.25 27.78 9.10
CA ASP E 75 -42.52 28.42 8.79
C ASP E 75 -43.26 29.00 9.99
N MET E 76 -43.27 30.34 10.07
CA MET E 76 -43.95 31.04 11.15
C MET E 76 -45.43 31.11 10.80
N THR E 77 -45.75 30.81 9.56
CA THR E 77 -47.12 30.83 9.07
C THR E 77 -47.88 29.65 9.68
N ILE E 78 -47.16 28.79 10.41
CA ILE E 78 -47.77 27.63 11.02
C ILE E 78 -47.90 27.78 12.54
N SER E 79 -49.14 27.99 12.99
CA SER E 79 -49.42 28.16 14.41
C SER E 79 -48.69 27.14 15.28
N VAL E 80 -48.41 27.52 16.52
CA VAL E 80 -47.69 26.65 17.44
C VAL E 80 -48.32 25.30 17.67
N GLU E 81 -49.58 25.27 18.10
CA GLU E 81 -50.26 24.01 18.37
C GLU E 81 -50.53 23.18 17.11
N LYS E 82 -50.27 23.75 15.94
CA LYS E 82 -50.46 23.03 14.69
C LYS E 82 -49.09 22.54 14.24
N LYS E 83 -48.06 23.25 14.70
CA LYS E 83 -46.67 22.93 14.37
C LYS E 83 -46.11 21.82 15.25
N VAL E 84 -46.31 21.93 16.56
CA VAL E 84 -45.81 20.95 17.51
C VAL E 84 -46.10 19.50 17.09
N PRO E 85 -47.31 19.24 16.55
CA PRO E 85 -47.62 17.86 16.14
C PRO E 85 -46.76 17.47 14.95
N LEU E 86 -46.72 18.35 13.96
CA LEU E 86 -45.94 18.12 12.74
C LEU E 86 -44.48 17.80 13.05
N LEU E 87 -43.95 18.42 14.10
CA LEU E 87 -42.56 18.19 14.49
C LEU E 87 -42.40 16.85 15.19
N HIS E 88 -43.34 16.54 16.09
CA HIS E 88 -43.30 15.29 16.84
C HIS E 88 -43.53 14.05 15.98
N ASN E 89 -44.44 14.14 15.02
CA ASN E 89 -44.75 13.00 14.17
C ASN E 89 -44.08 13.02 12.80
N PHE E 90 -43.06 13.85 12.63
CA PHE E 90 -42.39 13.92 11.34
C PHE E 90 -41.70 12.59 11.04
N HIS E 91 -41.08 12.01 12.05
CA HIS E 91 -40.38 10.74 11.89
C HIS E 91 -41.30 9.62 11.43
N SER E 92 -42.61 9.84 11.56
CA SER E 92 -43.59 8.83 11.18
C SER E 92 -44.04 9.02 9.73
N PHE E 93 -43.95 10.26 9.25
CA PHE E 93 -44.36 10.58 7.89
C PHE E 93 -43.46 9.90 6.86
N LEU E 94 -42.28 9.47 7.32
CA LEU E 94 -41.34 8.79 6.45
C LEU E 94 -41.95 7.49 5.97
N TYR E 95 -42.87 6.95 6.77
CA TYR E 95 -43.52 5.69 6.43
C TYR E 95 -44.95 5.87 5.91
N GLN E 96 -45.38 7.13 5.78
CA GLN E 96 -46.69 7.43 5.25
C GLN E 96 -46.54 7.83 3.79
N PRO E 97 -46.57 6.84 2.89
CA PRO E 97 -46.41 6.99 1.44
C PRO E 97 -47.04 8.24 0.82
N ASP E 98 -48.20 8.64 1.32
CA ASP E 98 -48.89 9.80 0.76
C ASP E 98 -48.71 11.11 1.53
N TRP E 99 -48.13 11.04 2.72
CA TRP E 99 -47.95 12.24 3.52
C TRP E 99 -47.29 13.35 2.71
N ARG E 100 -47.76 14.57 2.93
CA ARG E 100 -47.23 15.74 2.25
C ARG E 100 -47.87 16.99 2.85
N PHE E 101 -47.16 18.11 2.78
CA PHE E 101 -47.64 19.37 3.34
C PHE E 101 -47.72 20.40 2.22
N MET E 102 -48.89 21.00 2.02
CA MET E 102 -49.08 21.98 0.96
C MET E 102 -49.28 23.42 1.42
N GLU E 103 -49.19 23.67 2.72
CA GLU E 103 -49.39 25.04 3.22
C GLU E 103 -48.14 25.81 3.66
N SER E 104 -46.97 25.41 3.17
CA SER E 104 -45.74 26.11 3.54
C SER E 104 -45.49 27.25 2.56
N LYS E 105 -44.87 28.32 3.04
CA LYS E 105 -44.58 29.46 2.20
C LYS E 105 -43.07 29.65 2.12
N GLU E 106 -42.35 28.86 2.93
CA GLU E 106 -40.90 28.91 2.96
C GLU E 106 -40.34 28.66 1.56
N LYS E 107 -39.07 28.97 1.35
CA LYS E 107 -38.47 28.79 0.04
C LYS E 107 -38.24 27.34 -0.36
N ASP E 108 -37.93 26.48 0.61
CA ASP E 108 -37.70 25.08 0.33
C ASP E 108 -38.98 24.26 0.52
N ARG E 109 -40.12 24.90 0.28
CA ARG E 109 -41.41 24.26 0.43
C ARG E 109 -41.56 23.06 -0.50
N GLN E 110 -40.85 23.09 -1.62
CA GLN E 110 -40.91 22.03 -2.62
C GLN E 110 -40.68 20.63 -2.03
N VAL E 111 -39.81 20.52 -1.03
CA VAL E 111 -39.52 19.22 -0.42
C VAL E 111 -40.64 18.69 0.47
N LEU E 112 -41.52 19.59 0.91
CA LEU E 112 -42.63 19.19 1.75
C LEU E 112 -43.83 18.83 0.89
N GLU E 113 -43.99 19.53 -0.23
CA GLU E 113 -45.10 19.29 -1.14
C GLU E 113 -44.92 17.99 -1.92
N ASP E 114 -43.67 17.69 -2.26
CA ASP E 114 -43.37 16.48 -3.02
C ASP E 114 -42.71 15.45 -2.11
N PHE E 115 -42.99 15.56 -0.81
CA PHE E 115 -42.41 14.68 0.19
C PHE E 115 -42.54 13.19 -0.13
N PRO E 116 -43.67 12.75 -0.71
CA PRO E 116 -43.80 11.33 -1.00
C PRO E 116 -42.64 10.80 -1.85
N THR E 117 -42.15 11.61 -2.77
CA THR E 117 -41.02 11.21 -3.61
C THR E 117 -39.82 10.94 -2.71
N ILE E 118 -39.58 11.84 -1.78
CA ILE E 118 -38.48 11.72 -0.84
C ILE E 118 -38.68 10.50 0.04
N SER E 119 -39.84 10.44 0.70
CA SER E 119 -40.19 9.34 1.58
C SER E 119 -40.08 8.01 0.85
N LEU E 120 -40.47 7.98 -0.42
CA LEU E 120 -40.38 6.76 -1.22
C LEU E 120 -38.94 6.28 -1.29
N GLU E 121 -38.04 7.17 -1.66
CA GLU E 121 -36.63 6.83 -1.75
C GLU E 121 -36.07 6.47 -0.38
N PHE E 122 -36.64 7.05 0.67
CA PHE E 122 -36.19 6.75 2.01
C PHE E 122 -36.45 5.28 2.31
N ARG E 123 -37.60 4.80 1.88
CA ARG E 123 -37.99 3.42 2.09
C ARG E 123 -37.16 2.44 1.27
N ASN E 124 -36.50 2.95 0.23
CA ASN E 124 -35.66 2.11 -0.62
C ASN E 124 -34.30 1.85 0.01
N LEU E 125 -33.94 2.66 1.01
CA LEU E 125 -32.66 2.50 1.69
C LEU E 125 -32.63 1.25 2.56
N ALA E 126 -31.44 0.69 2.75
CA ALA E 126 -31.30 -0.50 3.58
C ALA E 126 -31.82 -0.09 4.96
N GLU E 127 -32.59 -0.97 5.59
CA GLU E 127 -33.15 -0.67 6.90
C GLU E 127 -32.18 -0.15 7.96
N LYS E 128 -30.95 -0.63 7.94
CA LYS E 128 -29.97 -0.16 8.92
C LYS E 128 -29.78 1.34 8.81
N TYR E 129 -30.07 1.91 7.63
CA TYR E 129 -29.94 3.35 7.43
C TYR E 129 -31.25 4.01 7.84
N GLN E 130 -32.36 3.43 7.40
CA GLN E 130 -33.68 3.94 7.76
C GLN E 130 -33.77 4.09 9.27
N THR E 131 -33.37 3.03 9.97
CA THR E 131 -33.39 3.01 11.43
C THR E 131 -32.70 4.25 12.00
N VAL E 132 -31.50 4.54 11.53
CA VAL E 132 -30.75 5.70 12.00
C VAL E 132 -31.45 7.01 11.70
N ILE E 133 -31.82 7.21 10.44
CA ILE E 133 -32.50 8.43 10.01
C ILE E 133 -33.76 8.69 10.82
N ALA E 134 -34.65 7.70 10.84
CA ALA E 134 -35.91 7.82 11.57
C ALA E 134 -35.69 8.19 13.04
N ASP E 135 -34.74 7.54 13.68
CA ASP E 135 -34.47 7.83 15.09
C ASP E 135 -34.03 9.27 15.29
N ILE E 136 -33.27 9.81 14.34
CA ILE E 136 -32.80 11.18 14.43
C ILE E 136 -33.91 12.19 14.17
N CYS E 137 -34.73 11.93 13.16
CA CYS E 137 -35.83 12.84 12.87
C CYS E 137 -36.77 12.94 14.06
N ARG E 138 -36.88 11.86 14.82
CA ARG E 138 -37.77 11.82 15.98
C ARG E 138 -37.23 12.67 17.12
N ARG E 139 -36.00 12.38 17.52
CA ARG E 139 -35.35 13.10 18.60
C ARG E 139 -35.14 14.57 18.24
N MET E 140 -35.10 14.86 16.94
CA MET E 140 -34.90 16.22 16.48
C MET E 140 -36.20 17.00 16.58
N GLY E 141 -37.28 16.40 16.10
CA GLY E 141 -38.58 17.05 16.15
C GLY E 141 -38.98 17.36 17.58
N ILE E 142 -38.62 16.45 18.49
CA ILE E 142 -38.92 16.66 19.90
C ILE E 142 -38.22 17.93 20.36
N GLY E 143 -36.89 17.94 20.27
CA GLY E 143 -36.11 19.09 20.68
C GLY E 143 -36.56 20.37 19.99
N MET E 144 -36.83 20.30 18.69
CA MET E 144 -37.27 21.47 17.96
C MET E 144 -38.55 22.01 18.59
N ALA E 145 -39.50 21.10 18.84
CA ALA E 145 -40.77 21.49 19.46
C ALA E 145 -40.47 22.24 20.74
N GLU E 146 -39.66 21.62 21.60
CA GLU E 146 -39.29 22.18 22.89
C GLU E 146 -38.81 23.64 22.85
N PHE E 147 -38.16 24.05 21.77
CA PHE E 147 -37.66 25.42 21.67
C PHE E 147 -38.57 26.39 20.94
N LEU E 148 -39.70 25.91 20.45
CA LEU E 148 -40.62 26.77 19.73
C LEU E 148 -41.13 27.96 20.56
N ASP E 149 -41.24 27.77 21.87
CA ASP E 149 -41.76 28.83 22.74
C ASP E 149 -40.78 29.51 23.68
N LYS E 150 -39.48 29.29 23.47
CA LYS E 150 -38.48 29.94 24.31
C LYS E 150 -37.29 30.36 23.48
N HIS E 151 -36.33 31.02 24.13
CA HIS E 151 -35.11 31.44 23.46
C HIS E 151 -33.96 30.73 24.16
N VAL E 152 -32.75 31.02 23.72
CA VAL E 152 -31.58 30.40 24.33
C VAL E 152 -31.14 31.31 25.46
N THR E 153 -31.16 30.78 26.68
CA THR E 153 -30.76 31.56 27.85
C THR E 153 -29.30 31.33 28.18
N SER E 154 -29.03 30.23 28.89
CA SER E 154 -27.68 29.88 29.30
C SER E 154 -26.86 29.31 28.16
N GLU E 155 -25.54 29.23 28.37
CA GLU E 155 -24.66 28.67 27.36
C GLU E 155 -24.97 27.17 27.25
N GLN E 156 -25.30 26.57 28.39
CA GLN E 156 -25.65 25.16 28.42
C GLN E 156 -26.89 24.93 27.55
N GLU E 157 -27.79 25.91 27.55
CA GLU E 157 -29.00 25.83 26.75
C GLU E 157 -28.66 26.02 25.27
N TRP E 158 -27.57 26.73 25.00
CA TRP E 158 -27.15 26.96 23.62
C TRP E 158 -26.69 25.63 23.07
N ASP E 159 -25.93 24.89 23.87
CA ASP E 159 -25.45 23.57 23.48
C ASP E 159 -26.62 22.63 23.21
N LYS E 160 -27.61 22.69 24.09
CA LYS E 160 -28.79 21.84 23.97
C LYS E 160 -29.51 22.12 22.66
N TYR E 161 -29.71 23.40 22.35
CA TYR E 161 -30.38 23.77 21.11
C TYR E 161 -29.57 23.31 19.91
N CYS E 162 -28.26 23.51 19.96
CA CYS E 162 -27.40 23.10 18.87
C CYS E 162 -27.37 21.59 18.75
N HIS E 163 -27.54 20.90 19.87
CA HIS E 163 -27.57 19.45 19.86
C HIS E 163 -28.75 19.03 19.01
N TYR E 164 -29.91 19.63 19.29
CA TYR E 164 -31.14 19.33 18.59
C TYR E 164 -31.16 19.61 17.09
N VAL E 165 -30.58 20.74 16.67
CA VAL E 165 -30.62 21.08 15.24
C VAL E 165 -29.38 20.73 14.42
N ALA E 166 -28.29 20.36 15.09
CA ALA E 166 -27.07 20.01 14.36
C ALA E 166 -26.26 18.89 15.00
N GLY E 167 -26.22 18.87 16.33
CA GLY E 167 -25.49 17.83 17.02
C GLY E 167 -26.01 16.45 16.64
N LEU E 168 -27.32 16.27 16.71
CA LEU E 168 -27.95 15.00 16.37
C LEU E 168 -27.62 14.62 14.93
N VAL E 169 -27.44 15.63 14.08
CA VAL E 169 -27.12 15.39 12.68
C VAL E 169 -25.76 14.71 12.56
N GLY E 170 -24.79 15.19 13.33
CA GLY E 170 -23.46 14.61 13.30
C GLY E 170 -23.48 13.19 13.81
N ILE E 171 -24.36 12.93 14.77
CA ILE E 171 -24.52 11.60 15.35
C ILE E 171 -25.14 10.68 14.31
N GLY E 172 -26.20 11.15 13.67
CA GLY E 172 -26.86 10.36 12.65
C GLY E 172 -25.96 10.02 11.47
N LEU E 173 -25.22 11.01 10.98
CA LEU E 173 -24.32 10.79 9.86
C LEU E 173 -23.23 9.82 10.30
N SER E 174 -22.70 10.00 11.51
CA SER E 174 -21.65 9.13 12.01
C SER E 174 -22.14 7.69 12.05
N ARG E 175 -23.36 7.50 12.55
CA ARG E 175 -23.95 6.16 12.65
C ARG E 175 -24.24 5.57 11.28
N LEU E 176 -24.42 6.43 10.28
CA LEU E 176 -24.66 5.93 8.93
C LEU E 176 -23.32 5.44 8.38
N PHE E 177 -22.24 6.16 8.69
CA PHE E 177 -20.92 5.79 8.22
C PHE E 177 -20.50 4.43 8.76
N SER E 178 -20.68 4.23 10.06
CA SER E 178 -20.32 2.96 10.69
C SER E 178 -21.14 1.79 10.16
N ALA E 179 -22.43 2.03 9.96
CA ALA E 179 -23.32 0.99 9.46
C ALA E 179 -22.98 0.64 8.02
N SER E 180 -22.36 1.56 7.31
CA SER E 180 -21.97 1.32 5.93
C SER E 180 -20.62 0.59 5.98
N GLU E 181 -19.99 0.66 7.14
CA GLU E 181 -18.69 0.04 7.37
C GLU E 181 -17.53 0.66 6.59
N PHE E 182 -17.82 1.77 5.92
CA PHE E 182 -16.78 2.49 5.19
C PHE E 182 -15.93 3.10 6.29
N GLU E 183 -16.51 3.20 7.49
CA GLU E 183 -15.82 3.75 8.64
C GLU E 183 -15.89 2.77 9.80
N ASP E 184 -14.93 2.86 10.72
CA ASP E 184 -14.86 2.00 11.90
C ASP E 184 -16.11 2.16 12.75
N PRO E 185 -16.42 1.18 13.62
CA PRO E 185 -17.61 1.25 14.48
C PRO E 185 -17.51 2.40 15.48
N LEU E 186 -16.27 2.72 15.87
CA LEU E 186 -16.00 3.78 16.82
C LEU E 186 -16.54 5.15 16.39
N VAL E 187 -16.66 5.36 15.08
CA VAL E 187 -17.16 6.62 14.57
C VAL E 187 -18.60 6.86 15.03
N GLY E 188 -19.48 5.90 14.74
CA GLY E 188 -20.86 6.04 15.15
C GLY E 188 -21.03 5.85 16.65
N GLU E 189 -20.00 5.33 17.29
CA GLU E 189 -20.03 5.06 18.74
C GLU E 189 -19.79 6.29 19.60
N ASP E 190 -18.72 7.02 19.32
CA ASP E 190 -18.39 8.21 20.10
C ASP E 190 -19.33 9.37 19.76
N THR E 191 -20.53 9.32 20.33
CA THR E 191 -21.54 10.35 20.10
C THR E 191 -21.10 11.73 20.55
N GLU E 192 -20.29 11.80 21.60
CA GLU E 192 -19.85 13.11 22.08
C GLU E 192 -19.05 13.81 20.99
N ARG E 193 -18.04 13.13 20.46
CA ARG E 193 -17.22 13.69 19.39
C ARG E 193 -18.07 14.10 18.19
N ALA E 194 -18.99 13.23 17.79
CA ALA E 194 -19.87 13.52 16.66
C ALA E 194 -20.73 14.74 16.98
N ASN E 195 -21.22 14.81 18.21
CA ASN E 195 -22.06 15.93 18.63
C ASN E 195 -21.28 17.21 18.45
N SER E 196 -20.03 17.19 18.89
CA SER E 196 -19.16 18.34 18.77
C SER E 196 -19.05 18.81 17.32
N MET E 197 -19.07 17.88 16.37
CA MET E 197 -18.97 18.24 14.96
C MET E 197 -20.13 19.14 14.59
N GLY E 198 -21.35 18.75 14.98
CA GLY E 198 -22.52 19.54 14.67
C GLY E 198 -22.52 20.86 15.44
N LEU E 199 -22.15 20.80 16.71
CA LEU E 199 -22.13 22.00 17.54
C LEU E 199 -21.19 23.08 17.01
N PHE E 200 -20.03 22.67 16.51
CA PHE E 200 -19.07 23.63 15.98
C PHE E 200 -19.64 24.36 14.76
N LEU E 201 -20.22 23.61 13.84
CA LEU E 201 -20.79 24.20 12.63
C LEU E 201 -21.97 25.11 12.94
N GLN E 202 -22.89 24.63 13.77
CA GLN E 202 -24.08 25.40 14.11
C GLN E 202 -23.75 26.70 14.85
N LYS E 203 -22.84 26.63 15.82
CA LYS E 203 -22.46 27.84 16.55
C LYS E 203 -21.83 28.85 15.59
N THR E 204 -20.90 28.37 14.77
CA THR E 204 -20.23 29.21 13.80
C THR E 204 -21.24 29.94 12.90
N ASN E 205 -22.26 29.22 12.46
CA ASN E 205 -23.29 29.79 11.59
C ASN E 205 -24.22 30.74 12.35
N ILE E 206 -24.49 30.42 13.61
CA ILE E 206 -25.35 31.27 14.42
C ILE E 206 -24.63 32.59 14.68
N ILE E 207 -23.31 32.50 14.88
CA ILE E 207 -22.48 33.68 15.12
C ILE E 207 -22.45 34.53 13.85
N ARG E 208 -22.14 33.88 12.74
CA ARG E 208 -22.04 34.51 11.44
C ARG E 208 -23.33 35.16 10.95
N ASP E 209 -24.47 34.50 11.18
CA ASP E 209 -25.76 35.03 10.71
C ASP E 209 -26.56 35.86 11.71
N TYR E 210 -25.89 36.45 12.69
CA TYR E 210 -26.58 37.27 13.68
C TYR E 210 -27.52 38.27 13.01
N LEU E 211 -26.97 39.19 12.23
CA LEU E 211 -27.78 40.23 11.60
C LEU E 211 -28.94 39.67 10.79
N GLU E 212 -28.62 38.76 9.88
CA GLU E 212 -29.63 38.16 9.04
C GLU E 212 -30.74 37.55 9.88
N ASP E 213 -30.37 36.90 10.98
CA ASP E 213 -31.35 36.30 11.86
C ASP E 213 -32.13 37.34 12.63
N GLN E 214 -31.44 38.37 13.11
CA GLN E 214 -32.09 39.43 13.87
C GLN E 214 -33.14 40.08 13.00
N GLN E 215 -32.77 40.37 11.75
CA GLN E 215 -33.68 41.00 10.80
C GLN E 215 -34.86 40.08 10.47
N GLY E 216 -34.73 38.80 10.81
CA GLY E 216 -35.80 37.86 10.55
C GLY E 216 -36.67 37.63 11.77
N GLY E 217 -36.26 38.19 12.90
CA GLY E 217 -37.02 38.03 14.12
C GLY E 217 -36.66 36.77 14.89
N ARG E 218 -35.48 36.23 14.61
CA ARG E 218 -35.02 35.03 15.29
C ARG E 218 -33.80 35.37 16.13
N GLU E 219 -33.78 34.88 17.37
CA GLU E 219 -32.66 35.15 18.28
C GLU E 219 -32.05 33.85 18.82
N PHE E 220 -30.83 33.53 18.37
CA PHE E 220 -30.17 32.31 18.79
C PHE E 220 -28.98 32.50 19.74
N TRP E 221 -28.50 33.73 19.87
CA TRP E 221 -27.39 34.02 20.77
C TRP E 221 -27.88 33.82 22.20
N PRO E 222 -27.06 33.18 23.07
CA PRO E 222 -27.47 32.95 24.45
C PRO E 222 -27.61 34.20 25.31
N GLN E 223 -28.85 34.47 25.72
CA GLN E 223 -29.20 35.63 26.54
C GLN E 223 -28.29 35.87 27.75
N GLU E 224 -27.81 34.79 28.37
CA GLU E 224 -26.92 34.95 29.53
C GLU E 224 -25.57 35.53 29.17
N VAL E 225 -25.27 35.56 27.88
CA VAL E 225 -24.00 36.12 27.40
C VAL E 225 -24.21 37.52 26.86
N TRP E 226 -25.26 37.70 26.06
CA TRP E 226 -25.50 39.02 25.48
C TRP E 226 -26.11 40.03 26.44
N SER E 227 -26.87 39.57 27.43
CA SER E 227 -27.50 40.48 28.39
C SER E 227 -26.46 41.18 29.27
N ARG E 228 -25.23 40.69 29.25
CA ARG E 228 -24.18 41.32 30.04
C ARG E 228 -23.64 42.55 29.33
N TYR E 229 -23.98 42.67 28.05
CA TYR E 229 -23.53 43.80 27.24
C TYR E 229 -24.67 44.77 26.94
N VAL E 230 -25.81 44.23 26.50
CA VAL E 230 -26.96 45.05 26.16
C VAL E 230 -28.27 44.54 26.77
N LYS E 231 -29.29 45.39 26.71
CA LYS E 231 -30.60 45.05 27.26
C LYS E 231 -31.37 44.10 26.35
N LYS E 232 -31.27 44.32 25.04
CA LYS E 232 -31.95 43.49 24.06
C LYS E 232 -30.95 43.05 23.00
N LEU E 233 -30.96 41.75 22.69
CA LEU E 233 -30.06 41.21 21.69
C LEU E 233 -30.09 42.02 20.39
N GLY E 234 -31.25 42.56 20.04
CA GLY E 234 -31.34 43.34 18.82
C GLY E 234 -30.53 44.63 18.86
N ASP E 235 -30.11 45.05 20.05
CA ASP E 235 -29.34 46.27 20.17
C ASP E 235 -27.97 46.15 19.48
N PHE E 236 -27.47 44.93 19.33
CA PHE E 236 -26.19 44.72 18.67
C PHE E 236 -26.28 45.16 17.22
N ALA E 237 -27.50 45.41 16.76
CA ALA E 237 -27.74 45.84 15.38
C ALA E 237 -27.65 47.36 15.27
N LEU E 238 -27.62 48.04 16.42
CA LEU E 238 -27.52 49.49 16.47
C LEU E 238 -26.05 49.91 16.46
N PRO E 239 -25.66 50.70 15.44
CA PRO E 239 -24.29 51.17 15.29
C PRO E 239 -23.62 51.70 16.55
N GLU E 240 -24.40 52.33 17.42
CA GLU E 240 -23.82 52.87 18.66
C GLU E 240 -23.25 51.77 19.56
N ASN E 241 -23.82 50.57 19.49
CA ASN E 241 -23.37 49.45 20.31
C ASN E 241 -22.40 48.54 19.58
N ILE E 242 -21.80 49.04 18.51
CA ILE E 242 -20.87 48.21 17.74
C ILE E 242 -19.72 47.62 18.54
N ASP E 243 -19.12 48.41 19.43
CA ASP E 243 -18.00 47.93 20.22
C ASP E 243 -18.41 46.83 21.19
N LEU E 244 -19.56 46.99 21.84
CA LEU E 244 -20.06 45.99 22.77
C LEU E 244 -20.41 44.73 21.98
N ALA E 245 -21.01 44.91 20.82
CA ALA E 245 -21.40 43.80 19.95
C ALA E 245 -20.21 42.92 19.61
N VAL E 246 -19.10 43.55 19.23
CA VAL E 246 -17.87 42.84 18.89
C VAL E 246 -17.30 42.09 20.08
N GLN E 247 -17.44 42.67 21.26
CA GLN E 247 -16.93 42.02 22.46
C GLN E 247 -17.70 40.73 22.70
N CYS E 248 -19.02 40.80 22.56
CA CYS E 248 -19.87 39.64 22.75
C CYS E 248 -19.56 38.64 21.64
N LEU E 249 -19.34 39.16 20.44
CA LEU E 249 -19.01 38.34 19.29
C LEU E 249 -17.80 37.49 19.65
N ASN E 250 -16.77 38.14 20.19
CA ASN E 250 -15.54 37.45 20.57
C ASN E 250 -15.75 36.42 21.68
N GLU E 251 -16.70 36.68 22.58
CA GLU E 251 -16.92 35.74 23.67
C GLU E 251 -17.54 34.46 23.12
N LEU E 252 -18.49 34.60 22.20
CA LEU E 252 -19.15 33.44 21.62
C LEU E 252 -18.21 32.62 20.74
N ILE E 253 -17.34 33.30 20.02
CA ILE E 253 -16.38 32.62 19.15
C ILE E 253 -15.47 31.79 20.05
N THR E 254 -14.99 32.40 21.12
CA THR E 254 -14.12 31.72 22.07
C THR E 254 -14.82 30.45 22.54
N ASN E 255 -16.12 30.57 22.76
CA ASN E 255 -16.94 29.44 23.20
C ASN E 255 -16.85 28.35 22.14
N ALA E 256 -17.13 28.72 20.90
CA ALA E 256 -17.10 27.78 19.78
C ALA E 256 -15.76 27.05 19.62
N LEU E 257 -14.67 27.77 19.83
CA LEU E 257 -13.34 27.19 19.69
C LEU E 257 -13.08 25.95 20.54
N HIS E 258 -13.83 25.81 21.64
CA HIS E 258 -13.66 24.67 22.53
C HIS E 258 -14.06 23.34 21.89
N HIS E 259 -14.78 23.40 20.77
CA HIS E 259 -15.21 22.19 20.08
C HIS E 259 -14.12 21.67 19.15
N ILE E 260 -13.17 22.53 18.82
CA ILE E 260 -12.08 22.17 17.92
C ILE E 260 -11.31 20.91 18.31
N PRO E 261 -10.94 20.78 19.59
CA PRO E 261 -10.20 19.57 19.97
C PRO E 261 -10.94 18.30 19.56
N ASP E 262 -12.26 18.32 19.73
CA ASP E 262 -13.11 17.19 19.38
C ASP E 262 -13.23 17.02 17.87
N VAL E 263 -13.22 18.14 17.14
CA VAL E 263 -13.32 18.10 15.69
C VAL E 263 -12.09 17.44 15.09
N ILE E 264 -10.93 17.78 15.64
CA ILE E 264 -9.68 17.19 15.17
C ILE E 264 -9.67 15.70 15.49
N THR E 265 -10.08 15.35 16.71
CA THR E 265 -10.12 13.96 17.12
C THR E 265 -11.00 13.16 16.17
N TYR E 266 -12.20 13.69 15.94
CA TYR E 266 -13.14 13.03 15.05
C TYR E 266 -12.58 12.77 13.67
N LEU E 267 -12.14 13.85 13.01
CA LEU E 267 -11.58 13.75 11.67
C LEU E 267 -10.42 12.75 11.60
N SER E 268 -9.54 12.81 12.60
CA SER E 268 -8.38 11.92 12.64
C SER E 268 -8.72 10.43 12.64
N ARG E 269 -9.98 10.10 12.92
CA ARG E 269 -10.39 8.69 12.96
C ARG E 269 -10.97 8.19 11.64
N LEU E 270 -11.29 9.12 10.74
CA LEU E 270 -11.86 8.76 9.45
C LEU E 270 -10.84 8.04 8.58
N ARG E 271 -11.32 7.11 7.77
CA ARG E 271 -10.43 6.34 6.91
C ARG E 271 -10.86 6.34 5.45
N ASN E 272 -12.13 6.67 5.19
CA ASN E 272 -12.64 6.70 3.83
C ASN E 272 -12.54 8.12 3.26
N GLN E 273 -11.71 8.27 2.22
CA GLN E 273 -11.49 9.56 1.59
C GLN E 273 -12.74 10.38 1.28
N SER E 274 -13.77 9.74 0.71
CA SER E 274 -15.01 10.45 0.39
C SER E 274 -15.71 10.94 1.65
N VAL E 275 -15.57 10.18 2.74
CA VAL E 275 -16.20 10.57 4.01
C VAL E 275 -15.39 11.70 4.63
N PHE E 276 -14.07 11.62 4.50
CA PHE E 276 -13.18 12.64 5.06
C PHE E 276 -13.44 14.01 4.41
N ASN E 277 -13.54 14.04 3.08
CA ASN E 277 -13.81 15.28 2.36
C ASN E 277 -15.13 15.87 2.85
N PHE E 278 -16.14 15.03 2.92
CA PHE E 278 -17.48 15.45 3.35
C PHE E 278 -17.46 16.07 4.73
N CYS E 279 -16.69 15.47 5.63
CA CYS E 279 -16.59 15.96 7.01
C CYS E 279 -15.63 17.12 7.23
N ALA E 280 -14.44 17.04 6.64
CA ALA E 280 -13.45 18.08 6.82
C ALA E 280 -13.71 19.42 6.14
N ILE E 281 -14.13 19.39 4.88
CA ILE E 281 -14.38 20.64 4.15
C ILE E 281 -15.24 21.60 4.95
N PRO E 282 -16.44 21.18 5.37
CA PRO E 282 -17.34 22.04 6.15
C PRO E 282 -16.71 22.58 7.44
N GLN E 283 -15.99 21.73 8.16
CA GLN E 283 -15.35 22.14 9.40
C GLN E 283 -14.30 23.22 9.16
N VAL E 284 -13.47 23.02 8.13
CA VAL E 284 -12.43 23.97 7.78
C VAL E 284 -13.02 25.31 7.35
N MET E 285 -14.13 25.25 6.63
CA MET E 285 -14.80 26.47 6.19
C MET E 285 -15.40 27.18 7.39
N ALA E 286 -15.76 26.40 8.42
CA ALA E 286 -16.35 26.98 9.62
C ALA E 286 -15.27 27.71 10.39
N ILE E 287 -14.11 27.07 10.52
CA ILE E 287 -12.99 27.66 11.25
C ILE E 287 -12.51 28.92 10.53
N ALA E 288 -12.53 28.89 9.20
CA ALA E 288 -12.09 30.04 8.40
C ALA E 288 -13.09 31.18 8.59
N THR E 289 -14.36 30.80 8.72
CA THR E 289 -15.44 31.78 8.93
C THR E 289 -15.27 32.43 10.31
N LEU E 290 -14.93 31.64 11.32
CA LEU E 290 -14.75 32.19 12.66
C LEU E 290 -13.55 33.13 12.67
N ALA E 291 -12.49 32.74 11.99
CA ALA E 291 -11.28 33.55 11.91
C ALA E 291 -11.57 34.88 11.25
N ALA E 292 -12.42 34.86 10.23
CA ALA E 292 -12.76 36.09 9.52
C ALA E 292 -13.66 36.97 10.36
N CYS E 293 -14.48 36.34 11.20
CA CYS E 293 -15.41 37.06 12.05
C CYS E 293 -14.82 37.60 13.34
N TYR E 294 -13.78 36.96 13.85
CA TYR E 294 -13.20 37.41 15.11
C TYR E 294 -12.86 38.89 15.13
N ASN E 295 -13.30 39.57 16.18
CA ASN E 295 -13.06 41.01 16.35
C ASN E 295 -13.35 41.74 15.05
N ASN E 296 -14.44 41.37 14.37
CA ASN E 296 -14.80 42.00 13.10
C ASN E 296 -16.16 42.68 13.15
N GLN E 297 -16.14 44.01 13.04
CA GLN E 297 -17.35 44.82 13.05
C GLN E 297 -18.32 44.46 11.94
N GLN E 298 -17.78 44.00 10.81
CA GLN E 298 -18.60 43.62 9.67
C GLN E 298 -19.74 42.65 10.01
N VAL E 299 -19.50 41.80 11.00
CA VAL E 299 -20.51 40.84 11.42
C VAL E 299 -21.86 41.52 11.67
N PHE E 300 -21.80 42.75 12.17
CA PHE E 300 -23.02 43.48 12.48
C PHE E 300 -23.43 44.51 11.42
N LYS E 301 -22.58 44.71 10.43
CA LYS E 301 -22.87 45.66 9.36
C LYS E 301 -23.41 44.92 8.13
N GLY E 302 -22.76 43.81 7.78
CA GLY E 302 -23.19 43.03 6.63
C GLY E 302 -22.63 41.62 6.61
N ALA E 303 -22.28 41.15 5.43
CA ALA E 303 -21.73 39.81 5.26
C ALA E 303 -20.21 39.86 5.41
N VAL E 304 -19.60 38.72 5.72
CA VAL E 304 -18.16 38.63 5.90
C VAL E 304 -17.48 37.73 4.86
N LEU E 305 -16.48 38.26 4.17
CA LEU E 305 -15.76 37.49 3.17
C LEU E 305 -14.77 36.51 3.80
N ILE E 306 -14.83 35.26 3.34
CA ILE E 306 -13.93 34.24 3.88
C ILE E 306 -12.57 34.36 3.17
N ARG E 307 -11.53 34.75 3.92
CA ARG E 307 -10.17 34.97 3.39
C ARG E 307 -9.32 33.85 2.79
N LEU E 308 -8.51 34.22 1.81
CA LEU E 308 -7.62 33.25 1.15
C LEU E 308 -6.96 32.30 2.14
N GLY E 309 -5.91 32.79 2.80
CA GLY E 309 -5.18 32.00 3.75
C GLY E 309 -3.75 32.43 3.58
N GLN E 310 -2.90 32.21 4.58
CA GLN E 310 -1.51 32.59 4.47
C GLN E 310 -0.87 31.85 3.29
N ALA E 311 0.46 31.84 3.25
CA ALA E 311 1.22 31.18 2.19
C ALA E 311 1.28 29.67 2.37
N VAL E 312 1.46 29.20 3.61
CA VAL E 312 1.54 27.77 3.88
C VAL E 312 0.24 27.05 3.54
N THR E 313 -0.88 27.71 3.79
CA THR E 313 -2.20 27.14 3.51
C THR E 313 -2.46 27.12 2.01
N LEU E 314 -2.01 28.18 1.32
CA LEU E 314 -2.19 28.30 -0.12
C LEU E 314 -1.45 27.20 -0.87
N MET E 315 -0.80 26.33 -0.11
CA MET E 315 -0.04 25.23 -0.70
C MET E 315 -0.67 23.87 -0.42
N MET E 316 -1.78 23.87 0.31
CA MET E 316 -2.47 22.64 0.64
C MET E 316 -3.99 22.80 0.64
N ASP E 317 -4.67 21.67 0.46
CA ASP E 317 -6.14 21.66 0.47
C ASP E 317 -6.54 20.87 1.72
N ALA E 318 -7.83 20.78 1.99
CA ALA E 318 -8.29 20.07 3.18
C ALA E 318 -8.70 18.62 2.93
N THR E 319 -7.86 17.87 2.21
CA THR E 319 -8.20 16.48 1.92
C THR E 319 -7.36 15.39 2.59
N ASN E 320 -6.43 15.78 3.44
CA ASN E 320 -5.62 14.81 4.19
C ASN E 320 -5.46 15.41 5.59
N MET E 321 -5.54 14.55 6.61
CA MET E 321 -5.49 15.00 8.00
C MET E 321 -4.35 15.95 8.39
N PRO E 322 -3.09 15.60 8.11
CA PRO E 322 -1.98 16.50 8.46
C PRO E 322 -2.18 17.90 7.88
N ALA E 323 -2.68 17.97 6.66
CA ALA E 323 -2.91 19.25 6.00
C ALA E 323 -4.05 20.01 6.70
N VAL E 324 -5.10 19.30 7.07
CA VAL E 324 -6.24 19.92 7.74
C VAL E 324 -5.80 20.51 9.07
N LYS E 325 -4.93 19.79 9.79
CA LYS E 325 -4.42 20.28 11.06
C LYS E 325 -3.65 21.59 10.86
N ALA E 326 -2.78 21.60 9.87
CA ALA E 326 -1.97 22.78 9.57
C ALA E 326 -2.86 23.98 9.25
N ILE E 327 -3.88 23.75 8.44
CA ILE E 327 -4.82 24.81 8.07
C ILE E 327 -5.48 25.34 9.33
N ILE E 328 -5.94 24.43 10.17
CA ILE E 328 -6.61 24.78 11.42
C ILE E 328 -5.71 25.56 12.37
N TYR E 329 -4.43 25.18 12.46
CA TYR E 329 -3.51 25.87 13.35
C TYR E 329 -3.20 27.27 12.84
N GLN E 330 -3.16 27.44 11.52
CA GLN E 330 -2.87 28.74 10.95
C GLN E 330 -4.03 29.71 11.22
N TYR E 331 -5.25 29.20 11.18
CA TYR E 331 -6.42 30.05 11.44
C TYR E 331 -6.49 30.42 12.92
N MET E 332 -5.98 29.54 13.78
CA MET E 332 -5.97 29.83 15.20
C MET E 332 -5.01 30.98 15.47
N GLU E 333 -3.87 30.96 14.78
CA GLU E 333 -2.86 32.01 14.94
C GLU E 333 -3.36 33.32 14.36
N GLU E 334 -4.20 33.24 13.33
CA GLU E 334 -4.75 34.42 12.71
C GLU E 334 -5.63 35.12 13.73
N ILE E 335 -6.26 34.33 14.60
CA ILE E 335 -7.13 34.84 15.64
C ILE E 335 -6.32 35.33 16.83
N TYR E 336 -5.40 34.49 17.28
CA TYR E 336 -4.54 34.79 18.42
C TYR E 336 -3.81 36.13 18.27
N HIS E 337 -3.39 36.44 17.05
CA HIS E 337 -2.68 37.68 16.81
C HIS E 337 -3.56 38.92 16.87
N ARG E 338 -4.86 38.77 16.63
CA ARG E 338 -5.77 39.90 16.65
C ARG E 338 -6.50 40.06 17.96
N ILE E 339 -6.10 39.32 18.99
CA ILE E 339 -6.75 39.42 20.30
C ILE E 339 -6.38 40.72 21.03
N PRO E 340 -7.36 41.59 21.30
CA PRO E 340 -7.10 42.85 22.01
C PRO E 340 -6.87 42.56 23.50
N ASP E 341 -5.79 43.10 24.06
CA ASP E 341 -5.50 42.87 25.47
C ASP E 341 -6.66 43.33 26.34
N SER E 342 -7.34 44.38 25.94
CA SER E 342 -8.43 44.91 26.75
C SER E 342 -9.73 44.17 26.54
N ASN E 343 -9.74 43.24 25.57
CA ASN E 343 -10.95 42.47 25.31
C ASN E 343 -11.27 41.69 26.56
N PRO E 344 -12.55 41.62 26.92
CA PRO E 344 -13.03 40.92 28.12
C PRO E 344 -12.72 39.42 28.15
N SER E 345 -12.55 38.82 26.98
CA SER E 345 -12.30 37.39 26.92
C SER E 345 -10.88 37.05 26.51
N SER E 346 -10.06 38.09 26.34
CA SER E 346 -8.68 37.91 25.92
C SER E 346 -7.99 36.69 26.50
N SER E 347 -8.10 36.51 27.81
CA SER E 347 -7.47 35.39 28.48
C SER E 347 -8.11 34.06 28.12
N LYS E 348 -9.44 34.02 28.06
CA LYS E 348 -10.13 32.78 27.73
C LYS E 348 -9.71 32.34 26.33
N THR E 349 -9.74 33.30 25.41
CA THR E 349 -9.38 33.04 24.03
C THR E 349 -7.97 32.49 23.92
N ARG E 350 -7.02 33.14 24.58
CA ARG E 350 -5.64 32.68 24.54
C ARG E 350 -5.54 31.28 25.12
N GLN E 351 -6.27 31.04 26.22
CA GLN E 351 -6.24 29.73 26.87
C GLN E 351 -6.62 28.61 25.92
N ILE E 352 -7.82 28.69 25.33
CA ILE E 352 -8.28 27.64 24.42
C ILE E 352 -7.36 27.45 23.21
N ILE E 353 -6.86 28.54 22.63
CA ILE E 353 -5.97 28.42 21.48
C ILE E 353 -4.68 27.74 21.91
N SER E 354 -4.27 27.99 23.14
CA SER E 354 -3.06 27.39 23.69
C SER E 354 -3.31 25.90 23.85
N THR E 355 -4.50 25.55 24.33
CA THR E 355 -4.86 24.15 24.51
C THR E 355 -4.77 23.45 23.17
N ILE E 356 -5.36 24.07 22.15
CA ILE E 356 -5.38 23.52 20.80
C ILE E 356 -3.99 23.32 20.19
N ARG E 357 -3.11 24.30 20.34
CA ARG E 357 -1.77 24.19 19.80
C ARG E 357 -1.00 23.04 20.44
N THR E 358 -1.10 22.98 21.76
CA THR E 358 -0.38 22.00 22.57
C THR E 358 -0.83 20.55 22.53
N GLN E 359 -2.13 20.30 22.40
CA GLN E 359 -2.61 18.92 22.35
C GLN E 359 -1.87 18.15 21.26
N LEU F 26 -1.95 19.79 28.65
CA LEU F 26 -1.66 19.57 30.07
C LEU F 26 -0.52 20.45 30.56
N SER F 27 0.70 19.92 30.50
CA SER F 27 1.90 20.62 30.94
C SER F 27 1.95 22.09 30.53
N SER F 28 2.02 22.98 31.51
CA SER F 28 2.08 24.40 31.25
C SER F 28 3.42 24.79 30.64
N SER F 29 4.45 23.99 30.89
CA SER F 29 5.76 24.29 30.34
C SER F 29 5.74 23.90 28.86
N LEU F 30 4.97 22.88 28.52
CA LEU F 30 4.86 22.46 27.13
C LEU F 30 4.06 23.53 26.39
N LYS F 31 2.99 24.00 27.02
CA LYS F 31 2.16 25.04 26.42
C LYS F 31 3.04 26.25 26.10
N THR F 32 3.90 26.62 27.04
CA THR F 32 4.80 27.73 26.85
C THR F 32 5.74 27.44 25.69
N CYS F 33 6.10 26.16 25.54
CA CYS F 33 7.00 25.77 24.47
C CYS F 33 6.35 26.01 23.11
N TYR F 34 5.07 25.66 23.00
CA TYR F 34 4.36 25.87 21.75
C TYR F 34 4.10 27.35 21.52
N LYS F 35 4.09 28.14 22.59
CA LYS F 35 3.88 29.57 22.40
C LYS F 35 5.11 30.15 21.74
N TYR F 36 6.29 29.66 22.13
CA TYR F 36 7.54 30.13 21.55
C TYR F 36 7.71 29.66 20.11
N LEU F 37 7.22 28.47 19.82
CA LEU F 37 7.32 27.92 18.48
C LEU F 37 6.61 28.86 17.52
N ASN F 38 5.38 29.23 17.86
CA ASN F 38 4.59 30.14 17.05
C ASN F 38 5.21 31.53 17.01
N GLN F 39 5.77 31.95 18.13
CA GLN F 39 6.42 33.25 18.23
C GLN F 39 7.65 33.34 17.34
N THR F 40 8.51 32.33 17.43
CA THR F 40 9.76 32.30 16.68
C THR F 40 9.70 31.76 15.25
N SER F 41 8.69 30.96 14.95
CA SER F 41 8.57 30.39 13.61
C SER F 41 7.40 30.94 12.82
N ARG F 42 7.72 31.80 11.86
CA ARG F 42 6.71 32.41 11.01
C ARG F 42 6.02 31.35 10.13
N SER F 43 6.83 30.52 9.48
CA SER F 43 6.31 29.52 8.56
C SER F 43 6.06 28.07 9.03
N PHE F 44 7.06 27.43 9.65
CA PHE F 44 6.96 26.03 10.08
C PHE F 44 6.00 25.62 11.20
N ALA F 45 5.67 26.53 12.10
CA ALA F 45 4.80 26.21 13.23
C ALA F 45 3.62 25.29 12.95
N ALA F 46 2.77 25.68 12.01
CA ALA F 46 1.59 24.90 11.65
C ALA F 46 1.88 23.46 11.24
N VAL F 47 2.83 23.28 10.33
CA VAL F 47 3.17 21.94 9.87
C VAL F 47 3.88 21.10 10.92
N ILE F 48 4.61 21.76 11.82
CA ILE F 48 5.31 21.05 12.89
C ILE F 48 4.28 20.54 13.87
N GLN F 49 3.28 21.38 14.18
CA GLN F 49 2.22 21.00 15.11
C GLN F 49 1.33 19.93 14.48
N ALA F 50 1.47 19.77 13.16
CA ALA F 50 0.69 18.78 12.42
C ALA F 50 1.38 17.41 12.39
N LEU F 51 2.64 17.35 12.81
CA LEU F 51 3.37 16.08 12.82
C LEU F 51 2.70 15.01 13.68
N ASP F 52 2.79 13.76 13.24
CA ASP F 52 2.18 12.66 13.98
C ASP F 52 2.89 12.32 15.29
N GLY F 53 2.10 11.78 16.23
CA GLY F 53 2.61 11.39 17.54
C GLY F 53 3.82 12.10 18.12
N GLU F 54 4.77 11.29 18.60
CA GLU F 54 5.98 11.79 19.24
C GLU F 54 6.86 12.73 18.42
N MET F 55 6.64 12.78 17.11
CA MET F 55 7.44 13.68 16.28
C MET F 55 7.05 15.13 16.57
N ARG F 56 5.78 15.31 16.93
CA ARG F 56 5.25 16.64 17.24
C ARG F 56 6.13 17.35 18.27
N ASN F 57 6.05 16.91 19.52
CA ASN F 57 6.83 17.51 20.60
C ASN F 57 8.32 17.43 20.31
N ALA F 58 8.77 16.28 19.84
CA ALA F 58 10.18 16.09 19.54
C ALA F 58 10.71 17.17 18.61
N VAL F 59 9.98 17.45 17.54
CA VAL F 59 10.40 18.45 16.57
C VAL F 59 10.19 19.87 17.06
N CYS F 60 9.14 20.08 17.86
CA CYS F 60 8.87 21.40 18.42
C CYS F 60 10.04 21.80 19.31
N ILE F 61 10.41 20.89 20.22
CA ILE F 61 11.51 21.12 21.14
C ILE F 61 12.83 21.27 20.39
N PHE F 62 13.01 20.43 19.37
CA PHE F 62 14.23 20.47 18.56
C PHE F 62 14.36 21.81 17.86
N TYR F 63 13.23 22.38 17.45
CA TYR F 63 13.23 23.67 16.78
C TYR F 63 13.60 24.79 17.76
N LEU F 64 13.08 24.71 18.97
CA LEU F 64 13.36 25.72 19.98
C LEU F 64 14.83 25.75 20.40
N VAL F 65 15.40 24.61 20.77
CA VAL F 65 16.80 24.59 21.16
C VAL F 65 17.64 25.10 19.99
N LEU F 66 17.32 24.64 18.79
CA LEU F 66 18.02 25.07 17.59
C LEU F 66 17.94 26.58 17.46
N ARG F 67 16.77 27.13 17.76
CA ARG F 67 16.59 28.57 17.67
C ARG F 67 17.38 29.31 18.74
N ALA F 68 17.43 28.73 19.94
CA ALA F 68 18.17 29.35 21.03
C ALA F 68 19.65 29.36 20.65
N LEU F 69 20.16 28.19 20.28
CA LEU F 69 21.55 28.04 19.86
C LEU F 69 21.94 28.99 18.73
N ASP F 70 21.00 29.25 17.83
CA ASP F 70 21.27 30.13 16.71
C ASP F 70 21.27 31.58 17.15
N THR F 71 20.41 31.90 18.10
CA THR F 71 20.30 33.25 18.63
C THR F 71 21.58 33.65 19.36
N LEU F 72 22.19 32.69 20.06
CA LEU F 72 23.43 32.97 20.76
C LEU F 72 24.46 33.38 19.71
N GLU F 73 24.49 32.61 18.63
CA GLU F 73 25.43 32.86 17.54
C GLU F 73 25.20 34.22 16.88
N ASP F 74 23.94 34.56 16.66
CA ASP F 74 23.60 35.83 16.02
C ASP F 74 23.96 37.06 16.85
N ASP F 75 23.85 36.93 18.17
CA ASP F 75 24.13 38.06 19.06
C ASP F 75 25.56 38.57 18.95
N MET F 76 25.71 39.79 18.43
CA MET F 76 27.03 40.39 18.27
C MET F 76 27.50 41.12 19.52
N THR F 77 26.60 41.27 20.49
CA THR F 77 26.96 41.94 21.74
C THR F 77 27.76 40.97 22.61
N ILE F 78 27.84 39.72 22.18
CA ILE F 78 28.57 38.70 22.90
C ILE F 78 29.96 38.52 22.30
N SER F 79 30.99 38.70 23.13
CA SER F 79 32.37 38.58 22.67
C SER F 79 32.62 37.19 22.09
N VAL F 80 33.58 37.10 21.19
CA VAL F 80 33.91 35.83 20.56
C VAL F 80 34.40 34.81 21.57
N GLU F 81 35.33 35.20 22.43
CA GLU F 81 35.88 34.28 23.43
C GLU F 81 34.84 33.90 24.47
N LYS F 82 33.74 34.65 24.53
CA LYS F 82 32.68 34.36 25.48
C LYS F 82 31.66 33.51 24.74
N LYS F 83 31.51 33.79 23.44
CA LYS F 83 30.57 33.08 22.59
C LYS F 83 30.98 31.64 22.31
N VAL F 84 32.22 31.45 21.86
CA VAL F 84 32.75 30.14 21.54
C VAL F 84 32.39 29.03 22.54
N PRO F 85 32.69 29.26 23.83
CA PRO F 85 32.37 28.24 24.84
C PRO F 85 30.87 28.00 25.02
N LEU F 86 30.07 29.05 24.81
CA LEU F 86 28.62 28.93 24.93
C LEU F 86 28.11 28.01 23.83
N LEU F 87 28.69 28.17 22.65
CA LEU F 87 28.32 27.36 21.49
C LEU F 87 28.74 25.91 21.69
N HIS F 88 30.02 25.70 21.97
CA HIS F 88 30.55 24.35 22.16
C HIS F 88 29.83 23.56 23.24
N ASN F 89 29.44 24.22 24.33
CA ASN F 89 28.77 23.54 25.43
C ASN F 89 27.25 23.60 25.41
N PHE F 90 26.68 24.34 24.46
CA PHE F 90 25.23 24.46 24.38
C PHE F 90 24.57 23.10 24.59
N HIS F 91 25.05 22.10 23.87
CA HIS F 91 24.51 20.75 23.95
C HIS F 91 24.44 20.17 25.35
N SER F 92 25.27 20.68 26.26
CA SER F 92 25.27 20.19 27.63
C SER F 92 24.25 20.94 28.48
N PHE F 93 23.91 22.16 28.06
CA PHE F 93 22.94 22.96 28.80
C PHE F 93 21.58 22.24 28.88
N LEU F 94 21.29 21.44 27.87
CA LEU F 94 20.02 20.70 27.81
C LEU F 94 19.80 19.86 29.06
N TYR F 95 20.88 19.51 29.75
CA TYR F 95 20.79 18.70 30.95
C TYR F 95 21.03 19.49 32.23
N GLN F 96 21.31 20.79 32.07
CA GLN F 96 21.53 21.69 33.20
C GLN F 96 20.23 22.46 33.45
N PRO F 97 19.33 21.86 34.24
CA PRO F 97 18.02 22.37 34.63
C PRO F 97 17.89 23.88 34.78
N ASP F 98 18.80 24.48 35.54
CA ASP F 98 18.74 25.91 35.80
C ASP F 98 19.47 26.79 34.80
N TRP F 99 20.14 26.20 33.81
CA TRP F 99 20.85 27.02 32.84
C TRP F 99 19.92 27.97 32.10
N ARG F 100 20.43 29.15 31.81
CA ARG F 100 19.69 30.19 31.09
C ARG F 100 20.67 31.28 30.71
N PHE F 101 20.21 32.27 29.95
CA PHE F 101 21.08 33.36 29.51
C PHE F 101 20.23 34.64 29.37
N MET F 102 20.38 35.54 30.34
CA MET F 102 19.62 36.79 30.40
C MET F 102 20.29 38.02 29.79
N GLU F 103 21.31 37.81 28.96
CA GLU F 103 22.04 38.95 28.40
C GLU F 103 21.94 39.14 26.89
N SER F 104 20.99 38.45 26.26
CA SER F 104 20.81 38.55 24.83
C SER F 104 19.94 39.76 24.47
N LYS F 105 20.27 40.42 23.38
CA LYS F 105 19.51 41.59 22.92
C LYS F 105 18.70 41.22 21.69
N GLU F 106 18.96 40.03 21.16
CA GLU F 106 18.26 39.53 19.98
C GLU F 106 16.75 39.48 20.20
N LYS F 107 16.00 39.60 19.11
CA LYS F 107 14.54 39.59 19.17
C LYS F 107 13.93 38.32 19.76
N ASP F 108 14.62 37.20 19.61
CA ASP F 108 14.12 35.93 20.12
C ASP F 108 14.75 35.52 21.45
N ARG F 109 15.31 36.50 22.16
CA ARG F 109 15.97 36.24 23.43
C ARG F 109 15.15 35.43 24.44
N GLN F 110 13.82 35.55 24.37
CA GLN F 110 12.97 34.84 25.32
C GLN F 110 13.24 33.33 25.43
N VAL F 111 13.67 32.71 24.33
CA VAL F 111 13.95 31.27 24.36
C VAL F 111 15.21 30.98 25.19
N LEU F 112 16.10 31.97 25.28
CA LEU F 112 17.33 31.83 26.04
C LEU F 112 17.07 32.11 27.51
N GLU F 113 16.33 33.17 27.76
CA GLU F 113 16.01 33.58 29.12
C GLU F 113 15.13 32.55 29.80
N ASP F 114 14.25 31.91 29.02
CA ASP F 114 13.36 30.90 29.57
C ASP F 114 13.75 29.48 29.15
N PHE F 115 15.02 29.30 28.80
CA PHE F 115 15.53 28.01 28.36
C PHE F 115 15.17 26.85 29.31
N PRO F 116 15.15 27.09 30.63
CA PRO F 116 14.81 26.00 31.55
C PRO F 116 13.48 25.32 31.24
N THR F 117 12.51 26.11 30.76
CA THR F 117 11.21 25.58 30.40
C THR F 117 11.42 24.63 29.22
N ILE F 118 12.27 25.04 28.30
CA ILE F 118 12.58 24.26 27.11
C ILE F 118 13.42 23.02 27.43
N SER F 119 14.53 23.21 28.13
CA SER F 119 15.41 22.10 28.49
C SER F 119 14.63 21.08 29.32
N LEU F 120 13.63 21.56 30.05
CA LEU F 120 12.81 20.69 30.88
C LEU F 120 12.01 19.74 30.00
N GLU F 121 11.28 20.31 29.03
CA GLU F 121 10.48 19.51 28.11
C GLU F 121 11.36 18.65 27.22
N PHE F 122 12.59 19.09 26.99
CA PHE F 122 13.50 18.30 26.18
C PHE F 122 13.74 16.99 26.91
N ARG F 123 14.04 17.12 28.20
CA ARG F 123 14.31 15.96 29.05
C ARG F 123 13.08 15.09 29.30
N ASN F 124 11.95 15.47 28.72
CA ASN F 124 10.73 14.69 28.85
C ASN F 124 10.59 13.82 27.61
N LEU F 125 11.37 14.14 26.59
CA LEU F 125 11.35 13.40 25.33
C LEU F 125 12.02 12.05 25.52
N ALA F 126 11.53 11.03 24.80
CA ALA F 126 12.12 9.70 24.89
C ALA F 126 13.62 9.83 24.63
N GLU F 127 14.41 8.99 25.29
CA GLU F 127 15.86 9.03 25.16
C GLU F 127 16.35 9.01 23.71
N LYS F 128 15.68 8.22 22.87
CA LYS F 128 16.06 8.11 21.46
C LYS F 128 16.08 9.46 20.75
N TYR F 129 15.09 10.31 21.05
CA TYR F 129 15.03 11.63 20.43
C TYR F 129 16.09 12.56 21.00
N GLN F 130 16.31 12.45 22.31
CA GLN F 130 17.30 13.27 23.00
C GLN F 130 18.68 13.12 22.38
N THR F 131 19.10 11.87 22.19
CA THR F 131 20.40 11.57 21.60
C THR F 131 20.65 12.40 20.33
N VAL F 132 19.71 12.29 19.39
CA VAL F 132 19.81 12.99 18.11
C VAL F 132 19.92 14.50 18.27
N ILE F 133 19.00 15.10 19.03
CA ILE F 133 19.01 16.55 19.25
C ILE F 133 20.30 16.96 19.94
N ALA F 134 20.67 16.24 20.99
CA ALA F 134 21.89 16.54 21.72
C ALA F 134 23.06 16.47 20.73
N ASP F 135 23.18 15.32 20.07
CA ASP F 135 24.25 15.11 19.10
C ASP F 135 24.32 16.23 18.08
N ILE F 136 23.16 16.61 17.54
CA ILE F 136 23.09 17.66 16.53
C ILE F 136 23.55 19.02 17.06
N CYS F 137 23.02 19.43 18.21
CA CYS F 137 23.40 20.70 18.81
C CYS F 137 24.91 20.79 18.99
N ARG F 138 25.50 19.71 19.52
CA ARG F 138 26.93 19.65 19.76
C ARG F 138 27.69 19.93 18.47
N ARG F 139 27.48 19.08 17.48
CA ARG F 139 28.15 19.19 16.18
C ARG F 139 27.85 20.52 15.50
N MET F 140 26.67 21.08 15.75
CA MET F 140 26.30 22.35 15.14
C MET F 140 27.02 23.49 15.85
N GLY F 141 27.13 23.38 17.17
CA GLY F 141 27.81 24.41 17.93
C GLY F 141 29.26 24.48 17.51
N ILE F 142 29.89 23.31 17.44
CA ILE F 142 31.29 23.20 17.04
C ILE F 142 31.49 23.92 15.71
N GLY F 143 30.60 23.62 14.76
CA GLY F 143 30.68 24.22 13.44
C GLY F 143 30.44 25.72 13.41
N MET F 144 29.53 26.20 14.24
CA MET F 144 29.23 27.63 14.28
C MET F 144 30.41 28.41 14.85
N ALA F 145 31.05 27.84 15.86
CA ALA F 145 32.21 28.47 16.48
C ALA F 145 33.27 28.68 15.40
N GLU F 146 33.58 27.61 14.68
CA GLU F 146 34.57 27.65 13.62
C GLU F 146 34.42 28.81 12.63
N PHE F 147 33.18 29.15 12.28
CA PHE F 147 32.95 30.24 11.33
C PHE F 147 32.77 31.61 11.95
N LEU F 148 32.91 31.70 13.27
CA LEU F 148 32.76 32.97 13.96
C LEU F 148 33.79 34.02 13.55
N ASP F 149 35.03 33.59 13.31
CA ASP F 149 36.09 34.51 12.96
C ASP F 149 36.47 34.57 11.46
N LYS F 150 35.77 33.80 10.63
CA LYS F 150 36.07 33.81 9.20
C LYS F 150 34.83 34.00 8.34
N HIS F 151 35.05 34.17 7.04
CA HIS F 151 33.97 34.34 6.08
C HIS F 151 33.96 33.10 5.19
N VAL F 152 32.88 32.91 4.44
CA VAL F 152 32.81 31.77 3.53
C VAL F 152 33.67 32.13 2.32
N THR F 153 34.69 31.31 2.06
CA THR F 153 35.60 31.54 0.95
C THR F 153 35.22 30.78 -0.32
N SER F 154 35.65 29.53 -0.41
CA SER F 154 35.35 28.69 -1.58
C SER F 154 33.91 28.21 -1.47
N GLU F 155 33.40 27.66 -2.57
CA GLU F 155 32.04 27.14 -2.58
C GLU F 155 32.00 25.88 -1.73
N GLN F 156 33.12 25.17 -1.68
CA GLN F 156 33.23 23.96 -0.88
C GLN F 156 33.07 24.36 0.58
N GLU F 157 33.46 25.59 0.88
CA GLU F 157 33.34 26.15 2.23
C GLU F 157 31.87 26.51 2.45
N TRP F 158 31.24 27.02 1.40
CA TRP F 158 29.84 27.41 1.45
C TRP F 158 28.99 26.20 1.82
N ASP F 159 29.34 25.04 1.28
CA ASP F 159 28.63 23.81 1.57
C ASP F 159 28.90 23.40 3.01
N LYS F 160 30.13 23.67 3.46
CA LYS F 160 30.53 23.33 4.82
C LYS F 160 29.73 24.15 5.81
N TYR F 161 29.65 25.46 5.58
CA TYR F 161 28.89 26.33 6.47
C TYR F 161 27.44 25.88 6.49
N CYS F 162 26.79 25.88 5.33
CA CYS F 162 25.41 25.48 5.23
C CYS F 162 25.20 24.16 5.96
N HIS F 163 26.17 23.26 5.84
CA HIS F 163 26.10 21.96 6.50
C HIS F 163 25.92 22.15 8.00
N TYR F 164 26.68 23.09 8.56
CA TYR F 164 26.62 23.35 10.00
C TYR F 164 25.36 24.08 10.50
N VAL F 165 24.79 24.95 9.67
CA VAL F 165 23.60 25.68 10.11
C VAL F 165 22.26 25.21 9.54
N ALA F 166 22.30 24.25 8.61
CA ALA F 166 21.06 23.76 8.00
C ALA F 166 21.13 22.26 7.71
N GLY F 167 22.18 21.83 7.03
CA GLY F 167 22.35 20.42 6.70
C GLY F 167 22.16 19.49 7.88
N LEU F 168 22.87 19.76 8.96
CA LEU F 168 22.78 18.94 10.16
C LEU F 168 21.36 18.88 10.70
N VAL F 169 20.60 19.96 10.49
CA VAL F 169 19.22 19.99 10.95
C VAL F 169 18.46 18.93 10.18
N GLY F 170 18.69 18.88 8.87
CA GLY F 170 18.04 17.91 8.02
C GLY F 170 18.41 16.49 8.43
N ILE F 171 19.68 16.30 8.77
CA ILE F 171 20.15 14.99 9.20
C ILE F 171 19.46 14.62 10.50
N GLY F 172 19.33 15.59 11.40
CA GLY F 172 18.68 15.35 12.67
C GLY F 172 17.22 14.96 12.47
N LEU F 173 16.49 15.82 11.75
CA LEU F 173 15.08 15.56 11.49
C LEU F 173 14.87 14.17 10.91
N SER F 174 15.65 13.84 9.89
CA SER F 174 15.56 12.53 9.26
C SER F 174 15.68 11.43 10.30
N ARG F 175 16.63 11.59 11.23
CA ARG F 175 16.84 10.60 12.28
C ARG F 175 15.67 10.57 13.25
N LEU F 176 15.07 11.73 13.50
CA LEU F 176 13.94 11.79 14.40
C LEU F 176 12.78 11.05 13.75
N PHE F 177 12.62 11.23 12.44
CA PHE F 177 11.56 10.56 11.71
C PHE F 177 11.70 9.04 11.83
N SER F 178 12.88 8.53 11.51
CA SER F 178 13.14 7.10 11.60
C SER F 178 13.05 6.60 13.03
N ALA F 179 13.63 7.34 13.96
CA ALA F 179 13.60 6.95 15.36
C ALA F 179 12.17 6.79 15.85
N SER F 180 11.27 7.63 15.34
CA SER F 180 9.86 7.59 15.74
C SER F 180 9.12 6.42 15.08
N GLU F 181 9.72 5.87 14.03
CA GLU F 181 9.14 4.75 13.31
C GLU F 181 7.93 5.11 12.44
N PHE F 182 7.75 6.40 12.18
CA PHE F 182 6.68 6.86 11.31
C PHE F 182 7.25 6.84 9.90
N GLU F 183 8.58 6.91 9.83
CA GLU F 183 9.30 6.83 8.58
C GLU F 183 10.28 5.67 8.71
N ASP F 184 10.49 4.97 7.61
CA ASP F 184 11.39 3.82 7.54
C ASP F 184 12.83 4.15 7.94
N PRO F 185 13.61 3.16 8.41
CA PRO F 185 15.01 3.37 8.82
C PRO F 185 15.88 3.95 7.70
N LEU F 186 15.46 3.72 6.46
CA LEU F 186 16.18 4.21 5.30
C LEU F 186 16.22 5.73 5.18
N VAL F 187 15.31 6.42 5.87
CA VAL F 187 15.28 7.87 5.82
C VAL F 187 16.35 8.46 6.71
N GLY F 188 16.45 7.93 7.92
CA GLY F 188 17.45 8.41 8.86
C GLY F 188 18.86 8.13 8.36
N GLU F 189 19.04 6.96 7.74
CA GLU F 189 20.33 6.55 7.21
C GLU F 189 20.89 7.45 6.11
N ASP F 190 20.05 7.78 5.14
CA ASP F 190 20.48 8.63 4.04
C ASP F 190 20.84 10.03 4.53
N THR F 191 22.07 10.21 4.97
CA THR F 191 22.51 11.51 5.48
C THR F 191 22.88 12.51 4.40
N GLU F 192 23.49 12.05 3.30
CA GLU F 192 23.89 12.95 2.23
C GLU F 192 22.70 13.69 1.64
N ARG F 193 21.58 12.98 1.47
CA ARG F 193 20.39 13.60 0.90
C ARG F 193 19.66 14.47 1.93
N ALA F 194 19.72 14.07 3.19
CA ALA F 194 19.10 14.85 4.25
C ALA F 194 19.88 16.16 4.32
N ASN F 195 21.19 16.07 4.11
CA ASN F 195 22.06 17.24 4.12
C ASN F 195 21.69 18.17 2.98
N SER F 196 21.53 17.60 1.79
CA SER F 196 21.16 18.39 0.61
C SER F 196 19.87 19.17 0.88
N MET F 197 18.90 18.51 1.53
CA MET F 197 17.65 19.17 1.85
C MET F 197 17.98 20.46 2.57
N GLY F 198 18.80 20.33 3.61
CA GLY F 198 19.20 21.49 4.38
C GLY F 198 20.00 22.52 3.59
N LEU F 199 20.98 22.05 2.82
CA LEU F 199 21.80 22.95 2.02
C LEU F 199 20.99 23.77 1.03
N PHE F 200 19.97 23.18 0.45
CA PHE F 200 19.14 23.88 -0.52
C PHE F 200 18.38 25.04 0.10
N LEU F 201 17.75 24.80 1.24
CA LEU F 201 17.00 25.87 1.90
C LEU F 201 17.94 26.99 2.31
N GLN F 202 19.02 26.63 3.00
CA GLN F 202 20.00 27.59 3.48
C GLN F 202 20.58 28.44 2.36
N LYS F 203 21.02 27.79 1.28
CA LYS F 203 21.58 28.53 0.15
C LYS F 203 20.54 29.46 -0.44
N THR F 204 19.30 28.98 -0.51
CA THR F 204 18.21 29.79 -1.05
C THR F 204 17.96 31.05 -0.22
N ASN F 205 17.93 30.89 1.09
CA ASN F 205 17.71 32.03 1.96
C ASN F 205 18.88 33.01 1.87
N ILE F 206 20.09 32.46 1.82
CA ILE F 206 21.30 33.28 1.72
C ILE F 206 21.27 34.11 0.44
N ILE F 207 20.81 33.50 -0.65
CA ILE F 207 20.74 34.20 -1.94
C ILE F 207 19.67 35.28 -1.88
N ARG F 208 18.53 34.96 -1.28
CA ARG F 208 17.43 35.89 -1.17
C ARG F 208 17.74 37.06 -0.24
N ASP F 209 18.27 36.76 0.94
CA ASP F 209 18.57 37.79 1.94
C ASP F 209 19.90 38.53 1.80
N TYR F 210 20.46 38.60 0.59
CA TYR F 210 21.73 39.30 0.41
C TYR F 210 21.66 40.71 0.99
N LEU F 211 20.78 41.53 0.43
CA LEU F 211 20.62 42.91 0.86
C LEU F 211 20.47 43.02 2.37
N GLU F 212 19.53 42.28 2.93
CA GLU F 212 19.29 42.31 4.37
C GLU F 212 20.52 41.87 5.17
N ASP F 213 21.31 40.97 4.62
CA ASP F 213 22.50 40.50 5.31
C ASP F 213 23.63 41.52 5.25
N GLN F 214 23.66 42.31 4.18
CA GLN F 214 24.69 43.32 4.03
C GLN F 214 24.43 44.48 4.99
N GLN F 215 23.19 44.94 5.00
CA GLN F 215 22.77 46.04 5.88
C GLN F 215 22.77 45.58 7.34
N GLY F 216 23.22 44.35 7.56
CA GLY F 216 23.28 43.81 8.91
C GLY F 216 24.70 43.50 9.32
N GLY F 217 25.64 43.76 8.41
CA GLY F 217 27.05 43.53 8.69
C GLY F 217 27.52 42.09 8.50
N ARG F 218 26.62 41.23 8.02
CA ARG F 218 26.97 39.82 7.81
C ARG F 218 27.14 39.50 6.32
N GLU F 219 28.17 38.72 6.01
CA GLU F 219 28.44 38.32 4.64
C GLU F 219 28.44 36.80 4.54
N PHE F 220 27.62 36.27 3.64
CA PHE F 220 27.51 34.82 3.47
C PHE F 220 27.76 34.27 2.07
N TRP F 221 27.80 35.13 1.07
CA TRP F 221 28.05 34.69 -0.30
C TRP F 221 29.52 34.28 -0.41
N PRO F 222 29.79 33.07 -0.94
CA PRO F 222 31.18 32.59 -1.07
C PRO F 222 32.08 33.62 -1.74
N GLN F 223 33.05 34.12 -0.97
CA GLN F 223 33.97 35.12 -1.47
C GLN F 223 34.60 34.76 -2.81
N GLU F 224 34.99 33.50 -2.96
CA GLU F 224 35.60 33.05 -4.21
C GLU F 224 34.74 33.29 -5.44
N VAL F 225 33.43 33.41 -5.24
CA VAL F 225 32.53 33.63 -6.36
C VAL F 225 32.23 35.11 -6.58
N TRP F 226 31.91 35.84 -5.52
CA TRP F 226 31.62 37.26 -5.67
C TRP F 226 32.88 38.07 -5.95
N SER F 227 34.03 37.51 -5.58
CA SER F 227 35.31 38.18 -5.80
C SER F 227 35.64 38.27 -7.28
N ARG F 228 35.05 37.39 -8.09
CA ARG F 228 35.31 37.38 -9.52
C ARG F 228 34.41 38.36 -10.27
N TYR F 229 33.57 39.07 -9.52
CA TYR F 229 32.65 40.05 -10.10
C TYR F 229 32.96 41.44 -9.57
N VAL F 230 33.12 41.53 -8.25
CA VAL F 230 33.41 42.81 -7.61
C VAL F 230 34.54 42.67 -6.60
N LYS F 231 34.99 43.82 -6.07
CA LYS F 231 36.07 43.84 -5.10
C LYS F 231 35.57 43.54 -3.69
N LYS F 232 34.48 44.19 -3.30
CA LYS F 232 33.88 43.98 -1.99
C LYS F 232 32.43 43.54 -2.20
N LEU F 233 32.04 42.47 -1.53
CA LEU F 233 30.69 41.92 -1.66
C LEU F 233 29.59 42.99 -1.55
N GLY F 234 29.89 44.09 -0.87
CA GLY F 234 28.90 45.14 -0.73
C GLY F 234 28.70 45.94 -2.00
N ASP F 235 29.61 45.80 -2.94
CA ASP F 235 29.52 46.53 -4.20
C ASP F 235 28.25 46.20 -4.94
N PHE F 236 27.75 44.97 -4.78
CA PHE F 236 26.53 44.55 -5.45
C PHE F 236 25.38 45.48 -5.06
N ALA F 237 25.46 46.03 -3.86
CA ALA F 237 24.44 46.93 -3.36
C ALA F 237 24.48 48.23 -4.16
N LEU F 238 25.57 48.46 -4.88
CA LEU F 238 25.73 49.65 -5.70
C LEU F 238 25.07 49.53 -7.06
N PRO F 239 24.12 50.44 -7.35
CA PRO F 239 23.36 50.48 -8.60
C PRO F 239 24.23 50.47 -9.85
N GLU F 240 25.51 50.76 -9.70
CA GLU F 240 26.42 50.77 -10.84
C GLU F 240 26.99 49.39 -11.15
N ASN F 241 26.78 48.44 -10.24
CA ASN F 241 27.26 47.08 -10.43
C ASN F 241 26.13 46.08 -10.58
N ILE F 242 24.92 46.56 -10.86
CA ILE F 242 23.75 45.70 -11.00
C ILE F 242 23.95 44.51 -11.95
N ASP F 243 24.64 44.73 -13.05
CA ASP F 243 24.87 43.67 -14.03
C ASP F 243 25.79 42.57 -13.48
N LEU F 244 26.90 42.96 -12.88
CA LEU F 244 27.83 41.98 -12.31
C LEU F 244 27.16 41.31 -11.13
N ALA F 245 26.22 42.02 -10.51
CA ALA F 245 25.49 41.51 -9.36
C ALA F 245 24.63 40.34 -9.83
N VAL F 246 23.70 40.63 -10.75
CA VAL F 246 22.82 39.62 -11.29
C VAL F 246 23.60 38.40 -11.75
N GLN F 247 24.67 38.63 -12.49
CA GLN F 247 25.51 37.53 -12.98
C GLN F 247 25.96 36.64 -11.83
N CYS F 248 26.40 37.27 -10.75
CA CYS F 248 26.86 36.54 -9.58
C CYS F 248 25.67 35.81 -8.96
N LEU F 249 24.51 36.47 -8.98
CA LEU F 249 23.29 35.91 -8.44
C LEU F 249 22.99 34.60 -9.18
N ASN F 250 22.93 34.68 -10.50
CA ASN F 250 22.64 33.52 -11.33
C ASN F 250 23.62 32.37 -11.08
N GLU F 251 24.90 32.70 -10.93
CA GLU F 251 25.90 31.66 -10.71
C GLU F 251 25.69 30.93 -9.39
N LEU F 252 25.12 31.63 -8.41
CA LEU F 252 24.85 31.03 -7.11
C LEU F 252 23.58 30.19 -7.18
N ILE F 253 22.55 30.75 -7.80
CA ILE F 253 21.29 30.03 -7.96
C ILE F 253 21.56 28.75 -8.73
N THR F 254 22.41 28.85 -9.75
CA THR F 254 22.77 27.68 -10.55
C THR F 254 23.41 26.67 -9.60
N ASN F 255 24.21 27.19 -8.68
CA ASN F 255 24.89 26.36 -7.70
C ASN F 255 23.86 25.59 -6.88
N ALA F 256 22.90 26.32 -6.32
CA ALA F 256 21.84 25.72 -5.51
C ALA F 256 21.04 24.63 -6.22
N LEU F 257 20.60 24.92 -7.44
CA LEU F 257 19.80 23.99 -8.22
C LEU F 257 20.36 22.57 -8.25
N HIS F 258 21.66 22.43 -8.07
CA HIS F 258 22.30 21.12 -8.08
C HIS F 258 21.84 20.19 -6.96
N HIS F 259 21.16 20.74 -5.96
CA HIS F 259 20.67 19.95 -4.83
C HIS F 259 19.30 19.35 -5.09
N ILE F 260 18.56 19.91 -6.05
CA ILE F 260 17.22 19.46 -6.37
C ILE F 260 17.09 17.95 -6.63
N PRO F 261 18.03 17.36 -7.37
CA PRO F 261 17.89 15.92 -7.60
C PRO F 261 17.84 15.16 -6.29
N ASP F 262 18.66 15.56 -5.33
CA ASP F 262 18.70 14.93 -4.01
C ASP F 262 17.42 15.22 -3.25
N VAL F 263 16.93 16.45 -3.38
CA VAL F 263 15.71 16.87 -2.71
C VAL F 263 14.56 15.98 -3.19
N ILE F 264 14.45 15.82 -4.50
CA ILE F 264 13.41 15.00 -5.10
C ILE F 264 13.55 13.54 -4.64
N THR F 265 14.79 13.06 -4.58
CA THR F 265 15.04 11.69 -4.16
C THR F 265 14.63 11.51 -2.71
N TYR F 266 15.02 12.48 -1.87
CA TYR F 266 14.70 12.41 -0.45
C TYR F 266 13.19 12.35 -0.21
N LEU F 267 12.45 13.25 -0.83
CA LEU F 267 11.01 13.28 -0.66
C LEU F 267 10.33 12.03 -1.22
N SER F 268 10.85 11.50 -2.32
CA SER F 268 10.28 10.31 -2.92
C SER F 268 10.29 9.11 -1.99
N ARG F 269 11.23 9.10 -1.05
CA ARG F 269 11.37 8.01 -0.10
C ARG F 269 10.35 8.06 1.03
N LEU F 270 9.89 9.26 1.36
CA LEU F 270 8.94 9.44 2.46
C LEU F 270 7.63 8.66 2.28
N ARG F 271 7.08 8.20 3.40
CA ARG F 271 5.85 7.42 3.38
C ARG F 271 4.76 7.95 4.31
N ASN F 272 5.14 8.78 5.27
CA ASN F 272 4.18 9.37 6.21
C ASN F 272 3.73 10.74 5.72
N GLN F 273 2.42 10.95 5.68
CA GLN F 273 1.84 12.20 5.20
C GLN F 273 2.23 13.45 5.99
N SER F 274 2.19 13.37 7.31
CA SER F 274 2.53 14.54 8.12
C SER F 274 4.00 14.88 7.90
N VAL F 275 4.84 13.86 7.77
CA VAL F 275 6.27 14.10 7.55
C VAL F 275 6.48 14.67 6.15
N PHE F 276 5.68 14.20 5.19
CA PHE F 276 5.77 14.65 3.81
C PHE F 276 5.45 16.14 3.66
N ASN F 277 4.32 16.58 4.24
CA ASN F 277 3.93 17.98 4.16
C ASN F 277 5.03 18.85 4.77
N PHE F 278 5.53 18.41 5.92
CA PHE F 278 6.59 19.10 6.65
C PHE F 278 7.86 19.25 5.83
N CYS F 279 8.25 18.20 5.13
CA CYS F 279 9.46 18.21 4.31
C CYS F 279 9.28 18.84 2.95
N ALA F 280 8.19 18.49 2.28
CA ALA F 280 7.92 18.99 0.93
C ALA F 280 7.66 20.49 0.79
N ILE F 281 6.77 21.02 1.62
CA ILE F 281 6.42 22.43 1.52
C ILE F 281 7.58 23.41 1.62
N PRO F 282 8.50 23.22 2.57
CA PRO F 282 9.61 24.17 2.62
C PRO F 282 10.43 24.14 1.34
N GLN F 283 10.66 22.93 0.81
CA GLN F 283 11.44 22.77 -0.42
C GLN F 283 10.78 23.45 -1.63
N VAL F 284 9.45 23.38 -1.71
CA VAL F 284 8.74 23.99 -2.83
C VAL F 284 8.81 25.51 -2.74
N MET F 285 8.70 26.05 -1.54
CA MET F 285 8.76 27.49 -1.35
C MET F 285 10.13 28.00 -1.77
N ALA F 286 11.17 27.30 -1.34
CA ALA F 286 12.53 27.68 -1.68
C ALA F 286 12.73 27.70 -3.19
N ILE F 287 12.21 26.66 -3.85
CA ILE F 287 12.31 26.54 -5.29
C ILE F 287 11.60 27.71 -5.96
N ALA F 288 10.42 28.03 -5.44
CA ALA F 288 9.62 29.14 -5.97
C ALA F 288 10.40 30.42 -5.75
N THR F 289 11.05 30.50 -4.59
CA THR F 289 11.84 31.68 -4.24
C THR F 289 12.96 31.86 -5.26
N LEU F 290 13.77 30.82 -5.44
CA LEU F 290 14.87 30.87 -6.40
C LEU F 290 14.37 31.26 -7.79
N ALA F 291 13.22 30.71 -8.16
CA ALA F 291 12.63 30.98 -9.47
C ALA F 291 12.37 32.47 -9.64
N ALA F 292 11.81 33.09 -8.61
CA ALA F 292 11.48 34.51 -8.64
C ALA F 292 12.74 35.38 -8.60
N CYS F 293 13.77 34.90 -7.92
CA CYS F 293 15.02 35.64 -7.80
C CYS F 293 15.90 35.55 -9.04
N TYR F 294 15.88 34.40 -9.71
CA TYR F 294 16.71 34.21 -10.88
C TYR F 294 16.74 35.41 -11.82
N ASN F 295 17.95 35.86 -12.13
CA ASN F 295 18.16 37.00 -13.03
C ASN F 295 17.27 38.18 -12.69
N ASN F 296 17.01 38.39 -11.40
CA ASN F 296 16.16 39.50 -10.99
C ASN F 296 16.92 40.53 -10.17
N GLN F 297 17.04 41.72 -10.74
CA GLN F 297 17.74 42.84 -10.10
C GLN F 297 17.10 43.16 -8.75
N GLN F 298 15.78 42.99 -8.67
CA GLN F 298 15.04 43.26 -7.44
C GLN F 298 15.77 42.75 -6.20
N VAL F 299 16.50 41.65 -6.36
CA VAL F 299 17.24 41.05 -5.26
C VAL F 299 18.15 42.04 -4.55
N PHE F 300 18.82 42.89 -5.32
CA PHE F 300 19.75 43.88 -4.77
C PHE F 300 19.08 45.20 -4.42
N LYS F 301 17.84 45.38 -4.86
CA LYS F 301 17.12 46.62 -4.57
C LYS F 301 16.26 46.48 -3.31
N GLY F 302 15.43 45.45 -3.25
CA GLY F 302 14.58 45.24 -2.09
C GLY F 302 14.09 43.80 -1.92
N ALA F 303 13.01 43.63 -1.16
CA ALA F 303 12.40 42.32 -0.91
C ALA F 303 11.94 41.72 -2.22
N VAL F 304 12.13 40.42 -2.39
CA VAL F 304 11.70 39.79 -3.63
C VAL F 304 10.35 39.12 -3.38
N LEU F 305 9.49 39.20 -4.40
CA LEU F 305 8.14 38.65 -4.37
C LEU F 305 8.04 37.24 -4.98
N ILE F 306 7.31 36.36 -4.32
CA ILE F 306 7.13 34.98 -4.81
C ILE F 306 5.78 34.81 -5.52
N ARG F 307 5.84 34.65 -6.83
CA ARG F 307 4.67 34.51 -7.65
C ARG F 307 3.88 33.20 -7.53
N LEU F 308 2.64 33.35 -7.99
CA LEU F 308 1.62 32.30 -8.07
C LEU F 308 2.06 30.91 -8.61
N GLY F 309 2.43 30.88 -9.88
CA GLY F 309 2.83 29.64 -10.51
C GLY F 309 1.81 29.38 -11.59
N GLN F 310 2.25 29.01 -12.79
CA GLN F 310 1.38 28.76 -13.95
C GLN F 310 -0.04 28.21 -13.71
N ALA F 311 -0.67 27.74 -14.77
CA ALA F 311 -2.03 27.19 -14.69
C ALA F 311 -2.09 25.81 -14.05
N VAL F 312 -1.30 24.87 -14.58
CA VAL F 312 -1.26 23.51 -14.08
C VAL F 312 -0.99 23.39 -12.58
N THR F 313 -0.10 24.26 -12.07
CA THR F 313 0.26 24.23 -10.66
C THR F 313 -0.83 24.79 -9.77
N LEU F 314 -1.56 25.78 -10.28
CA LEU F 314 -2.65 26.39 -9.52
C LEU F 314 -3.76 25.36 -9.36
N MET F 315 -3.49 24.13 -9.80
CA MET F 315 -4.46 23.05 -9.70
C MET F 315 -4.02 21.99 -8.70
N MET F 316 -2.75 22.06 -8.29
CA MET F 316 -2.21 21.09 -7.36
C MET F 316 -1.52 21.72 -6.15
N ASP F 317 -1.54 21.01 -5.05
CA ASP F 317 -0.89 21.47 -3.84
C ASP F 317 0.31 20.54 -3.64
N ALA F 318 1.18 20.85 -2.69
CA ALA F 318 2.37 20.03 -2.48
C ALA F 318 2.21 18.92 -1.45
N THR F 319 1.13 18.15 -1.54
CA THR F 319 0.90 17.07 -0.58
C THR F 319 1.04 15.63 -1.08
N ASN F 320 1.43 15.46 -2.35
CA ASN F 320 1.67 14.13 -2.90
C ASN F 320 2.88 14.30 -3.81
N MET F 321 3.75 13.30 -3.84
CA MET F 321 4.97 13.37 -4.63
C MET F 321 4.85 13.74 -6.12
N PRO F 322 3.89 13.17 -6.85
CA PRO F 322 3.78 13.53 -8.27
C PRO F 322 3.46 15.01 -8.45
N ALA F 323 2.61 15.55 -7.58
CA ALA F 323 2.23 16.95 -7.64
C ALA F 323 3.46 17.81 -7.34
N VAL F 324 4.24 17.41 -6.35
CA VAL F 324 5.45 18.14 -5.99
C VAL F 324 6.43 18.17 -7.17
N LYS F 325 6.61 17.03 -7.83
CA LYS F 325 7.50 16.95 -8.98
C LYS F 325 7.01 17.95 -10.03
N ALA F 326 5.71 17.89 -10.31
CA ALA F 326 5.09 18.77 -11.30
C ALA F 326 5.33 20.24 -10.95
N ILE F 327 5.20 20.58 -9.67
CA ILE F 327 5.43 21.95 -9.22
C ILE F 327 6.87 22.34 -9.50
N ILE F 328 7.80 21.51 -9.02
CA ILE F 328 9.22 21.75 -9.22
C ILE F 328 9.54 21.91 -10.70
N TYR F 329 9.09 20.96 -11.51
CA TYR F 329 9.34 21.01 -12.95
C TYR F 329 8.83 22.30 -13.58
N GLN F 330 7.74 22.84 -13.05
CA GLN F 330 7.19 24.08 -13.60
C GLN F 330 8.09 25.25 -13.27
N TYR F 331 8.61 25.28 -12.05
CA TYR F 331 9.50 26.36 -11.65
C TYR F 331 10.81 26.26 -12.41
N MET F 332 11.23 25.04 -12.72
CA MET F 332 12.46 24.83 -13.47
C MET F 332 12.32 25.42 -14.86
N GLU F 333 11.13 25.28 -15.43
CA GLU F 333 10.86 25.81 -16.76
C GLU F 333 10.83 27.33 -16.70
N GLU F 334 10.32 27.86 -15.59
CA GLU F 334 10.25 29.30 -15.40
C GLU F 334 11.63 29.93 -15.42
N ILE F 335 12.62 29.17 -14.99
CA ILE F 335 14.00 29.65 -14.97
C ILE F 335 14.66 29.41 -16.32
N TYR F 336 14.45 28.23 -16.87
CA TYR F 336 15.02 27.87 -18.16
C TYR F 336 14.61 28.90 -19.20
N HIS F 337 13.37 29.36 -19.10
CA HIS F 337 12.84 30.35 -20.03
C HIS F 337 13.61 31.67 -20.01
N ARG F 338 14.01 32.09 -18.82
CA ARG F 338 14.71 33.36 -18.65
C ARG F 338 16.24 33.33 -18.66
N ILE F 339 16.84 32.19 -18.98
CA ILE F 339 18.30 32.13 -19.02
C ILE F 339 18.83 32.94 -20.19
N PRO F 340 19.53 34.05 -19.93
CA PRO F 340 20.05 34.87 -21.03
C PRO F 340 21.34 34.26 -21.60
N ASP F 341 21.38 34.12 -22.92
CA ASP F 341 22.57 33.58 -23.56
C ASP F 341 23.77 34.42 -23.11
N SER F 342 23.53 35.70 -22.85
CA SER F 342 24.62 36.58 -22.46
C SER F 342 25.14 36.41 -21.03
N ASN F 343 24.52 35.49 -20.28
CA ASN F 343 24.96 35.22 -18.91
C ASN F 343 26.15 34.30 -19.01
N PRO F 344 27.06 34.37 -18.02
CA PRO F 344 28.20 33.46 -18.12
C PRO F 344 28.07 32.13 -17.44
N SER F 345 26.90 31.86 -16.91
CA SER F 345 26.59 30.62 -16.21
C SER F 345 25.57 29.87 -17.04
N SER F 346 24.95 30.60 -17.96
CA SER F 346 23.90 30.06 -18.84
C SER F 346 24.03 28.58 -19.16
N SER F 347 25.16 28.17 -19.72
CA SER F 347 25.36 26.78 -20.07
C SER F 347 25.28 25.86 -18.86
N LYS F 348 25.79 26.33 -17.73
CA LYS F 348 25.76 25.53 -16.51
C LYS F 348 24.33 25.42 -16.01
N THR F 349 23.58 26.52 -16.11
CA THR F 349 22.19 26.54 -15.68
C THR F 349 21.34 25.57 -16.50
N ARG F 350 21.47 25.65 -17.82
CA ARG F 350 20.71 24.77 -18.69
C ARG F 350 21.09 23.32 -18.42
N GLN F 351 22.39 23.07 -18.30
CA GLN F 351 22.90 21.72 -18.05
C GLN F 351 22.26 21.06 -16.84
N ILE F 352 22.20 21.79 -15.72
CA ILE F 352 21.63 21.24 -14.49
C ILE F 352 20.13 21.01 -14.62
N ILE F 353 19.41 21.99 -15.18
CA ILE F 353 17.96 21.86 -15.33
C ILE F 353 17.59 20.68 -16.24
N SER F 354 18.40 20.42 -17.26
CA SER F 354 18.13 19.32 -18.17
C SER F 354 18.34 17.99 -17.47
N THR F 355 19.19 17.98 -16.45
CA THR F 355 19.46 16.78 -15.69
C THR F 355 18.31 16.49 -14.74
N ILE F 356 17.78 17.55 -14.14
CA ILE F 356 16.66 17.44 -13.21
C ILE F 356 15.44 16.90 -13.94
N ARG F 357 15.34 17.23 -15.23
CA ARG F 357 14.22 16.81 -16.08
C ARG F 357 14.28 15.40 -16.62
N THR F 358 15.45 15.02 -17.12
CA THR F 358 15.64 13.70 -17.73
C THR F 358 15.69 12.55 -16.73
N GLN F 359 16.23 12.81 -15.55
CA GLN F 359 16.32 11.76 -14.53
C GLN F 359 14.89 11.34 -14.15
OAD BH8 G . -21.29 -26.14 -5.42
PAX BH8 G . -20.79 -27.34 -6.37
OAE BH8 G . -21.89 -27.50 -7.53
OAB BH8 G . -20.57 -28.60 -5.62
CAU BH8 G . -19.26 -26.76 -7.19
PAY BH8 G . -19.58 -25.13 -7.98
OAF BH8 G . -19.51 -24.03 -6.80
OAG BH8 G . -18.33 -24.82 -8.94
OAC BH8 G . -20.88 -25.10 -8.71
CAT BH8 G . -18.83 -27.79 -8.23
NAW BH8 G . -17.37 -27.78 -8.40
CAJ BH8 G . -16.72 -27.23 -9.43
CAI BH8 G . -16.51 -27.93 -7.40
CAH BH8 G . -15.34 -27.41 -7.78
NAV BH8 G . -15.49 -26.96 -9.02
CAS BH8 G . -14.51 -26.13 -9.76
CAR BH8 G . -15.14 -24.86 -10.33
CAQ BH8 G . -15.23 -23.76 -9.26
CAP BH8 G . -14.86 -22.44 -9.95
CAO BH8 G . -14.76 -21.30 -8.93
CAN BH8 G . -14.34 -20.02 -9.65
CAM BH8 G . -14.11 -18.91 -8.63
CAL BH8 G . -12.61 -18.74 -8.34
CAK BH8 G . -12.16 -17.42 -8.96
CAA BH8 G . -12.98 -16.28 -8.37
OAD BH8 H . 22.76 -24.53 -10.04
PAX BH8 H . 23.54 -23.29 -9.36
OAE BH8 H . 25.04 -23.37 -9.93
OAB BH8 H . 23.48 -23.32 -7.88
CAU BH8 H . 22.80 -21.78 -10.08
PAY BH8 H . 21.41 -22.23 -11.19
OAF BH8 H . 20.34 -23.00 -10.28
OAG BH8 H . 20.73 -20.84 -11.65
OAC BH8 H . 21.86 -23.05 -12.35
CAT BH8 H . 23.85 -21.01 -10.87
NAW BH8 H . 24.92 -20.50 -9.99
CAJ BH8 H . 24.75 -19.81 -8.87
CAI BH8 H . 26.22 -20.39 -10.35
CAH BH8 H . 26.82 -19.63 -9.45
NAV BH8 H . 25.93 -19.28 -8.53
CAS BH8 H . 26.22 -18.58 -7.26
CAR BH8 H . 26.30 -17.06 -7.47
CAQ BH8 H . 24.98 -16.56 -8.04
CAP BH8 H . 25.16 -15.11 -8.50
CAO BH8 H . 25.17 -14.15 -7.31
CAN BH8 H . 23.73 -13.82 -6.92
CAM BH8 H . 23.72 -12.60 -5.98
CAL BH8 H . 22.27 -12.19 -5.70
CAK BH8 H . 22.25 -10.88 -4.92
CAA BH8 H . 20.81 -10.42 -4.71
OAD BH8 I . 9.34 -29.29 24.76
PAX BH8 I . 8.26 -28.19 25.21
OAE BH8 I . 8.53 -27.94 26.78
OAB BH8 I . 6.86 -28.62 24.95
CAU BH8 I . 8.70 -26.61 24.37
PAY BH8 I . 10.29 -26.79 23.48
OAF BH8 I . 11.18 -27.82 24.34
OAG BH8 I . 9.96 -27.53 22.09
OAC BH8 I . 10.98 -25.48 23.30
CAT BH8 I . 8.83 -25.52 25.43
NAW BH8 I . 7.57 -25.39 26.19
CAJ BH8 I . 6.39 -25.06 25.68
CAI BH8 I . 7.47 -25.32 27.53
CAH BH8 I . 6.24 -24.91 27.82
NAV BH8 I . 5.59 -24.71 26.68
CAS BH8 I . 4.48 -23.74 26.52
CAR BH8 I . 4.44 -22.78 27.71
CAQ BH8 I . 3.42 -21.67 27.44
CAP BH8 I . 3.89 -20.78 26.30
CAO BH8 I . 2.74 -19.85 25.93
CAN BH8 I . 3.16 -18.83 24.86
CAM BH8 I . 1.93 -17.98 24.54
CAL BH8 I . 2.35 -16.71 23.80
CAK BH8 I . 1.09 -15.85 23.56
CAA BH8 I . 1.48 -14.59 22.80
OAD BH8 J . -1.03 24.07 -24.08
PAX BH8 J . -2.32 23.44 -24.80
OAE BH8 J . -2.42 24.15 -26.24
OAB BH8 J . -3.55 23.60 -23.99
CAU BH8 J . -1.90 21.67 -25.13
PAY BH8 J . -0.12 21.36 -24.79
OAF BH8 J . 0.00 21.09 -23.22
OAG BH8 J . 0.21 19.97 -25.52
OAC BH8 J . 0.76 22.47 -25.25
CAT BH8 J . -2.23 21.31 -26.58
NAW BH8 J . -3.64 20.89 -26.73
CAJ BH8 J . -4.19 19.91 -26.03
CAI BH8 J . -4.38 21.09 -27.81
CAH BH8 J . -5.36 20.19 -27.81
NAV BH8 J . -5.23 19.44 -26.72
CAS BH8 J . -5.91 18.14 -26.47
CAR BH8 J . -5.21 17.01 -27.25
CAQ BH8 J . -5.84 15.66 -26.92
CAP BH8 J . -5.70 15.36 -25.43
CAO BH8 J . -6.14 13.93 -25.11
CAN BH8 J . -6.19 13.76 -23.59
CAM BH8 J . -6.45 12.31 -23.19
CAL BH8 J . -6.65 12.28 -21.67
CAK BH8 J . -5.92 11.09 -21.05
CAA BH8 J . -6.47 9.78 -21.61
OAD BH8 K . -26.45 28.02 4.16
PAX BH8 K . -26.17 27.12 5.45
OAE BH8 K . -27.53 27.11 6.29
OAB BH8 K . -25.02 27.61 6.25
CAU BH8 K . -25.93 25.41 4.83
PAY BH8 K . -26.40 25.32 3.06
OAF BH8 K . -25.20 26.03 2.24
OAG BH8 K . -26.36 23.76 2.67
OAC BH8 K . -27.71 25.94 2.78
CAT BH8 K . -26.80 24.44 5.65
NAW BH8 K . -26.29 24.27 7.03
CAJ BH8 K . -25.79 23.14 7.51
CAI BH8 K . -26.42 25.13 8.04
CAH BH8 K . -26.01 24.52 9.15
NAV BH8 K . -25.62 23.30 8.82
CAS BH8 K . -25.17 22.23 9.74
CAR BH8 K . -26.15 21.06 9.66
CAQ BH8 K . -25.38 19.74 9.74
CAP BH8 K . -24.68 19.63 11.10
CAO BH8 K . -23.79 18.40 11.10
CAN BH8 K . -22.71 18.58 10.02
CAM BH8 K . -21.53 17.66 10.35
CAL BH8 K . -21.97 16.20 10.30
CAK BH8 K . -20.83 15.33 10.83
CAA BH8 K . -19.53 15.71 10.13
OAD BH8 L . 10.98 31.26 6.88
PAX BH8 L . 12.45 31.10 7.51
OAE BH8 L . 12.76 32.48 8.26
OAB BH8 L . 13.46 30.76 6.48
CAU BH8 L . 12.31 29.83 8.83
PAY BH8 L . 10.78 30.09 9.82
OAF BH8 L . 9.55 29.67 8.86
OAG BH8 L . 10.83 28.99 10.99
OAC BH8 L . 10.66 31.47 10.33
CAT BH8 L . 13.54 29.88 9.74
NAW BH8 L . 14.76 29.38 9.05
CAJ BH8 L . 14.83 28.28 8.31
CAI BH8 L . 15.99 29.83 9.24
CAH BH8 L . 16.82 28.99 8.63
NAV BH8 L . 16.11 28.06 8.02
CAS BH8 L . 16.60 27.21 6.91
CAR BH8 L . 17.16 25.87 7.40
CAQ BH8 L . 16.17 24.71 7.30
CAP BH8 L . 16.74 23.57 8.14
CAO BH8 L . 16.02 22.22 7.93
CAN BH8 L . 16.20 21.76 6.49
CAM BH8 L . 15.78 20.31 6.27
CAL BH8 L . 14.30 20.11 6.60
CAK BH8 L . 13.82 18.78 6.02
CAA BH8 L . 14.70 17.62 6.53
#